data_9MJ1
#
_entry.id   9MJ1
#
_cell.length_a   1.00
_cell.length_b   1.00
_cell.length_c   1.00
_cell.angle_alpha   90.00
_cell.angle_beta   90.00
_cell.angle_gamma   90.00
#
_symmetry.space_group_name_H-M   'P 1'
#
loop_
_entity.id
_entity.type
_entity.pdbx_description
1 polymer 'Glycoprotein G2'
2 polymer 'Glycoprotein G1'
3 polymer '12.1F Heavy chain'
4 polymer '12.1F Light chain'
5 branched 2-acetamido-2-deoxy-beta-D-glucopyranose-(1-2)-alpha-D-mannopyranose-(1-3)-[alpha-D-mannopyranose-(1-3)-alpha-D-mannopyranose-(1-6)]beta-D-mannopyranose-(1-4)-2-acetamido-2-deoxy-beta-D-glucopyranose-(1-4)-2-acetamido-2-deoxy-beta-D-glucopyranose
6 branched beta-D-mannopyranose-(1-4)-2-acetamido-2-deoxy-beta-D-glucopyranose-(1-4)-2-acetamido-2-deoxy-beta-D-glucopyranose
7 branched alpha-D-mannopyranose-(1-6)-beta-D-mannopyranose-(1-4)-2-acetamido-2-deoxy-beta-D-glucopyranose-(1-4)-[alpha-L-fucopyranose-(1-6)]2-acetamido-2-deoxy-beta-D-glucopyranose
8 branched beta-D-galactopyranose-(1-4)-2-acetamido-2-deoxy-beta-D-glucopyranose-(1-2)-alpha-D-mannopyranose-(1-3)-[alpha-D-mannopyranose-(1-6)]beta-D-mannopyranose-(1-4)-2-acetamido-2-deoxy-beta-D-glucopyranose-(1-4)-2-acetamido-2-deoxy-beta-D-glucopyranose
9 branched alpha-D-mannopyranose-(1-6)-alpha-D-mannopyranose-(1-3)-beta-D-mannopyranose-(1-4)-2-acetamido-2-deoxy-beta-D-glucopyranose-(1-4)-[alpha-L-fucopyranose-(1-6)]2-acetamido-2-deoxy-beta-D-glucopyranose
10 branched alpha-D-mannopyranose-(1-3)-beta-D-mannopyranose-(1-4)-2-acetamido-2-deoxy-beta-D-glucopyranose-(1-4)-2-acetamido-2-deoxy-beta-D-glucopyranose
11 branched alpha-D-mannopyranose-(1-3)-beta-D-mannopyranose-(1-4)-2-acetamido-2-deoxy-beta-D-glucopyranose-(1-4)-[alpha-L-fucopyranose-(1-6)]2-acetamido-2-deoxy-beta-D-glucopyranose
12 branched alpha-D-mannopyranose-(1-3)-[alpha-D-mannopyranose-(1-6)]beta-D-mannopyranose-(1-4)-2-acetamido-2-deoxy-beta-D-glucopyranose-(1-4)-2-acetamido-2-deoxy-beta-D-glucopyranose
13 branched 2-acetamido-2-deoxy-beta-D-glucopyranose-(1-2)-alpha-D-mannopyranose-(1-3)-[alpha-D-mannopyranose-(1-6)]beta-D-mannopyranose-(1-4)-2-acetamido-2-deoxy-beta-D-glucopyranose-(1-4)-2-acetamido-2-deoxy-beta-D-glucopyranose
14 branched 'alpha-D-xylopyranose-(1-3)-beta-D-glucopyranuronic acid-(1-3)-alpha-D-xylopyranose'
15 non-polymer 2-acetamido-2-deoxy-beta-D-glucopyranose
16 non-polymer 'UNKNOWN LIGAND'
17 water water
#
loop_
_entity_poly.entity_id
_entity_poly.type
_entity_poly.pdbx_seq_one_letter_code
_entity_poly.pdbx_strand_id
1 'polypeptide(L)'
;GTFTWTLSDSEGKDTPGGYCLTRWMLIEAELKCFGNTAVAKCNEKHDEEFCDMLRLFDFNKQAIQRLKAEAQMSIQLINK
AVNALINDQLIMKNHLRDIMGIPYCNYSKYWYLNHTTTGRTSLPKCWLVSNGSYLNETHFSDDIEQQADNMITEMLQKEY
MERQGKTPLGLVDLFVFSTSFYLISIFLHLVKIPTHRHIVGKSCPKPHRLNHMGICSCGLYKQPGVPVKWKR
;
a,b,c
2 'polypeptide(L)'
;MGQIVTFFQEVPHVIEEVMNIVLIALSVLAVLKGLYNFATCGLVGLVTFLLLCGRSCTTSLYKGVYELQTLELNMETLNM
TMPLSCTKNNSHHYIMVGNETGLELTLTNTSIINHKFCNLSDAHKKNLYDHALMSIISTFHLSIPNFNQYEAMSCDFNGG
KISVQYNLSHSYAGDAANHCGTVANGVLQTFMRMAWGGSYIALDSGRGNWDCIMTSYQYLIIQNTTWEDHCQFSRPSPIG
YLGLLSQRTRDIYISRRLL
;
A,B,C
3 'polypeptide(L)'
;QVQLQESGAGLLKPSETLSLSCTVDGESFNGFFWTWIRQPPGKGLEWIGEINHLASTGYNPSLKSRVTISVDTSKNQFSL
KLTSVTAADTAVYYCARGYSYGFAWPNYHYLDVWGKGTTVTVSSASTKGPSVFPLAPSSKSTSGGTAALGCLVKDYFPEP
VTVSWNSGALTSGVHTFPAVLQSSGLYSLSSVVTVPSSSLGTQTYICNVNHKPSNTKVDKRVEPKSCDKTHGGDYKDDDD
KGTENLYFQ
;
H,D,F
4 'polypeptide(L)'
;EIVLTQSPATLSLSPGERATLSCRASQSVSSYLAWYQHKPGQAPRLLIYGASKRATGIPSRFSGSGSGTDFSLTISSLEP
EDFAVYYCQHRSDWRTTFGQGTRLEIKRTVAAPSVFIFPPSDEQLKSGTASVVCLLNNFYPREAKVQWKVDNALQSGNSQ
ESVTEQDSKDSTYSLSSTLTLSKADYEKHKVYACEVTHQGLSSPVTKSFNRGEC
;
L,E,G
#
# COMPACT_ATOMS: atom_id res chain seq x y z
N GLY A 1 9.39 -5.79 1.54
CA GLY A 1 10.45 -6.31 2.37
C GLY A 1 10.60 -7.82 2.36
N THR A 2 11.24 -8.37 3.37
CA THR A 2 11.55 -9.79 3.40
C THR A 2 11.22 -10.33 4.79
N PHE A 3 10.78 -11.58 4.85
CA PHE A 3 10.40 -12.18 6.13
C PHE A 3 11.60 -12.18 7.08
N THR A 4 11.31 -12.03 8.38
CA THR A 4 12.36 -11.93 9.38
C THR A 4 12.16 -12.83 10.60
N TRP A 5 10.97 -13.40 10.80
CA TRP A 5 10.69 -14.14 12.02
C TRP A 5 11.59 -15.36 12.14
N THR A 6 12.25 -15.48 13.29
CA THR A 6 13.11 -16.61 13.59
C THR A 6 12.36 -17.62 14.44
N LEU A 7 12.55 -18.89 14.14
CA LEU A 7 11.81 -19.94 14.83
C LEU A 7 12.32 -20.09 16.27
N SER A 8 11.41 -20.35 17.18
CA SER A 8 11.76 -20.56 18.58
C SER A 8 12.53 -21.86 18.74
N ASP A 9 13.14 -22.01 19.92
CA ASP A 9 13.94 -23.19 20.21
C ASP A 9 13.09 -24.46 20.14
N SER A 10 13.68 -25.52 19.62
CA SER A 10 12.96 -26.75 19.33
C SER A 10 12.58 -27.48 20.62
N GLU A 11 11.51 -28.28 20.52
CA GLU A 11 11.05 -29.12 21.61
C GLU A 11 11.53 -30.56 21.49
N GLY A 12 12.64 -30.79 20.78
CA GLY A 12 13.13 -32.14 20.58
C GLY A 12 14.62 -32.29 20.78
N LYS A 13 15.04 -33.30 21.54
CA LYS A 13 16.47 -33.54 21.74
C LYS A 13 17.12 -34.07 20.47
N ASP A 14 16.38 -34.79 19.64
CA ASP A 14 16.93 -35.34 18.41
C ASP A 14 17.32 -34.25 17.41
N THR A 15 16.70 -33.08 17.50
CA THR A 15 16.93 -31.97 16.57
C THR A 15 17.25 -30.72 17.39
N PRO A 16 18.50 -30.58 17.86
CA PRO A 16 18.82 -29.45 18.76
C PRO A 16 18.56 -28.09 18.15
N GLY A 17 18.79 -27.93 16.85
CA GLY A 17 18.52 -26.66 16.20
C GLY A 17 17.40 -26.74 15.18
N GLY A 18 16.57 -27.76 15.29
CA GLY A 18 15.48 -27.99 14.35
C GLY A 18 14.19 -27.35 14.80
N TYR A 19 13.07 -27.99 14.44
CA TYR A 19 11.77 -27.52 14.85
C TYR A 19 10.81 -28.69 14.89
N CYS A 20 9.98 -28.74 15.92
CA CYS A 20 9.04 -29.84 16.11
C CYS A 20 7.60 -29.34 15.94
N LEU A 21 6.86 -29.98 15.05
CA LEU A 21 5.42 -29.81 14.95
C LEU A 21 4.75 -30.69 15.98
N THR A 22 4.03 -30.08 16.91
CA THR A 22 3.44 -30.80 18.03
C THR A 22 2.22 -31.59 17.57
N ARG A 23 1.59 -32.26 18.53
CA ARG A 23 0.43 -33.08 18.23
C ARG A 23 -0.71 -32.26 17.67
N TRP A 24 -0.88 -31.03 18.16
CA TRP A 24 -2.02 -30.22 17.73
C TRP A 24 -1.83 -29.62 16.35
N MET A 25 -0.59 -29.35 15.96
CA MET A 25 -0.31 -28.72 14.67
C MET A 25 -0.58 -29.64 13.48
N LEU A 26 -0.81 -30.93 13.70
CA LEU A 26 -0.92 -31.91 12.63
C LEU A 26 -2.27 -32.60 12.67
N ILE A 27 -2.72 -33.06 11.51
CA ILE A 27 -4.06 -33.63 11.40
C ILE A 27 -4.09 -35.04 11.97
N GLU A 28 -3.30 -35.96 11.41
CA GLU A 28 -3.09 -37.26 12.05
C GLU A 28 -2.10 -37.01 13.17
N ALA A 29 -2.63 -36.65 14.34
CA ALA A 29 -1.89 -35.94 15.37
C ALA A 29 -0.81 -36.79 16.03
N GLU A 30 0.42 -36.72 15.52
CA GLU A 30 1.59 -37.25 16.21
C GLU A 30 2.75 -36.29 16.00
N LEU A 31 3.63 -36.22 17.00
CA LEU A 31 4.74 -35.28 16.97
C LEU A 31 5.70 -35.56 15.82
N LYS A 32 6.20 -34.49 15.19
CA LYS A 32 7.15 -34.64 14.09
C LYS A 32 8.23 -33.58 14.19
N CYS A 33 9.47 -33.98 14.44
CA CYS A 33 10.59 -33.05 14.51
C CYS A 33 11.44 -33.10 13.25
N PHE A 34 11.92 -31.93 12.84
CA PHE A 34 12.76 -31.76 11.66
C PHE A 34 14.10 -31.16 12.09
N GLY A 35 15.17 -31.67 11.48
CA GLY A 35 16.50 -31.36 11.95
C GLY A 35 16.95 -29.96 11.59
N ASN A 36 18.12 -29.60 12.13
CA ASN A 36 18.70 -28.29 11.87
C ASN A 36 19.05 -28.09 10.40
N THR A 37 19.40 -29.17 9.70
CA THR A 37 19.76 -29.05 8.29
C THR A 37 18.56 -28.60 7.46
N ALA A 38 17.42 -29.29 7.60
CA ALA A 38 16.23 -28.91 6.85
C ALA A 38 15.71 -27.55 7.32
N VAL A 39 15.68 -27.32 8.63
CA VAL A 39 15.11 -26.09 9.16
C VAL A 39 15.95 -24.87 8.79
N ALA A 40 17.27 -25.01 8.73
CA ALA A 40 18.13 -23.88 8.39
C ALA A 40 17.87 -23.35 6.99
N LYS A 41 17.35 -24.21 6.09
CA LYS A 41 16.97 -23.74 4.77
C LYS A 41 15.88 -22.69 4.82
N CYS A 42 14.99 -22.79 5.81
CA CYS A 42 13.93 -21.80 5.99
C CYS A 42 14.48 -20.42 6.28
N ASN A 43 15.72 -20.31 6.73
CA ASN A 43 16.30 -19.01 7.04
C ASN A 43 16.57 -18.19 5.79
N GLU A 44 16.75 -18.84 4.64
CA GLU A 44 17.16 -18.11 3.43
C GLU A 44 16.29 -18.35 2.20
N LYS A 45 15.52 -19.43 2.13
CA LYS A 45 14.72 -19.66 0.94
C LYS A 45 13.55 -18.68 0.86
N HIS A 46 13.12 -18.39 -0.36
CA HIS A 46 12.00 -17.49 -0.59
C HIS A 46 10.78 -18.15 -1.20
N ASP A 47 10.85 -19.42 -1.60
CA ASP A 47 9.75 -20.06 -2.29
C ASP A 47 9.38 -21.41 -1.68
N GLU A 48 9.58 -21.58 -0.37
CA GLU A 48 9.22 -22.80 0.32
C GLU A 48 8.00 -22.52 1.18
N GLU A 49 6.84 -23.08 0.78
CA GLU A 49 5.60 -22.87 1.50
C GLU A 49 5.69 -23.41 2.93
N PHE A 50 6.38 -24.54 3.11
CA PHE A 50 6.45 -25.15 4.44
C PHE A 50 7.14 -24.22 5.44
N CYS A 51 8.15 -23.48 5.00
CA CYS A 51 8.84 -22.55 5.91
C CYS A 51 7.92 -21.41 6.33
N ASP A 52 7.15 -20.87 5.40
CA ASP A 52 6.19 -19.82 5.76
C ASP A 52 5.17 -20.35 6.76
N MET A 53 4.69 -21.59 6.56
CA MET A 53 3.77 -22.16 7.54
C MET A 53 4.43 -22.37 8.89
N LEU A 54 5.70 -22.80 8.90
CA LEU A 54 6.40 -22.94 10.17
C LEU A 54 6.45 -21.61 10.91
N ARG A 55 6.76 -20.53 10.18
CA ARG A 55 6.80 -19.22 10.81
C ARG A 55 5.43 -18.80 11.32
N LEU A 56 4.38 -19.09 10.56
CA LEU A 56 3.01 -18.77 11.00
C LEU A 56 2.67 -19.50 12.29
N PHE A 57 2.91 -20.81 12.33
CA PHE A 57 2.59 -21.60 13.52
C PHE A 57 3.43 -21.16 14.71
N ASP A 58 4.72 -20.88 14.49
CA ASP A 58 5.57 -20.44 15.60
C ASP A 58 5.12 -19.09 16.13
N PHE A 59 4.74 -18.18 15.24
CA PHE A 59 4.20 -16.90 15.68
C PHE A 59 2.91 -17.09 16.48
N ASN A 60 2.02 -17.96 16.02
CA ASN A 60 0.81 -18.23 16.78
C ASN A 60 1.15 -18.73 18.17
N LYS A 61 2.07 -19.68 18.26
CA LYS A 61 2.49 -20.23 19.55
C LYS A 61 3.04 -19.14 20.46
N GLN A 62 3.98 -18.34 19.95
CA GLN A 62 4.60 -17.32 20.79
C GLN A 62 3.61 -16.24 21.18
N ALA A 63 2.71 -15.86 20.27
CA ALA A 63 1.69 -14.86 20.59
C ALA A 63 0.81 -15.34 21.72
N ILE A 64 0.35 -16.59 21.67
CA ILE A 64 -0.47 -17.11 22.75
C ILE A 64 0.34 -17.18 24.04
N GLN A 65 1.61 -17.57 23.95
CA GLN A 65 2.41 -17.76 25.15
C GLN A 65 2.70 -16.44 25.86
N ARG A 66 3.17 -15.43 25.14
CA ARG A 66 3.73 -14.24 25.75
C ARG A 66 2.76 -13.07 25.84
N LEU A 67 1.62 -13.14 25.17
CA LEU A 67 0.60 -12.11 25.26
C LEU A 67 -0.62 -12.65 26.01
N LYS A 68 -1.38 -11.73 26.60
CA LYS A 68 -2.59 -12.09 27.33
C LYS A 68 -3.68 -12.40 26.30
N ALA A 69 -3.75 -13.68 25.92
CA ALA A 69 -4.67 -14.12 24.89
C ALA A 69 -6.12 -14.02 25.37
N GLU A 70 -7.03 -13.89 24.41
CA GLU A 70 -8.46 -13.83 24.69
C GLU A 70 -9.23 -14.36 23.50
N ALA A 71 -10.51 -14.68 23.73
CA ALA A 71 -11.36 -15.15 22.65
C ALA A 71 -11.58 -14.08 21.59
N GLN A 72 -11.49 -12.80 21.97
CA GLN A 72 -11.63 -11.70 21.03
C GLN A 72 -10.30 -11.49 20.30
N MET A 73 -10.31 -11.69 18.99
CA MET A 73 -9.09 -11.63 18.20
C MET A 73 -8.66 -10.19 17.98
N SER A 74 -7.36 -9.94 18.09
CA SER A 74 -6.77 -8.69 17.64
C SER A 74 -6.31 -8.90 16.21
N ILE A 75 -7.21 -8.66 15.25
CA ILE A 75 -6.84 -8.80 13.85
C ILE A 75 -5.72 -7.84 13.50
N GLN A 76 -5.57 -6.76 14.28
CA GLN A 76 -4.49 -5.82 14.09
C GLN A 76 -3.14 -6.51 14.18
N LEU A 77 -2.99 -7.42 15.15
CA LEU A 77 -1.70 -8.03 15.40
C LEU A 77 -1.20 -8.80 14.18
N ILE A 78 -2.03 -9.69 13.65
CA ILE A 78 -1.61 -10.46 12.48
C ILE A 78 -1.52 -9.55 11.26
N ASN A 79 -2.41 -8.57 11.14
CA ASN A 79 -2.38 -7.66 10.01
C ASN A 79 -1.03 -6.95 9.91
N LYS A 80 -0.47 -6.54 11.05
CA LYS A 80 0.83 -5.89 11.02
C LYS A 80 2.00 -6.88 11.00
N ALA A 81 1.83 -8.09 11.51
CA ALA A 81 2.95 -9.03 11.59
C ALA A 81 3.11 -9.92 10.35
N VAL A 82 2.12 -9.94 9.45
CA VAL A 82 2.06 -11.00 8.42
C VAL A 82 3.30 -11.01 7.53
N ASN A 83 3.73 -9.84 7.05
CA ASN A 83 4.85 -9.82 6.12
C ASN A 83 6.18 -10.10 6.79
N ALA A 84 6.26 -10.09 8.13
CA ALA A 84 7.45 -10.57 8.81
C ALA A 84 7.48 -12.08 8.90
N LEU A 85 6.34 -12.73 8.66
CA LEU A 85 6.19 -14.18 8.80
C LEU A 85 6.24 -14.92 7.47
N ILE A 86 5.64 -14.37 6.41
CA ILE A 86 5.47 -15.11 5.16
C ILE A 86 5.71 -14.19 3.97
N ASN A 87 5.88 -14.82 2.82
CA ASN A 87 6.04 -14.13 1.54
C ASN A 87 4.71 -14.18 0.81
N ASP A 88 3.97 -13.06 0.81
CA ASP A 88 2.67 -13.03 0.16
C ASP A 88 2.80 -13.28 -1.34
N GLN A 89 3.98 -13.08 -1.90
CA GLN A 89 4.19 -13.40 -3.31
C GLN A 89 4.27 -14.91 -3.54
N LEU A 90 4.53 -15.71 -2.51
CA LEU A 90 4.40 -17.16 -2.66
C LEU A 90 2.93 -17.56 -2.78
N ILE A 91 2.08 -16.96 -1.95
CA ILE A 91 0.64 -17.11 -2.13
C ILE A 91 0.24 -16.70 -3.54
N MET A 92 0.77 -15.57 -4.01
CA MET A 92 0.44 -15.10 -5.36
C MET A 92 0.92 -16.08 -6.42
N LYS A 93 2.10 -16.67 -6.25
CA LYS A 93 2.60 -17.66 -7.20
C LYS A 93 1.63 -18.82 -7.31
N ASN A 94 1.16 -19.31 -6.17
CA ASN A 94 0.22 -20.43 -6.21
C ASN A 94 -1.14 -20.02 -6.78
N HIS A 95 -1.57 -18.79 -6.50
CA HIS A 95 -2.81 -18.29 -7.10
C HIS A 95 -2.71 -18.20 -8.62
N LEU A 96 -1.59 -17.69 -9.11
CA LEU A 96 -1.37 -17.60 -10.56
C LEU A 96 -1.29 -18.99 -11.19
N ARG A 97 -0.62 -19.93 -10.53
CA ARG A 97 -0.58 -21.30 -11.04
C ARG A 97 -1.99 -21.88 -11.11
N ASP A 98 -2.81 -21.62 -10.08
CA ASP A 98 -4.19 -22.09 -10.08
C ASP A 98 -4.97 -21.52 -11.26
N ILE A 99 -4.92 -20.21 -11.46
CA ILE A 99 -5.71 -19.62 -12.54
C ILE A 99 -5.19 -20.02 -13.93
N MET A 100 -3.94 -20.44 -14.04
CA MET A 100 -3.40 -20.90 -15.31
C MET A 100 -3.55 -22.41 -15.52
N GLY A 101 -4.20 -23.12 -14.60
CA GLY A 101 -4.35 -24.56 -14.74
C GLY A 101 -3.10 -25.36 -14.44
N ILE A 102 -2.10 -24.76 -13.82
CA ILE A 102 -0.88 -25.45 -13.40
C ILE A 102 -1.10 -25.98 -11.99
N PRO A 103 -0.63 -27.19 -11.67
CA PRO A 103 -0.78 -27.69 -10.30
C PRO A 103 -0.15 -26.73 -9.30
N TYR A 104 -0.84 -26.55 -8.18
CA TYR A 104 -0.45 -25.51 -7.23
C TYR A 104 -0.58 -26.03 -5.81
N CYS A 105 0.02 -25.29 -4.89
CA CYS A 105 0.02 -25.62 -3.48
C CYS A 105 -1.12 -24.90 -2.79
N ASN A 106 -1.99 -25.65 -2.11
CA ASN A 106 -3.02 -25.01 -1.29
C ASN A 106 -2.68 -25.05 0.20
N TYR A 107 -1.44 -25.41 0.53
CA TYR A 107 -0.80 -25.32 1.85
C TYR A 107 -1.27 -26.35 2.86
N SER A 108 -2.09 -27.34 2.48
CA SER A 108 -2.55 -28.33 3.45
C SER A 108 -1.55 -29.45 3.65
N LYS A 109 -1.03 -30.03 2.58
CA LYS A 109 -0.33 -31.31 2.63
C LYS A 109 1.10 -31.17 2.11
N TYR A 110 2.03 -31.89 2.74
CA TYR A 110 3.44 -31.82 2.41
C TYR A 110 4.06 -33.21 2.45
N TRP A 111 5.03 -33.44 1.56
CA TRP A 111 5.76 -34.69 1.51
C TRP A 111 7.23 -34.44 1.81
N TYR A 112 7.89 -35.47 2.34
CA TYR A 112 9.31 -35.41 2.64
C TYR A 112 9.87 -36.82 2.63
N LEU A 113 11.17 -36.92 2.46
CA LEU A 113 11.86 -38.20 2.49
C LEU A 113 12.48 -38.42 3.86
N ASN A 114 12.36 -39.64 4.36
CA ASN A 114 12.84 -39.99 5.70
C ASN A 114 13.72 -41.21 5.59
N HIS A 115 14.98 -41.07 5.99
CA HIS A 115 15.94 -42.16 5.94
C HIS A 115 15.52 -43.26 6.90
N THR A 116 15.36 -44.49 6.38
CA THR A 116 14.75 -45.57 7.17
C THR A 116 15.58 -45.93 8.40
N THR A 117 16.89 -45.67 8.36
CA THR A 117 17.76 -46.01 9.47
C THR A 117 18.17 -44.80 10.30
N THR A 118 18.73 -43.78 9.67
CA THR A 118 19.23 -42.62 10.41
C THR A 118 18.11 -41.71 10.88
N GLY A 119 16.98 -41.70 10.18
CA GLY A 119 15.88 -40.82 10.54
C GLY A 119 15.99 -39.40 10.07
N ARG A 120 17.02 -39.07 9.29
CA ARG A 120 17.15 -37.72 8.76
C ARG A 120 16.12 -37.49 7.66
N THR A 121 15.56 -36.28 7.61
CA THR A 121 14.49 -35.96 6.69
C THR A 121 14.83 -34.75 5.84
N SER A 122 14.27 -34.71 4.64
CA SER A 122 14.36 -33.53 3.80
C SER A 122 13.35 -32.49 4.24
N LEU A 123 13.52 -31.27 3.76
CA LEU A 123 12.58 -30.20 4.05
C LEU A 123 11.26 -30.49 3.35
N PRO A 124 10.14 -30.57 4.08
CA PRO A 124 8.87 -30.91 3.43
C PRO A 124 8.51 -29.95 2.31
N LYS A 125 7.97 -30.50 1.23
CA LYS A 125 7.52 -29.73 0.09
C LYS A 125 6.02 -29.94 -0.10
N CYS A 126 5.34 -28.90 -0.59
CA CYS A 126 3.90 -28.96 -0.70
C CYS A 126 3.46 -30.06 -1.67
N TRP A 127 2.41 -30.79 -1.29
CA TRP A 127 1.74 -31.72 -2.19
C TRP A 127 0.81 -30.93 -3.08
N LEU A 128 1.10 -30.87 -4.37
CA LEU A 128 0.33 -30.02 -5.26
C LEU A 128 -1.04 -30.61 -5.53
N VAL A 129 -1.98 -29.73 -5.87
CA VAL A 129 -3.34 -30.10 -6.22
C VAL A 129 -3.62 -29.62 -7.64
N SER A 130 -4.56 -30.28 -8.29
CA SER A 130 -5.02 -29.87 -9.60
C SER A 130 -6.38 -30.50 -9.84
N ASN A 131 -7.30 -29.71 -10.41
CA ASN A 131 -8.66 -30.17 -10.71
C ASN A 131 -9.32 -30.82 -9.49
N GLY A 132 -9.12 -30.21 -8.33
CA GLY A 132 -9.80 -30.62 -7.12
C GLY A 132 -9.24 -31.84 -6.40
N SER A 133 -8.12 -32.39 -6.83
CA SER A 133 -7.54 -33.54 -6.14
C SER A 133 -6.03 -33.35 -6.03
N TYR A 134 -5.45 -34.05 -5.06
CA TYR A 134 -3.99 -34.08 -4.93
C TYR A 134 -3.39 -34.83 -6.12
N LEU A 135 -2.23 -34.36 -6.57
CA LEU A 135 -1.50 -35.06 -7.62
C LEU A 135 -1.17 -36.47 -7.17
N ASN A 136 -1.27 -37.43 -8.09
CA ASN A 136 -0.79 -38.77 -7.79
C ASN A 136 0.73 -38.76 -7.73
N GLU A 137 1.27 -39.59 -6.84
CA GLU A 137 2.72 -39.62 -6.59
C GLU A 137 3.51 -39.84 -7.87
N THR A 138 2.97 -40.61 -8.82
CA THR A 138 3.69 -40.86 -10.06
C THR A 138 3.82 -39.60 -10.91
N HIS A 139 2.98 -38.59 -10.69
CA HIS A 139 3.04 -37.37 -11.48
C HIS A 139 4.18 -36.45 -11.08
N PHE A 140 4.71 -36.57 -9.86
CA PHE A 140 5.84 -35.75 -9.43
C PHE A 140 6.97 -36.59 -8.86
N SER A 141 7.09 -37.85 -9.31
CA SER A 141 8.14 -38.72 -8.81
C SER A 141 9.53 -38.22 -9.18
N ASP A 142 9.64 -37.46 -10.28
CA ASP A 142 10.93 -36.87 -10.64
C ASP A 142 11.40 -35.90 -9.56
N ASP A 143 10.49 -35.10 -9.01
CA ASP A 143 10.85 -34.20 -7.91
C ASP A 143 11.31 -34.97 -6.69
N ILE A 144 10.65 -36.10 -6.38
CA ILE A 144 11.04 -36.91 -5.24
C ILE A 144 12.45 -37.50 -5.45
N GLU A 145 12.71 -38.00 -6.66
CA GLU A 145 14.04 -38.53 -6.96
C GLU A 145 15.10 -37.45 -6.86
N GLN A 146 14.80 -36.25 -7.37
CA GLN A 146 15.73 -35.14 -7.24
C GLN A 146 16.00 -34.81 -5.79
N GLN A 147 14.97 -34.88 -4.94
CA GLN A 147 15.15 -34.61 -3.52
C GLN A 147 16.04 -35.66 -2.87
N ALA A 148 15.88 -36.93 -3.23
CA ALA A 148 16.74 -37.97 -2.68
C ALA A 148 18.20 -37.76 -3.09
N ASP A 149 18.42 -37.46 -4.38
CA ASP A 149 19.77 -37.15 -4.83
C ASP A 149 20.36 -35.97 -4.08
N ASN A 150 19.55 -34.92 -3.90
CA ASN A 150 20.00 -33.75 -3.17
C ASN A 150 20.37 -34.12 -1.73
N MET A 151 19.58 -34.97 -1.10
CA MET A 151 19.89 -35.38 0.26
C MET A 151 21.27 -36.02 0.33
N ILE A 152 21.54 -36.96 -0.58
CA ILE A 152 22.85 -37.63 -0.56
C ILE A 152 23.98 -36.64 -0.82
N THR A 153 23.86 -35.85 -1.89
CA THR A 153 24.95 -34.94 -2.27
C THR A 153 25.19 -33.89 -1.20
N GLU A 154 24.11 -33.34 -0.63
CA GLU A 154 24.24 -32.34 0.41
C GLU A 154 24.87 -32.93 1.67
N MET A 155 24.55 -34.17 2.01
CA MET A 155 25.20 -34.79 3.17
C MET A 155 26.71 -34.89 2.96
N LEU A 156 27.13 -35.36 1.79
CA LEU A 156 28.55 -35.47 1.52
C LEU A 156 29.24 -34.10 1.53
N GLN A 157 28.65 -33.14 0.83
CA GLN A 157 29.23 -31.81 0.76
C GLN A 157 29.28 -31.16 2.14
N LYS A 158 28.31 -31.47 3.00
CA LYS A 158 28.34 -30.93 4.35
C LYS A 158 29.49 -31.52 5.16
N GLU A 159 29.74 -32.82 5.01
CA GLU A 159 30.94 -33.39 5.62
C GLU A 159 32.18 -32.60 5.20
N TYR A 160 32.31 -32.34 3.91
CA TYR A 160 33.48 -31.58 3.45
C TYR A 160 33.53 -30.18 4.05
N MET A 161 32.38 -29.49 4.09
CA MET A 161 32.37 -28.11 4.56
C MET A 161 32.73 -28.03 6.04
N GLU A 162 32.27 -28.97 6.85
CA GLU A 162 32.71 -28.96 8.24
C GLU A 162 34.16 -29.37 8.39
N ARG A 163 34.66 -30.25 7.52
CA ARG A 163 36.09 -30.56 7.58
C ARG A 163 36.94 -29.33 7.29
N GLN A 164 36.51 -28.51 6.33
CA GLN A 164 37.29 -27.34 5.95
C GLN A 164 37.23 -26.22 6.99
N GLY A 165 36.34 -26.28 7.96
CA GLY A 165 36.33 -25.32 9.04
C GLY A 165 37.16 -25.71 10.24
N LYS A 166 37.84 -26.85 10.19
CA LYS A 166 38.60 -27.35 11.33
C LYS A 166 40.04 -27.63 10.92
N THR A 167 40.24 -28.06 9.68
CA THR A 167 41.56 -28.40 9.19
C THR A 167 42.06 -27.29 8.28
N PRO A 168 43.10 -26.54 8.66
CA PRO A 168 43.59 -25.47 7.80
C PRO A 168 44.15 -26.01 6.49
N LEU A 169 43.97 -25.22 5.42
CA LEU A 169 44.51 -25.60 4.13
C LEU A 169 46.03 -25.63 4.14
N GLY A 170 46.66 -24.76 4.93
CA GLY A 170 48.11 -24.78 5.04
C GLY A 170 48.63 -26.10 5.57
N LEU A 171 47.87 -26.73 6.48
CA LEU A 171 48.27 -28.04 6.99
C LEU A 171 48.22 -29.10 5.89
N VAL A 172 47.19 -29.05 5.03
CA VAL A 172 47.12 -29.97 3.91
C VAL A 172 48.29 -29.74 2.95
N ASP A 173 48.61 -28.47 2.69
CA ASP A 173 49.77 -28.15 1.85
C ASP A 173 51.05 -28.70 2.46
N LEU A 174 51.22 -28.56 3.77
CA LEU A 174 52.41 -29.07 4.45
C LEU A 174 52.48 -30.59 4.36
N PHE A 175 51.35 -31.27 4.54
CA PHE A 175 51.34 -32.73 4.42
C PHE A 175 51.70 -33.16 3.00
N VAL A 176 51.15 -32.48 1.99
CA VAL A 176 51.47 -32.80 0.61
C VAL A 176 52.96 -32.60 0.34
N PHE A 177 53.51 -31.48 0.81
CA PHE A 177 54.92 -31.19 0.59
C PHE A 177 55.81 -32.21 1.29
N SER A 178 55.45 -32.60 2.52
CA SER A 178 56.23 -33.60 3.24
C SER A 178 56.18 -34.96 2.53
N THR A 179 55.01 -35.36 2.07
CA THR A 179 54.91 -36.63 1.34
C THR A 179 55.72 -36.58 0.05
N SER A 180 55.68 -35.46 -0.66
CA SER A 180 56.47 -35.33 -1.88
C SER A 180 57.97 -35.37 -1.57
N PHE A 181 58.39 -34.71 -0.48
CA PHE A 181 59.79 -34.75 -0.08
C PHE A 181 60.24 -36.16 0.23
N TYR A 182 59.40 -36.92 0.95
CA TYR A 182 59.74 -38.30 1.26
C TYR A 182 59.83 -39.14 -0.01
N LEU A 183 58.89 -38.96 -0.93
CA LEU A 183 58.91 -39.72 -2.18
C LEU A 183 60.11 -39.36 -3.04
N ILE A 184 60.55 -38.11 -3.00
CA ILE A 184 61.77 -37.72 -3.72
C ILE A 184 63.00 -38.34 -3.05
N SER A 185 63.03 -38.33 -1.72
CA SER A 185 64.22 -38.82 -1.01
C SER A 185 64.38 -40.33 -1.15
N ILE A 186 63.28 -41.08 -1.15
CA ILE A 186 63.40 -42.53 -1.23
C ILE A 186 63.94 -42.97 -2.58
N PHE A 187 63.74 -42.16 -3.63
CA PHE A 187 64.26 -42.51 -4.95
C PHE A 187 65.78 -42.51 -4.97
N LEU A 188 66.41 -41.62 -4.19
CA LEU A 188 67.87 -41.54 -4.18
C LEU A 188 68.49 -42.83 -3.65
N HIS A 189 67.89 -43.42 -2.61
CA HIS A 189 68.43 -44.65 -2.04
C HIS A 189 68.40 -45.79 -3.05
N LEU A 190 67.32 -45.91 -3.82
CA LEU A 190 67.19 -46.95 -4.82
C LEU A 190 67.90 -46.57 -6.11
N GLY B 2 35.76 -41.35 12.43
CA GLY B 2 34.41 -40.80 12.39
C GLY B 2 33.83 -40.77 10.99
N GLN B 3 34.56 -40.16 10.06
CA GLN B 3 34.09 -40.10 8.67
C GLN B 3 34.18 -41.46 7.98
N ILE B 4 35.05 -42.34 8.48
CA ILE B 4 35.16 -43.68 7.90
C ILE B 4 33.85 -44.44 8.08
N VAL B 5 33.24 -44.34 9.26
CA VAL B 5 31.98 -45.03 9.52
C VAL B 5 30.87 -44.47 8.64
N THR B 6 30.81 -43.15 8.50
CA THR B 6 29.79 -42.54 7.66
C THR B 6 29.95 -42.97 6.20
N PHE B 7 31.19 -43.04 5.72
CA PHE B 7 31.42 -43.55 4.36
C PHE B 7 31.00 -45.02 4.25
N PHE B 8 31.28 -45.81 5.29
CA PHE B 8 30.90 -47.23 5.27
C PHE B 8 29.38 -47.38 5.20
N GLN B 9 28.64 -46.49 5.88
CA GLN B 9 27.18 -46.57 5.83
C GLN B 9 26.65 -46.30 4.42
N GLU B 10 27.24 -45.34 3.73
CA GLU B 10 26.74 -44.88 2.43
C GLU B 10 27.45 -45.56 1.26
N VAL B 11 27.89 -46.81 1.44
CA VAL B 11 28.58 -47.51 0.36
C VAL B 11 27.73 -47.70 -0.89
N PRO B 12 26.46 -48.13 -0.80
CA PRO B 12 25.76 -48.56 -2.04
C PRO B 12 25.58 -47.45 -3.07
N HIS B 13 25.68 -46.19 -2.69
CA HIS B 13 25.41 -45.08 -3.60
C HIS B 13 26.66 -44.49 -4.24
N VAL B 14 27.84 -45.05 -3.98
CA VAL B 14 29.08 -44.41 -4.45
C VAL B 14 29.99 -45.39 -5.18
N ILE B 15 29.46 -46.54 -5.58
CA ILE B 15 30.26 -47.46 -6.39
C ILE B 15 30.45 -46.92 -7.80
N GLU B 16 29.38 -46.37 -8.39
CA GLU B 16 29.38 -46.04 -9.81
C GLU B 16 30.45 -45.01 -10.18
N GLU B 17 30.90 -44.21 -9.23
CA GLU B 17 31.92 -43.21 -9.53
C GLU B 17 33.28 -43.89 -9.73
N VAL B 18 33.98 -43.51 -10.79
CA VAL B 18 35.28 -44.12 -11.08
C VAL B 18 36.31 -43.69 -10.06
N MET B 19 36.26 -42.43 -9.61
CA MET B 19 37.23 -41.94 -8.65
C MET B 19 37.14 -42.70 -7.33
N ASN B 20 35.92 -43.00 -6.87
CA ASN B 20 35.76 -43.76 -5.64
C ASN B 20 36.30 -45.17 -5.78
N ILE B 21 36.06 -45.81 -6.92
CA ILE B 21 36.58 -47.16 -7.15
C ILE B 21 38.10 -47.13 -7.14
N VAL B 22 38.69 -46.13 -7.81
CA VAL B 22 40.15 -46.02 -7.84
C VAL B 22 40.70 -45.80 -6.44
N LEU B 23 40.05 -44.93 -5.65
CA LEU B 23 40.50 -44.67 -4.30
C LEU B 23 40.42 -45.93 -3.42
N ILE B 24 39.33 -46.68 -3.55
CA ILE B 24 39.18 -47.90 -2.76
C ILE B 24 40.24 -48.92 -3.15
N ALA B 25 40.47 -49.09 -4.45
CA ALA B 25 41.46 -50.05 -4.90
C ALA B 25 42.86 -49.66 -4.43
N LEU B 26 43.19 -48.36 -4.52
CA LEU B 26 44.50 -47.91 -4.08
C LEU B 26 44.67 -48.06 -2.57
N SER B 27 43.62 -47.77 -1.80
CA SER B 27 43.70 -47.96 -0.36
C SER B 27 43.91 -49.43 -0.01
N VAL B 28 43.19 -50.33 -0.67
CA VAL B 28 43.36 -51.76 -0.41
C VAL B 28 44.77 -52.20 -0.78
N LEU B 29 45.27 -51.74 -1.94
CA LEU B 29 46.61 -52.12 -2.36
C LEU B 29 47.67 -51.61 -1.39
N ALA B 30 47.52 -50.36 -0.95
CA ALA B 30 48.49 -49.79 -0.01
C ALA B 30 48.47 -50.54 1.32
N VAL B 31 47.27 -50.87 1.82
CA VAL B 31 47.18 -51.63 3.06
C VAL B 31 47.82 -53.00 2.91
N LEU B 32 47.55 -53.67 1.79
CA LEU B 32 48.13 -54.99 1.56
C LEU B 32 49.65 -54.94 1.47
N LYS B 33 50.18 -53.94 0.75
CA LYS B 33 51.63 -53.82 0.63
C LYS B 33 52.27 -53.47 1.95
N GLY B 34 51.62 -52.64 2.77
CA GLY B 34 52.11 -52.37 4.11
C GLY B 34 52.10 -53.59 5.00
N LEU B 35 51.08 -54.45 4.84
CA LEU B 35 51.02 -55.67 5.63
C LEU B 35 52.09 -56.67 5.18
N TYR B 36 52.38 -56.71 3.87
CA TYR B 36 53.41 -57.63 3.37
C TYR B 36 54.78 -57.30 3.95
N ASN B 37 55.13 -56.02 4.00
CA ASN B 37 56.41 -55.61 4.56
C ASN B 37 56.38 -55.62 6.08
N THR B 59 5.77 -46.98 2.30
CA THR B 59 5.60 -48.01 1.29
C THR B 59 6.24 -47.59 -0.04
N SER B 60 6.67 -46.34 -0.11
CA SER B 60 7.29 -45.79 -1.31
C SER B 60 8.75 -45.49 -0.97
N LEU B 61 9.66 -46.33 -1.48
CA LEU B 61 11.07 -46.27 -1.15
C LEU B 61 11.84 -45.69 -2.33
N TYR B 62 12.63 -44.65 -2.05
CA TYR B 62 13.39 -43.95 -3.07
C TYR B 62 14.88 -44.09 -2.77
N LYS B 63 15.65 -44.31 -3.84
CA LYS B 63 17.09 -44.57 -3.73
C LYS B 63 17.38 -45.74 -2.80
N GLY B 64 16.40 -46.64 -2.67
CA GLY B 64 16.50 -47.81 -1.82
C GLY B 64 16.50 -47.55 -0.33
N VAL B 65 16.65 -46.31 0.12
CA VAL B 65 16.84 -46.01 1.53
C VAL B 65 15.95 -44.88 2.03
N TYR B 66 15.18 -44.23 1.18
CA TYR B 66 14.39 -43.07 1.55
C TYR B 66 12.91 -43.38 1.38
N GLU B 67 12.18 -43.34 2.48
CA GLU B 67 10.73 -43.57 2.46
C GLU B 67 10.00 -42.24 2.30
N LEU B 68 9.01 -42.22 1.40
CA LEU B 68 8.21 -41.03 1.18
C LEU B 68 7.13 -40.93 2.25
N GLN B 69 7.18 -39.88 3.05
CA GLN B 69 6.22 -39.67 4.13
C GLN B 69 5.56 -38.31 3.97
N THR B 70 4.41 -38.16 4.61
CA THR B 70 3.59 -36.97 4.45
C THR B 70 3.13 -36.45 5.81
N LEU B 71 2.76 -35.17 5.83
CA LEU B 71 2.05 -34.58 6.95
C LEU B 71 1.05 -33.58 6.42
N GLU B 72 0.02 -33.33 7.21
CA GLU B 72 -1.01 -32.34 6.89
C GLU B 72 -1.18 -31.40 8.07
N LEU B 73 -1.09 -30.11 7.82
CA LEU B 73 -1.15 -29.13 8.90
C LEU B 73 -2.59 -28.94 9.36
N ASN B 74 -2.78 -28.85 10.68
CA ASN B 74 -4.07 -28.52 11.26
C ASN B 74 -4.11 -27.01 11.44
N MET B 75 -4.61 -26.31 10.42
CA MET B 75 -4.68 -24.85 10.46
C MET B 75 -5.63 -24.35 11.53
N GLU B 76 -6.56 -25.19 11.98
CA GLU B 76 -7.53 -24.76 12.98
C GLU B 76 -6.85 -24.21 14.23
N THR B 77 -5.67 -24.71 14.56
CA THR B 77 -4.96 -24.24 15.74
C THR B 77 -4.53 -22.78 15.67
N LEU B 78 -4.59 -22.15 14.49
CA LEU B 78 -4.27 -20.73 14.35
C LEU B 78 -5.46 -19.83 14.69
N ASN B 79 -6.59 -20.41 15.08
CA ASN B 79 -7.86 -19.68 15.16
C ASN B 79 -7.79 -18.44 16.04
N MET B 80 -6.99 -18.48 17.12
CA MET B 80 -6.97 -17.38 18.08
C MET B 80 -6.26 -16.13 17.56
N THR B 81 -5.45 -16.25 16.51
CA THR B 81 -4.66 -15.12 16.05
C THR B 81 -4.89 -14.72 14.60
N MET B 82 -5.66 -15.48 13.81
CA MET B 82 -5.88 -15.09 12.43
C MET B 82 -7.18 -15.71 11.91
N PRO B 83 -7.85 -15.06 10.97
CA PRO B 83 -9.07 -15.63 10.38
C PRO B 83 -8.78 -16.89 9.57
N LEU B 84 -9.77 -17.77 9.52
CA LEU B 84 -9.66 -19.03 8.79
C LEU B 84 -10.85 -19.16 7.86
N SER B 85 -10.60 -19.32 6.57
CA SER B 85 -11.65 -19.44 5.57
C SER B 85 -11.79 -20.89 5.11
N CYS B 86 -13.03 -21.30 4.87
CA CYS B 86 -13.29 -22.64 4.34
C CYS B 86 -14.59 -22.64 3.55
N THR B 87 -14.77 -23.70 2.77
CA THR B 87 -15.90 -23.85 1.87
C THR B 87 -16.77 -25.01 2.32
N LYS B 88 -18.07 -24.75 2.46
CA LYS B 88 -19.01 -25.81 2.79
C LYS B 88 -19.50 -26.53 1.53
N ASN B 89 -19.98 -25.76 0.56
CA ASN B 89 -20.40 -26.31 -0.73
C ASN B 89 -20.28 -25.19 -1.76
N ASN B 90 -20.87 -25.40 -2.94
CA ASN B 90 -20.75 -24.43 -4.02
C ASN B 90 -21.19 -23.04 -3.54
N SER B 91 -22.30 -22.98 -2.81
CA SER B 91 -22.94 -21.72 -2.50
C SER B 91 -22.46 -21.08 -1.19
N HIS B 92 -22.01 -21.86 -0.21
CA HIS B 92 -21.77 -21.36 1.13
C HIS B 92 -20.29 -21.46 1.48
N HIS B 93 -19.74 -20.36 1.98
CA HIS B 93 -18.34 -20.26 2.38
C HIS B 93 -18.25 -19.40 3.62
N TYR B 94 -17.15 -19.54 4.36
CA TYR B 94 -17.06 -18.91 5.67
C TYR B 94 -15.65 -18.40 5.90
N ILE B 95 -15.56 -17.29 6.64
CA ILE B 95 -14.30 -16.83 7.21
C ILE B 95 -14.55 -16.64 8.70
N MET B 96 -13.98 -17.53 9.50
CA MET B 96 -14.20 -17.56 10.94
C MET B 96 -13.11 -16.78 11.64
N VAL B 97 -13.50 -16.10 12.72
CA VAL B 97 -12.61 -15.28 13.53
C VAL B 97 -12.75 -15.78 14.95
N GLY B 98 -11.77 -16.54 15.42
CA GLY B 98 -11.88 -17.12 16.73
C GLY B 98 -12.88 -18.25 16.75
N ASN B 99 -13.33 -18.59 17.96
CA ASN B 99 -14.28 -19.68 18.17
C ASN B 99 -15.69 -19.18 18.44
N GLU B 100 -15.98 -17.92 18.13
CA GLU B 100 -17.29 -17.37 18.45
C GLU B 100 -18.01 -16.71 17.28
N THR B 101 -17.27 -16.12 16.33
CA THR B 101 -17.90 -15.29 15.31
C THR B 101 -17.23 -15.50 13.96
N GLY B 102 -17.89 -14.99 12.92
CA GLY B 102 -17.31 -15.03 11.59
C GLY B 102 -18.27 -14.45 10.57
N LEU B 103 -17.88 -14.57 9.31
CA LEU B 103 -18.66 -14.09 8.18
C LEU B 103 -19.06 -15.26 7.30
N GLU B 104 -20.35 -15.35 6.99
CA GLU B 104 -20.87 -16.27 6.00
C GLU B 104 -21.00 -15.54 4.67
N LEU B 105 -20.36 -16.09 3.65
CA LEU B 105 -20.38 -15.57 2.28
C LEU B 105 -21.16 -16.56 1.42
N THR B 106 -22.23 -16.08 0.82
CA THR B 106 -23.16 -16.93 0.06
C THR B 106 -23.26 -16.39 -1.36
N LEU B 107 -23.00 -17.25 -2.34
CA LEU B 107 -23.35 -16.97 -3.72
C LEU B 107 -24.80 -17.42 -3.91
N THR B 108 -25.64 -16.51 -4.39
CA THR B 108 -27.06 -16.83 -4.42
C THR B 108 -27.80 -15.97 -5.43
N ASN B 109 -28.92 -16.51 -5.90
CA ASN B 109 -29.86 -15.80 -6.75
C ASN B 109 -30.93 -15.06 -5.94
N THR B 110 -30.99 -15.28 -4.63
CA THR B 110 -32.03 -14.69 -3.78
C THR B 110 -31.43 -13.51 -3.01
N SER B 111 -31.77 -12.30 -3.42
CA SER B 111 -31.28 -11.12 -2.71
C SER B 111 -32.05 -10.90 -1.42
N ILE B 112 -31.37 -10.34 -0.43
CA ILE B 112 -32.00 -10.01 0.85
C ILE B 112 -32.07 -8.51 1.10
N ILE B 113 -31.42 -7.68 0.29
CA ILE B 113 -31.52 -6.23 0.40
C ILE B 113 -32.02 -5.68 -0.93
N ASN B 114 -33.04 -4.84 -0.87
CA ASN B 114 -33.64 -4.26 -2.07
C ASN B 114 -33.70 -2.74 -1.95
N HIS B 115 -32.61 -2.14 -1.50
CA HIS B 115 -32.44 -0.70 -1.51
C HIS B 115 -31.02 -0.41 -1.97
N LYS B 116 -30.70 0.86 -2.17
CA LYS B 116 -29.41 1.25 -2.70
C LYS B 116 -28.52 1.92 -1.67
N PHE B 117 -28.85 1.80 -0.38
CA PHE B 117 -28.08 2.44 0.67
C PHE B 117 -26.92 1.56 1.12
N CYS B 118 -25.85 2.22 1.55
CA CYS B 118 -24.80 1.57 2.34
C CYS B 118 -24.31 2.65 3.32
N ASN B 119 -24.89 2.66 4.52
CA ASN B 119 -24.70 3.72 5.50
C ASN B 119 -23.48 3.43 6.38
N LEU B 120 -22.30 3.47 5.74
CA LEU B 120 -21.07 3.14 6.46
C LEU B 120 -20.75 4.18 7.52
N SER B 121 -20.93 5.47 7.22
CA SER B 121 -20.55 6.50 8.18
C SER B 121 -21.40 6.43 9.44
N ASP B 122 -22.70 6.19 9.28
CA ASP B 122 -23.56 6.02 10.46
C ASP B 122 -23.14 4.79 11.26
N ALA B 123 -22.78 3.71 10.58
CA ALA B 123 -22.30 2.51 11.28
C ALA B 123 -21.07 2.83 12.12
N HIS B 124 -20.12 3.55 11.54
CA HIS B 124 -18.92 3.94 12.29
C HIS B 124 -19.28 4.82 13.48
N LYS B 125 -20.14 5.81 13.25
CA LYS B 125 -20.55 6.71 14.33
C LYS B 125 -21.17 5.93 15.48
N LYS B 126 -21.99 4.94 15.16
CA LYS B 126 -22.65 4.16 16.21
C LYS B 126 -21.71 3.15 16.86
N ASN B 127 -20.77 2.59 16.11
CA ASN B 127 -19.69 1.78 16.67
C ASN B 127 -20.22 0.55 17.42
N LEU B 128 -21.17 -0.16 16.81
CA LEU B 128 -21.74 -1.34 17.42
C LEU B 128 -21.25 -2.65 16.80
N TYR B 129 -20.60 -2.60 15.65
CA TYR B 129 -20.19 -3.82 14.97
C TYR B 129 -18.94 -4.42 15.62
N ASP B 130 -18.64 -5.65 15.21
CA ASP B 130 -17.39 -6.32 15.60
C ASP B 130 -16.26 -5.74 14.75
N HIS B 131 -15.22 -5.20 15.41
CA HIS B 131 -14.19 -4.47 14.68
C HIS B 131 -13.41 -5.36 13.73
N ALA B 132 -13.15 -6.60 14.13
CA ALA B 132 -12.44 -7.52 13.25
C ALA B 132 -13.25 -7.79 11.98
N LEU B 133 -14.56 -8.00 12.13
CA LEU B 133 -15.41 -8.25 10.96
C LEU B 133 -15.46 -7.04 10.04
N MET B 134 -15.57 -5.84 10.61
CA MET B 134 -15.52 -4.63 9.79
C MET B 134 -14.18 -4.52 9.07
N SER B 135 -13.09 -4.95 9.73
CA SER B 135 -11.79 -4.95 9.08
C SER B 135 -11.78 -5.87 7.86
N ILE B 136 -12.36 -7.06 8.02
CA ILE B 136 -12.38 -8.03 6.91
C ILE B 136 -13.25 -7.51 5.77
N ILE B 137 -14.40 -6.89 6.10
CA ILE B 137 -15.24 -6.29 5.07
C ILE B 137 -14.47 -5.21 4.33
N SER B 138 -13.75 -4.36 5.08
CA SER B 138 -12.97 -3.29 4.45
C SER B 138 -11.91 -3.87 3.53
N THR B 139 -11.21 -4.90 3.97
CA THR B 139 -10.17 -5.51 3.15
C THR B 139 -10.76 -6.09 1.86
N PHE B 140 -11.85 -6.85 1.99
CA PHE B 140 -12.52 -7.40 0.83
C PHE B 140 -12.88 -6.29 -0.16
N HIS B 141 -13.59 -5.27 0.31
CA HIS B 141 -14.07 -4.23 -0.60
C HIS B 141 -12.92 -3.45 -1.23
N LEU B 142 -11.89 -3.14 -0.44
CA LEU B 142 -10.74 -2.39 -0.96
C LEU B 142 -9.89 -3.22 -1.90
N SER B 143 -10.03 -4.54 -1.90
CA SER B 143 -9.28 -5.40 -2.81
C SER B 143 -9.94 -5.60 -4.16
N ILE B 144 -11.20 -5.21 -4.33
CA ILE B 144 -11.86 -5.38 -5.63
C ILE B 144 -11.16 -4.51 -6.66
N PRO B 145 -10.81 -5.04 -7.83
CA PRO B 145 -10.20 -4.20 -8.88
C PRO B 145 -11.26 -3.45 -9.67
N ASN B 146 -11.04 -2.14 -9.84
CA ASN B 146 -11.80 -1.31 -10.78
C ASN B 146 -13.28 -1.19 -10.41
N PHE B 147 -13.61 -1.26 -9.12
CA PHE B 147 -14.99 -1.09 -8.68
C PHE B 147 -15.46 0.33 -8.98
N ASN B 148 -16.50 0.47 -9.83
CA ASN B 148 -16.92 1.81 -10.22
C ASN B 148 -18.45 1.97 -10.32
N GLN B 149 -19.23 1.07 -9.74
CA GLN B 149 -20.70 1.15 -9.77
C GLN B 149 -21.19 1.05 -8.33
N TYR B 150 -21.29 2.18 -7.63
CA TYR B 150 -21.61 2.14 -6.21
C TYR B 150 -23.00 1.58 -5.96
N GLU B 151 -23.91 1.70 -6.93
CA GLU B 151 -25.25 1.13 -6.76
C GLU B 151 -25.21 -0.39 -6.66
N ALA B 152 -24.14 -1.04 -7.13
CA ALA B 152 -24.06 -2.49 -7.07
C ALA B 152 -23.82 -3.03 -5.66
N MET B 153 -23.54 -2.16 -4.69
CA MET B 153 -23.24 -2.58 -3.32
C MET B 153 -24.29 -2.00 -2.38
N SER B 154 -24.97 -2.87 -1.65
CA SER B 154 -25.96 -2.46 -0.65
C SER B 154 -25.57 -3.07 0.70
N CYS B 155 -25.96 -2.40 1.79
CA CYS B 155 -25.52 -2.83 3.10
C CYS B 155 -26.59 -2.54 4.14
N ASP B 156 -26.52 -3.28 5.24
CA ASP B 156 -27.32 -3.03 6.44
C ASP B 156 -26.42 -3.29 7.65
N PHE B 157 -26.32 -2.27 8.52
CA PHE B 157 -25.46 -2.33 9.69
C PHE B 157 -26.21 -2.02 10.99
N ASN B 158 -27.54 -1.97 10.95
CA ASN B 158 -28.31 -1.59 12.12
C ASN B 158 -28.09 -2.59 13.26
N GLY B 159 -27.93 -2.05 14.46
CA GLY B 159 -27.68 -2.89 15.62
C GLY B 159 -26.31 -3.54 15.64
N GLY B 160 -25.37 -3.08 14.83
CA GLY B 160 -24.05 -3.67 14.81
C GLY B 160 -23.89 -4.89 13.93
N LYS B 161 -24.98 -5.39 13.34
CA LYS B 161 -24.86 -6.49 12.40
C LYS B 161 -24.06 -6.05 11.17
N ILE B 162 -23.61 -7.03 10.40
CA ILE B 162 -22.95 -6.77 9.13
C ILE B 162 -23.69 -7.56 8.06
N SER B 163 -24.29 -6.84 7.13
CA SER B 163 -24.90 -7.44 5.94
C SER B 163 -24.46 -6.63 4.72
N VAL B 164 -23.78 -7.26 3.79
CA VAL B 164 -23.28 -6.63 2.58
C VAL B 164 -23.73 -7.46 1.39
N GLN B 165 -24.25 -6.80 0.36
CA GLN B 165 -24.81 -7.50 -0.79
C GLN B 165 -24.23 -6.87 -2.05
N TYR B 166 -23.46 -7.66 -2.79
CA TYR B 166 -22.89 -7.27 -4.06
C TYR B 166 -23.79 -7.81 -5.16
N ASN B 167 -24.29 -6.92 -6.01
CA ASN B 167 -25.21 -7.29 -7.08
C ASN B 167 -24.39 -7.56 -8.34
N LEU B 168 -24.28 -8.84 -8.69
CA LEU B 168 -23.41 -9.27 -9.78
C LEU B 168 -24.08 -9.22 -11.15
N SER B 169 -25.34 -8.80 -11.24
CA SER B 169 -26.00 -8.80 -12.53
C SER B 169 -25.35 -7.81 -13.48
N HIS B 170 -25.46 -8.09 -14.77
CA HIS B 170 -24.83 -7.26 -15.78
C HIS B 170 -25.83 -6.34 -16.47
N ASN B 178 -18.06 -6.95 -22.77
CA ASN B 178 -17.12 -7.94 -22.26
C ASN B 178 -17.30 -8.15 -20.76
N HIS B 179 -17.05 -9.37 -20.30
CA HIS B 179 -17.21 -9.70 -18.89
C HIS B 179 -16.07 -9.18 -18.02
N CYS B 180 -14.92 -8.85 -18.62
CA CYS B 180 -13.79 -8.41 -17.82
C CYS B 180 -14.04 -7.07 -17.15
N GLY B 181 -14.67 -6.14 -17.87
CA GLY B 181 -14.94 -4.83 -17.31
C GLY B 181 -16.29 -4.75 -16.63
N THR B 182 -16.55 -5.64 -15.68
CA THR B 182 -17.82 -5.68 -14.96
C THR B 182 -17.57 -5.78 -13.46
N VAL B 183 -18.53 -5.28 -12.69
CA VAL B 183 -18.45 -5.42 -11.23
C VAL B 183 -18.40 -6.89 -10.84
N ALA B 184 -19.18 -7.72 -11.54
CA ALA B 184 -19.25 -9.14 -11.19
C ALA B 184 -17.86 -9.77 -11.21
N ASN B 185 -17.07 -9.45 -12.24
CA ASN B 185 -15.73 -10.04 -12.36
C ASN B 185 -14.82 -9.61 -11.21
N GLY B 186 -14.79 -8.32 -10.89
CA GLY B 186 -13.91 -7.86 -9.82
C GLY B 186 -14.31 -8.43 -8.47
N VAL B 187 -15.61 -8.42 -8.19
CA VAL B 187 -16.12 -9.00 -6.94
C VAL B 187 -15.77 -10.47 -6.87
N LEU B 188 -15.91 -11.20 -7.98
CA LEU B 188 -15.63 -12.63 -7.96
C LEU B 188 -14.14 -12.91 -7.84
N GLN B 189 -13.28 -12.09 -8.43
CA GLN B 189 -11.85 -12.26 -8.24
C GLN B 189 -11.49 -12.12 -6.76
N THR B 190 -12.06 -11.11 -6.11
CA THR B 190 -11.82 -10.93 -4.69
C THR B 190 -12.37 -12.09 -3.87
N PHE B 191 -13.58 -12.56 -4.21
CA PHE B 191 -14.16 -13.69 -3.50
C PHE B 191 -13.32 -14.94 -3.67
N MET B 192 -12.82 -15.17 -4.89
CA MET B 192 -11.97 -16.33 -5.16
C MET B 192 -10.74 -16.32 -4.27
N ARG B 193 -10.10 -15.14 -4.13
CA ARG B 193 -8.93 -15.08 -3.27
C ARG B 193 -9.29 -15.23 -1.79
N MET B 194 -10.34 -14.55 -1.34
CA MET B 194 -10.68 -14.53 0.09
C MET B 194 -11.06 -15.91 0.59
N ALA B 195 -11.87 -16.63 -0.17
CA ALA B 195 -12.26 -18.00 0.15
C ALA B 195 -11.42 -19.01 -0.61
N TRP B 196 -10.13 -18.74 -0.80
CA TRP B 196 -9.28 -19.60 -1.60
C TRP B 196 -9.28 -21.02 -1.04
N GLY B 197 -9.46 -21.98 -1.94
CA GLY B 197 -9.69 -23.36 -1.54
C GLY B 197 -11.18 -23.59 -1.41
N GLY B 198 -11.75 -24.33 -2.36
CA GLY B 198 -13.19 -24.51 -2.39
C GLY B 198 -13.96 -23.42 -3.09
N SER B 199 -13.34 -22.27 -3.39
CA SER B 199 -14.02 -21.25 -4.18
C SER B 199 -14.25 -21.72 -5.61
N TYR B 200 -13.27 -22.43 -6.18
CA TYR B 200 -13.28 -22.74 -7.60
C TYR B 200 -14.53 -23.50 -8.03
N ILE B 201 -15.12 -24.30 -7.14
CA ILE B 201 -16.27 -25.12 -7.52
C ILE B 201 -17.46 -24.25 -7.91
N ALA B 202 -17.55 -23.05 -7.35
CA ALA B 202 -18.63 -22.15 -7.72
C ALA B 202 -18.27 -21.25 -8.88
N LEU B 203 -17.04 -21.32 -9.37
CA LEU B 203 -16.44 -20.25 -10.15
C LEU B 203 -16.05 -20.74 -11.53
N ASP B 204 -15.92 -19.78 -12.46
CA ASP B 204 -15.43 -20.02 -13.81
C ASP B 204 -16.31 -21.00 -14.57
N SER B 205 -17.62 -21.02 -14.29
CA SER B 205 -18.54 -21.79 -15.11
C SER B 205 -18.55 -21.26 -16.54
N GLY B 206 -18.67 -19.94 -16.69
CA GLY B 206 -18.44 -19.30 -17.96
C GLY B 206 -17.00 -18.85 -18.07
N ARG B 207 -16.16 -19.65 -18.70
CA ARG B 207 -14.74 -19.34 -18.80
C ARG B 207 -14.54 -18.07 -19.61
N GLY B 208 -13.86 -17.08 -19.02
CA GLY B 208 -13.70 -15.78 -19.64
C GLY B 208 -12.31 -15.55 -20.21
N ASN B 209 -12.16 -14.38 -20.82
CA ASN B 209 -10.86 -13.96 -21.35
C ASN B 209 -9.92 -13.60 -20.21
N TRP B 210 -8.63 -13.84 -20.45
CA TRP B 210 -7.55 -13.56 -19.48
C TRP B 210 -7.91 -14.25 -18.16
N ASP B 211 -7.83 -13.55 -17.03
CA ASP B 211 -8.12 -14.11 -15.71
C ASP B 211 -9.54 -13.86 -15.26
N CYS B 212 -10.42 -13.43 -16.16
CA CYS B 212 -11.74 -12.97 -15.78
C CYS B 212 -12.67 -14.14 -15.44
N ILE B 213 -13.56 -13.90 -14.48
CA ILE B 213 -14.42 -14.92 -13.89
C ILE B 213 -15.88 -14.58 -14.18
N MET B 214 -16.66 -15.60 -14.54
CA MET B 214 -18.11 -15.47 -14.68
C MET B 214 -18.79 -16.64 -13.99
N THR B 215 -19.88 -16.36 -13.28
CA THR B 215 -20.73 -17.37 -12.66
C THR B 215 -22.18 -17.11 -13.02
N SER B 216 -23.04 -18.05 -12.65
CA SER B 216 -24.47 -17.93 -12.88
C SER B 216 -25.21 -17.26 -11.73
N TYR B 217 -24.51 -16.91 -10.66
CA TYR B 217 -25.14 -16.31 -9.48
C TYR B 217 -25.34 -14.81 -9.70
N GLN B 218 -26.42 -14.29 -9.13
CA GLN B 218 -26.74 -12.88 -9.27
C GLN B 218 -26.29 -12.03 -8.08
N TYR B 219 -25.90 -12.66 -6.97
CA TYR B 219 -25.57 -11.87 -5.79
C TYR B 219 -24.51 -12.60 -4.96
N LEU B 220 -23.66 -11.80 -4.32
CA LEU B 220 -22.73 -12.28 -3.29
C LEU B 220 -23.08 -11.59 -1.98
N ILE B 221 -23.43 -12.37 -0.97
CA ILE B 221 -23.94 -11.82 0.28
C ILE B 221 -22.99 -12.19 1.40
N ILE B 222 -22.64 -11.21 2.22
CA ILE B 222 -21.72 -11.36 3.35
C ILE B 222 -22.48 -10.95 4.60
N GLN B 223 -22.72 -11.90 5.51
CA GLN B 223 -23.44 -11.60 6.75
C GLN B 223 -22.69 -12.23 7.93
N ASN B 224 -22.77 -11.58 9.09
CA ASN B 224 -22.12 -12.18 10.23
C ASN B 224 -22.85 -13.46 10.64
N THR B 225 -22.13 -14.32 11.35
CA THR B 225 -22.67 -15.58 11.81
C THR B 225 -21.87 -16.02 13.03
N THR B 226 -22.43 -16.99 13.75
CA THR B 226 -21.77 -17.58 14.92
C THR B 226 -20.93 -18.78 14.49
N TRP B 227 -19.99 -19.16 15.35
CA TRP B 227 -19.04 -20.19 14.97
C TRP B 227 -19.72 -21.56 14.85
N GLU B 228 -19.33 -22.30 13.84
CA GLU B 228 -19.76 -23.67 13.60
C GLU B 228 -18.75 -24.29 12.66
N ASP B 229 -18.65 -25.62 12.70
CA ASP B 229 -17.73 -26.34 11.81
C ASP B 229 -18.41 -26.54 10.46
N HIS B 230 -18.14 -25.63 9.53
CA HIS B 230 -18.74 -25.66 8.21
C HIS B 230 -17.85 -26.25 7.13
N CYS B 231 -16.63 -26.66 7.46
CA CYS B 231 -15.59 -26.90 6.44
C CYS B 231 -15.69 -28.32 5.87
N GLN B 232 -16.81 -28.57 5.19
CA GLN B 232 -17.03 -29.87 4.59
C GLN B 232 -16.23 -30.06 3.31
N PHE B 233 -16.06 -29.00 2.51
CA PHE B 233 -15.42 -29.16 1.21
C PHE B 233 -13.93 -28.86 1.23
N SER B 234 -13.49 -27.86 1.99
CA SER B 234 -12.07 -27.52 2.05
C SER B 234 -11.67 -27.30 3.50
N ARG B 235 -10.42 -27.60 3.80
CA ARG B 235 -9.90 -27.39 5.15
C ARG B 235 -9.82 -25.90 5.45
N PRO B 236 -10.08 -25.51 6.69
CA PRO B 236 -9.93 -24.09 7.04
C PRO B 236 -8.49 -23.64 6.87
N SER B 237 -8.32 -22.41 6.38
CA SER B 237 -7.00 -21.92 6.06
C SER B 237 -6.95 -20.42 6.17
N PRO B 238 -5.83 -19.85 6.62
CA PRO B 238 -5.67 -18.39 6.64
C PRO B 238 -5.08 -17.80 5.36
N ILE B 239 -4.77 -18.64 4.37
CA ILE B 239 -3.97 -18.19 3.23
C ILE B 239 -4.68 -17.07 2.47
N GLY B 240 -5.97 -17.27 2.18
CA GLY B 240 -6.67 -16.31 1.33
C GLY B 240 -6.69 -14.91 1.91
N TYR B 241 -7.04 -14.80 3.19
CA TYR B 241 -7.09 -13.50 3.86
C TYR B 241 -5.72 -12.83 3.86
N LEU B 242 -4.69 -13.57 4.29
CA LEU B 242 -3.35 -13.02 4.38
C LEU B 242 -2.88 -12.52 3.03
N GLY B 243 -3.10 -13.33 1.98
CA GLY B 243 -2.77 -12.89 0.63
C GLY B 243 -3.52 -11.64 0.22
N LEU B 244 -4.81 -11.54 0.58
CA LEU B 244 -5.57 -10.37 0.19
C LEU B 244 -5.10 -9.10 0.86
N LEU B 245 -4.46 -9.20 2.03
CA LEU B 245 -3.99 -8.00 2.71
C LEU B 245 -3.14 -7.11 1.80
N SER B 246 -2.28 -7.72 0.97
CA SER B 246 -1.44 -6.93 0.08
C SER B 246 -2.21 -6.36 -1.11
N GLN B 247 -3.37 -6.91 -1.45
CA GLN B 247 -4.16 -6.42 -2.58
C GLN B 247 -4.93 -5.13 -2.26
N ARG B 248 -5.13 -4.81 -0.98
CA ARG B 248 -5.91 -3.63 -0.58
C ARG B 248 -5.44 -2.38 -1.33
N THR B 249 -6.40 -1.64 -1.88
CA THR B 249 -6.21 -0.35 -2.55
C THR B 249 -5.33 -0.43 -3.81
N ARG B 250 -4.89 -1.61 -4.20
CA ARG B 250 -3.98 -1.72 -5.35
C ARG B 250 -4.67 -1.34 -6.66
N ASP B 251 -5.97 -1.56 -6.77
CA ASP B 251 -6.67 -1.33 -8.04
C ASP B 251 -7.95 -0.52 -7.86
N ILE B 252 -7.98 0.37 -6.88
CA ILE B 252 -9.12 1.26 -6.72
C ILE B 252 -8.98 2.44 -7.67
N TYR B 253 -10.11 2.90 -8.20
CA TYR B 253 -10.17 4.10 -9.01
C TYR B 253 -10.22 5.35 -8.14
N ILE B 254 -9.74 6.46 -8.69
CA ILE B 254 -9.93 7.75 -8.03
C ILE B 254 -11.36 8.22 -8.28
N SER B 255 -12.01 8.71 -7.22
CA SER B 255 -13.33 9.31 -7.34
C SER B 255 -13.35 10.80 -7.02
N ARG B 256 -12.25 11.34 -6.51
CA ARG B 256 -12.10 12.79 -6.32
C ARG B 256 -10.62 13.12 -6.41
N ARG B 257 -10.32 14.40 -6.56
CA ARG B 257 -8.93 14.81 -6.74
C ARG B 257 -8.14 14.79 -5.44
N LEU B 258 -8.76 15.08 -4.32
CA LEU B 258 -8.10 15.08 -3.02
C LEU B 258 -8.64 13.89 -2.23
N LEU B 259 -7.89 12.80 -2.23
CA LEU B 259 -8.31 11.59 -1.55
C LEU B 259 -8.43 11.81 -0.06
N GLY C 2 37.97 -37.70 -16.80
CA GLY C 2 36.95 -36.68 -16.90
C GLY C 2 37.47 -35.29 -16.58
N GLN C 3 37.84 -35.08 -15.31
CA GLN C 3 38.36 -33.78 -14.89
C GLN C 3 39.74 -33.51 -15.47
N ILE C 4 40.45 -34.54 -15.94
CA ILE C 4 41.76 -34.35 -16.54
C ILE C 4 41.66 -33.49 -17.79
N VAL C 5 40.67 -33.75 -18.64
CA VAL C 5 40.48 -32.97 -19.86
C VAL C 5 40.09 -31.53 -19.51
N THR C 6 39.24 -31.37 -18.49
CA THR C 6 38.83 -30.04 -18.08
C THR C 6 40.01 -29.23 -17.58
N PHE C 7 40.95 -29.88 -16.88
CA PHE C 7 42.19 -29.20 -16.53
C PHE C 7 43.04 -28.92 -17.77
N PHE C 8 43.04 -29.85 -18.72
CA PHE C 8 43.88 -29.69 -19.91
C PHE C 8 43.47 -28.47 -20.73
N GLN C 9 42.17 -28.23 -20.87
CA GLN C 9 41.73 -27.10 -21.69
C GLN C 9 42.12 -25.77 -21.05
N GLU C 10 42.00 -25.66 -19.73
CA GLU C 10 42.31 -24.41 -19.03
C GLU C 10 43.76 -24.37 -18.54
N VAL C 11 44.71 -24.66 -19.42
CA VAL C 11 46.12 -24.59 -19.06
C VAL C 11 46.64 -23.16 -18.97
N PRO C 12 46.31 -22.22 -19.89
CA PRO C 12 46.98 -20.91 -19.82
C PRO C 12 46.68 -20.13 -18.55
N HIS C 13 45.49 -20.28 -17.98
CA HIS C 13 45.09 -19.42 -16.86
C HIS C 13 45.79 -19.81 -15.56
N VAL C 14 45.91 -21.10 -15.27
CA VAL C 14 46.30 -21.55 -13.94
C VAL C 14 47.80 -21.81 -13.85
N ILE C 15 48.57 -21.30 -14.80
CA ILE C 15 50.02 -21.47 -14.76
C ILE C 15 50.63 -20.62 -13.64
N GLU C 16 50.15 -19.39 -13.49
CA GLU C 16 50.82 -18.43 -12.61
C GLU C 16 50.82 -18.85 -11.15
N GLU C 17 49.91 -19.72 -10.75
CA GLU C 17 49.85 -20.15 -9.35
C GLU C 17 51.03 -21.07 -9.04
N VAL C 18 51.66 -20.84 -7.88
CA VAL C 18 52.82 -21.63 -7.48
C VAL C 18 52.41 -23.05 -7.13
N MET C 19 51.26 -23.21 -6.46
CA MET C 19 50.83 -24.54 -6.05
C MET C 19 50.58 -25.44 -7.26
N ASN C 20 49.99 -24.88 -8.32
CA ASN C 20 49.76 -25.67 -9.53
C ASN C 20 51.07 -26.08 -10.18
N ILE C 21 52.05 -25.18 -10.21
CA ILE C 21 53.35 -25.53 -10.78
C ILE C 21 54.00 -26.64 -9.96
N VAL C 22 53.92 -26.54 -8.63
CA VAL C 22 54.49 -27.58 -7.77
C VAL C 22 53.80 -28.91 -8.01
N LEU C 23 52.47 -28.90 -8.13
CA LEU C 23 51.73 -30.14 -8.38
C LEU C 23 52.11 -30.75 -9.72
N ILE C 24 52.25 -29.92 -10.76
CA ILE C 24 52.62 -30.42 -12.09
C ILE C 24 54.02 -31.03 -12.04
N ALA C 25 54.97 -30.34 -11.40
CA ALA C 25 56.32 -30.85 -11.32
C ALA C 25 56.38 -32.16 -10.56
N LEU C 26 55.66 -32.25 -9.44
CA LEU C 26 55.67 -33.48 -8.65
C LEU C 26 55.02 -34.63 -9.41
N SER C 27 53.93 -34.36 -10.13
CA SER C 27 53.30 -35.40 -10.94
C SER C 27 54.23 -35.88 -12.03
N VAL C 28 54.93 -34.96 -12.70
CA VAL C 28 55.86 -35.35 -13.75
C VAL C 28 56.99 -36.19 -13.18
N LEU C 29 57.54 -35.78 -12.02
CA LEU C 29 58.61 -36.53 -11.39
C LEU C 29 58.15 -37.92 -10.98
N ALA C 30 56.94 -38.02 -10.42
CA ALA C 30 56.42 -39.32 -10.00
C ALA C 30 56.20 -40.23 -11.20
N VAL C 31 55.67 -39.70 -12.30
CA VAL C 31 55.48 -40.51 -13.50
C VAL C 31 56.82 -40.97 -14.04
N LEU C 32 57.82 -40.07 -14.08
CA LEU C 32 59.13 -40.43 -14.60
C LEU C 32 59.77 -41.52 -13.75
N LYS C 33 59.69 -41.39 -12.42
CA LYS C 33 60.27 -42.39 -11.55
C LYS C 33 59.52 -43.73 -11.63
N GLY C 34 58.20 -43.69 -11.82
CA GLY C 34 57.47 -44.92 -12.04
C GLY C 34 57.85 -45.60 -13.34
N LEU C 35 58.13 -44.82 -14.38
CA LEU C 35 58.63 -45.38 -15.62
C LEU C 35 60.04 -45.96 -15.42
N TYR C 36 60.86 -45.30 -14.61
CA TYR C 36 62.21 -45.81 -14.34
C TYR C 36 62.15 -47.16 -13.62
N ASN C 37 61.27 -47.28 -12.64
CA ASN C 37 61.12 -48.53 -11.90
C ASN C 37 59.95 -49.34 -12.42
N THR C 59 35.62 -9.59 -31.12
CA THR C 59 36.31 -8.33 -31.39
C THR C 59 36.82 -7.71 -30.09
N SER C 60 36.22 -8.12 -28.97
CA SER C 60 36.61 -7.64 -27.64
C SER C 60 36.81 -8.86 -26.76
N LEU C 61 38.05 -9.36 -26.72
CA LEU C 61 38.39 -10.60 -26.05
C LEU C 61 38.93 -10.31 -24.65
N TYR C 62 38.40 -11.02 -23.66
CA TYR C 62 38.81 -10.89 -22.27
C TYR C 62 39.35 -12.22 -21.78
N LYS C 63 40.46 -12.17 -21.04
CA LYS C 63 41.18 -13.35 -20.58
C LYS C 63 41.61 -14.25 -21.74
N GLY C 64 41.64 -13.70 -22.95
CA GLY C 64 42.03 -14.44 -24.13
C GLY C 64 40.92 -15.25 -24.78
N VAL C 65 39.97 -15.74 -23.98
CA VAL C 65 39.02 -16.74 -24.44
C VAL C 65 37.57 -16.30 -24.26
N TYR C 66 37.33 -15.07 -23.81
CA TYR C 66 35.98 -14.60 -23.53
C TYR C 66 35.67 -13.41 -24.42
N GLU C 67 34.76 -13.60 -25.37
CA GLU C 67 34.29 -12.52 -26.22
C GLU C 67 33.13 -11.78 -25.56
N LEU C 68 33.16 -10.46 -25.62
CA LEU C 68 32.09 -9.64 -25.07
C LEU C 68 30.96 -9.54 -26.09
N GLN C 69 29.78 -10.01 -25.72
CA GLN C 69 28.63 -10.00 -26.60
C GLN C 69 27.47 -9.28 -25.92
N THR C 70 26.49 -8.86 -26.73
CA THR C 70 25.39 -8.06 -26.24
C THR C 70 24.07 -8.59 -26.77
N LEU C 71 23.00 -8.23 -26.08
CA LEU C 71 21.65 -8.45 -26.57
C LEU C 71 20.79 -7.27 -26.17
N GLU C 72 19.73 -7.03 -26.93
CA GLU C 72 18.75 -6.00 -26.62
C GLU C 72 17.36 -6.62 -26.62
N LEU C 73 16.62 -6.41 -25.55
CA LEU C 73 15.31 -7.02 -25.42
C LEU C 73 14.28 -6.27 -26.25
N ASN C 74 13.41 -7.02 -26.92
CA ASN C 74 12.27 -6.44 -27.65
C ASN C 74 11.09 -6.41 -26.69
N MET C 75 10.92 -5.29 -25.99
CA MET C 75 9.83 -5.14 -25.03
C MET C 75 8.47 -5.12 -25.70
N GLU C 76 8.40 -4.78 -26.99
CA GLU C 76 7.12 -4.71 -27.68
C GLU C 76 6.35 -6.02 -27.59
N THR C 77 7.05 -7.15 -27.47
CA THR C 77 6.38 -8.43 -27.40
C THR C 77 5.53 -8.59 -26.14
N LEU C 78 5.72 -7.74 -25.13
CA LEU C 78 4.95 -7.77 -23.89
C LEU C 78 3.62 -7.03 -24.00
N ASN C 79 3.31 -6.47 -25.17
CA ASN C 79 2.17 -5.56 -25.36
C ASN C 79 0.85 -6.16 -24.87
N MET C 80 0.65 -7.47 -25.03
CA MET C 80 -0.63 -8.07 -24.72
C MET C 80 -0.90 -8.17 -23.23
N THR C 81 0.12 -8.08 -22.38
CA THR C 81 -0.07 -8.29 -20.95
C THR C 81 0.29 -7.11 -20.06
N MET C 82 0.95 -6.08 -20.58
CA MET C 82 1.32 -4.94 -19.75
C MET C 82 1.47 -3.68 -20.60
N PRO C 83 1.24 -2.51 -20.01
CA PRO C 83 1.43 -1.26 -20.77
C PRO C 83 2.90 -1.02 -21.09
N LEU C 84 3.13 -0.32 -22.20
CA LEU C 84 4.48 0.01 -22.65
C LEU C 84 4.57 1.52 -22.85
N SER C 85 5.52 2.16 -22.18
CA SER C 85 5.70 3.59 -22.32
C SER C 85 6.90 3.89 -23.21
N CYS C 86 6.82 4.98 -23.95
CA CYS C 86 7.95 5.44 -24.73
C CYS C 86 7.82 6.94 -25.00
N THR C 87 8.92 7.53 -25.44
CA THR C 87 9.00 8.96 -25.69
C THR C 87 9.18 9.20 -27.17
N LYS C 88 8.39 10.11 -27.73
CA LYS C 88 8.56 10.50 -29.13
C LYS C 88 9.55 11.65 -29.28
N ASN C 89 9.36 12.73 -28.52
CA ASN C 89 10.26 13.87 -28.51
C ASN C 89 10.09 14.56 -27.16
N ASN C 90 10.64 15.77 -27.04
CA ASN C 90 10.64 16.47 -25.76
C ASN C 90 9.23 16.60 -25.19
N SER C 91 8.26 16.89 -26.04
CA SER C 91 6.92 17.24 -25.62
C SER C 91 5.95 16.08 -25.59
N HIS C 92 6.16 15.03 -26.39
CA HIS C 92 5.16 13.99 -26.60
C HIS C 92 5.66 12.64 -26.10
N HIS C 93 4.82 11.97 -25.30
CA HIS C 93 5.17 10.72 -24.66
C HIS C 93 3.90 9.86 -24.67
N TYR C 94 4.08 8.55 -24.60
CA TYR C 94 2.95 7.65 -24.76
C TYR C 94 3.06 6.48 -23.79
N ILE C 95 1.91 6.00 -23.36
CA ILE C 95 1.79 4.71 -22.70
C ILE C 95 0.72 3.91 -23.45
N MET C 96 1.16 2.92 -24.20
CA MET C 96 0.29 2.14 -25.06
C MET C 96 -0.16 0.88 -24.33
N VAL C 97 -1.43 0.54 -24.50
CA VAL C 97 -2.05 -0.61 -23.85
C VAL C 97 -2.57 -1.50 -24.97
N GLY C 98 -1.86 -2.60 -25.24
CA GLY C 98 -2.22 -3.44 -26.35
C GLY C 98 -1.85 -2.79 -27.67
N ASN C 99 -2.45 -3.31 -28.74
CA ASN C 99 -2.24 -2.81 -30.09
C ASN C 99 -3.36 -1.91 -30.59
N GLU C 100 -4.25 -1.48 -29.71
CA GLU C 100 -5.40 -0.67 -30.11
C GLU C 100 -5.44 0.71 -29.48
N THR C 101 -5.06 0.85 -28.22
CA THR C 101 -5.35 2.08 -27.48
C THR C 101 -4.16 2.48 -26.63
N GLY C 102 -4.24 3.68 -26.07
CA GLY C 102 -3.21 4.14 -25.16
C GLY C 102 -3.49 5.56 -24.71
N LEU C 103 -2.53 6.12 -23.98
CA LEU C 103 -2.59 7.47 -23.47
C LEU C 103 -1.44 8.28 -24.04
N GLU C 104 -1.77 9.45 -24.57
CA GLU C 104 -0.80 10.44 -25.00
C GLU C 104 -0.62 11.45 -23.89
N LEU C 105 0.61 11.62 -23.42
CA LEU C 105 1.00 12.60 -22.42
C LEU C 105 1.84 13.69 -23.08
N THR C 106 1.36 14.91 -23.00
CA THR C 106 1.99 16.05 -23.67
C THR C 106 2.34 17.10 -22.63
N LEU C 107 3.60 17.54 -22.62
CA LEU C 107 4.00 18.74 -21.90
C LEU C 107 3.83 19.91 -22.85
N THR C 108 3.06 20.92 -22.43
CA THR C 108 2.69 21.95 -23.38
C THR C 108 2.37 23.26 -22.67
N ASN C 109 2.60 24.36 -23.39
CA ASN C 109 2.14 25.70 -23.05
C ASN C 109 0.65 25.89 -23.31
N THR C 110 0.03 25.04 -24.12
CA THR C 110 -1.32 25.26 -24.64
C THR C 110 -2.31 24.36 -23.89
N SER C 111 -3.10 24.97 -23.01
CA SER C 111 -4.13 24.23 -22.30
C SER C 111 -5.33 23.98 -23.22
N ILE C 112 -5.98 22.85 -23.01
CA ILE C 112 -7.20 22.52 -23.75
C ILE C 112 -8.44 22.50 -22.87
N ILE C 113 -8.31 22.61 -21.56
CA ILE C 113 -9.44 22.73 -20.65
C ILE C 113 -9.31 24.03 -19.89
N ASN C 114 -10.39 24.80 -19.85
CA ASN C 114 -10.42 26.07 -19.14
C ASN C 114 -11.59 26.11 -18.16
N HIS C 115 -11.73 25.05 -17.37
CA HIS C 115 -12.68 25.01 -16.28
C HIS C 115 -12.05 24.26 -15.12
N LYS C 116 -12.71 24.28 -13.96
CA LYS C 116 -12.15 23.71 -12.74
C LYS C 116 -12.78 22.37 -12.35
N PHE C 117 -13.56 21.76 -13.25
CA PHE C 117 -14.24 20.52 -12.94
C PHE C 117 -13.35 19.31 -13.21
N CYS C 118 -13.62 18.24 -12.46
CA CYS C 118 -13.14 16.89 -12.79
C CYS C 118 -14.22 15.94 -12.27
N ASN C 119 -15.17 15.61 -13.15
CA ASN C 119 -16.39 14.89 -12.77
C ASN C 119 -16.14 13.38 -12.79
N LEU C 120 -15.31 12.93 -11.85
CA LEU C 120 -14.93 11.53 -11.79
C LEU C 120 -16.11 10.65 -11.40
N SER C 121 -16.93 11.10 -10.44
CA SER C 121 -18.06 10.30 -9.99
C SER C 121 -19.05 10.07 -11.12
N ASP C 122 -19.33 11.12 -11.90
CA ASP C 122 -20.21 10.98 -13.06
C ASP C 122 -19.62 10.03 -14.09
N ALA C 123 -18.31 10.13 -14.32
CA ALA C 123 -17.66 9.22 -15.26
C ALA C 123 -17.82 7.77 -14.83
N HIS C 124 -17.58 7.49 -13.54
CA HIS C 124 -17.78 6.14 -13.03
C HIS C 124 -19.23 5.69 -13.21
N LYS C 125 -20.17 6.57 -12.87
CA LYS C 125 -21.58 6.23 -13.02
C LYS C 125 -21.92 5.85 -14.45
N LYS C 126 -21.40 6.59 -15.42
CA LYS C 126 -21.71 6.32 -16.82
C LYS C 126 -20.98 5.08 -17.33
N ASN C 127 -19.76 4.82 -16.85
CA ASN C 127 -19.02 3.60 -17.15
C ASN C 127 -18.81 3.39 -18.65
N LEU C 128 -18.36 4.45 -19.33
CA LEU C 128 -18.10 4.38 -20.76
C LEU C 128 -16.61 4.37 -21.11
N TYR C 129 -15.73 4.70 -20.17
CA TYR C 129 -14.31 4.78 -20.45
C TYR C 129 -13.69 3.38 -20.57
N ASP C 130 -12.47 3.34 -21.09
CA ASP C 130 -11.68 2.12 -21.10
C ASP C 130 -11.14 1.87 -19.70
N HIS C 131 -11.43 0.69 -19.15
CA HIS C 131 -11.11 0.43 -17.74
C HIS C 131 -9.60 0.43 -17.50
N ALA C 132 -8.82 -0.14 -18.43
CA ALA C 132 -7.37 -0.12 -18.27
C ALA C 132 -6.84 1.32 -18.25
N LEU C 133 -7.35 2.17 -19.15
CA LEU C 133 -6.89 3.56 -19.18
C LEU C 133 -7.25 4.31 -17.91
N MET C 134 -8.47 4.08 -17.38
CA MET C 134 -8.84 4.69 -16.12
C MET C 134 -7.94 4.18 -14.99
N SER C 135 -7.56 2.91 -15.04
CA SER C 135 -6.63 2.36 -14.06
C SER C 135 -5.30 3.11 -14.10
N ILE C 136 -4.79 3.34 -15.30
CA ILE C 136 -3.51 4.03 -15.43
C ILE C 136 -3.62 5.47 -14.94
N ILE C 137 -4.72 6.15 -15.28
CA ILE C 137 -4.93 7.51 -14.78
C ILE C 137 -4.94 7.51 -13.25
N SER C 138 -5.65 6.55 -12.66
CA SER C 138 -5.74 6.46 -11.21
C SER C 138 -4.37 6.25 -10.59
N THR C 139 -3.58 5.33 -11.16
CA THR C 139 -2.24 5.08 -10.63
C THR C 139 -1.39 6.34 -10.69
N PHE C 140 -1.42 7.03 -11.83
CA PHE C 140 -0.65 8.25 -11.97
C PHE C 140 -1.03 9.26 -10.89
N HIS C 141 -2.33 9.56 -10.77
CA HIS C 141 -2.74 10.60 -9.83
C HIS C 141 -2.45 10.21 -8.39
N LEU C 142 -2.68 8.93 -8.05
CA LEU C 142 -2.41 8.47 -6.69
C LEU C 142 -0.92 8.44 -6.37
N SER C 143 -0.06 8.43 -7.37
CA SER C 143 1.37 8.41 -7.12
C SER C 143 1.98 9.79 -6.90
N ILE C 144 1.25 10.86 -7.17
CA ILE C 144 1.81 12.21 -7.02
C ILE C 144 2.09 12.47 -5.54
N PRO C 145 3.28 12.92 -5.16
CA PRO C 145 3.54 13.26 -3.76
C PRO C 145 2.95 14.62 -3.38
N ASN C 146 2.18 14.63 -2.29
CA ASN C 146 1.76 15.86 -1.62
C ASN C 146 0.82 16.73 -2.46
N PHE C 147 0.03 16.11 -3.35
CA PHE C 147 -0.96 16.85 -4.13
C PHE C 147 -1.99 17.50 -3.20
N ASN C 148 -2.07 18.83 -3.24
CA ASN C 148 -2.99 19.50 -2.31
C ASN C 148 -3.71 20.71 -2.90
N GLN C 149 -3.71 20.87 -4.23
CA GLN C 149 -4.42 21.96 -4.91
C GLN C 149 -5.36 21.32 -5.93
N TYR C 150 -6.58 21.01 -5.52
CA TYR C 150 -7.47 20.28 -6.40
C TYR C 150 -7.82 21.09 -7.65
N GLU C 151 -7.77 22.41 -7.54
CA GLU C 151 -8.04 23.25 -8.71
C GLU C 151 -6.98 23.08 -9.79
N ALA C 152 -5.80 22.55 -9.45
CA ALA C 152 -4.75 22.36 -10.44
C ALA C 152 -5.04 21.23 -11.41
N MET C 153 -6.07 20.43 -11.16
CA MET C 153 -6.41 19.27 -11.98
C MET C 153 -7.80 19.48 -12.57
N SER C 154 -7.89 19.42 -13.89
CA SER C 154 -9.16 19.53 -14.59
C SER C 154 -9.31 18.33 -15.51
N CYS C 155 -10.55 17.94 -15.79
CA CYS C 155 -10.77 16.71 -16.55
C CYS C 155 -12.01 16.84 -17.41
N ASP C 156 -12.05 16.02 -18.45
CA ASP C 156 -13.23 15.81 -19.28
C ASP C 156 -13.32 14.33 -19.62
N PHE C 157 -14.47 13.72 -19.29
CA PHE C 157 -14.69 12.30 -19.48
C PHE C 157 -15.94 12.01 -20.31
N ASN C 158 -16.55 13.03 -20.92
CA ASN C 158 -17.80 12.83 -21.63
C ASN C 158 -17.62 11.86 -22.79
N GLY C 159 -18.60 10.97 -22.94
CA GLY C 159 -18.54 9.99 -24.01
C GLY C 159 -17.53 8.88 -23.80
N GLY C 160 -17.02 8.72 -22.58
CA GLY C 160 -16.03 7.70 -22.31
C GLY C 160 -14.61 8.10 -22.66
N LYS C 161 -14.40 9.30 -23.19
CA LYS C 161 -13.05 9.77 -23.44
C LYS C 161 -12.33 10.00 -22.11
N ILE C 162 -11.01 10.07 -22.19
CA ILE C 162 -10.18 10.43 -21.05
C ILE C 162 -9.36 11.64 -21.45
N SER C 163 -9.63 12.78 -20.80
CA SER C 163 -8.83 13.98 -20.93
C SER C 163 -8.56 14.52 -19.53
N VAL C 164 -7.28 14.60 -19.16
CA VAL C 164 -6.85 15.07 -17.85
C VAL C 164 -5.80 16.15 -18.06
N GLN C 165 -5.91 17.26 -17.34
CA GLN C 165 -5.03 18.39 -17.50
C GLN C 165 -4.51 18.84 -16.14
N TYR C 166 -3.20 18.82 -15.98
CA TYR C 166 -2.52 19.26 -14.78
C TYR C 166 -1.90 20.63 -15.05
N ASN C 167 -2.29 21.61 -14.25
CA ASN C 167 -1.79 22.98 -14.37
C ASN C 167 -0.51 23.11 -13.55
N LEU C 168 0.61 23.29 -14.23
CA LEU C 168 1.92 23.33 -13.58
C LEU C 168 2.36 24.74 -13.22
N SER C 169 1.55 25.76 -13.50
CA SER C 169 1.97 27.12 -13.18
C SER C 169 2.00 27.33 -11.68
N HIS C 170 2.91 28.18 -11.24
CA HIS C 170 3.08 28.41 -9.81
C HIS C 170 2.22 29.57 -9.32
N ASN C 178 10.59 28.43 -3.36
CA ASN C 178 11.10 27.08 -3.58
C ASN C 178 10.17 26.29 -4.50
N HIS C 179 10.76 25.45 -5.33
CA HIS C 179 9.99 24.66 -6.28
C HIS C 179 9.62 23.28 -5.76
N CYS C 180 10.10 22.90 -4.57
CA CYS C 180 9.88 21.55 -4.08
C CYS C 180 8.44 21.34 -3.63
N GLY C 181 7.88 22.29 -2.89
CA GLY C 181 6.52 22.16 -2.39
C GLY C 181 5.47 22.73 -3.32
N THR C 182 5.50 22.31 -4.58
CA THR C 182 4.57 22.79 -5.60
C THR C 182 3.93 21.62 -6.31
N VAL C 183 2.75 21.85 -6.86
CA VAL C 183 2.09 20.82 -7.66
C VAL C 183 2.94 20.47 -8.87
N ALA C 184 3.61 21.47 -9.46
CA ALA C 184 4.43 21.23 -10.63
C ALA C 184 5.47 20.14 -10.35
N ASN C 185 6.16 20.25 -9.22
CA ASN C 185 7.20 19.28 -8.90
C ASN C 185 6.62 17.88 -8.72
N GLY C 186 5.54 17.75 -7.95
CA GLY C 186 4.98 16.42 -7.72
C GLY C 186 4.48 15.77 -9.00
N VAL C 187 3.75 16.53 -9.81
CA VAL C 187 3.26 16.03 -11.08
C VAL C 187 4.43 15.60 -11.95
N LEU C 188 5.49 16.42 -11.99
CA LEU C 188 6.63 16.10 -12.84
C LEU C 188 7.38 14.88 -12.35
N GLN C 189 7.50 14.70 -11.04
CA GLN C 189 8.14 13.49 -10.53
C GLN C 189 7.37 12.25 -10.98
N THR C 190 6.04 12.30 -10.86
CA THR C 190 5.23 11.19 -11.31
C THR C 190 5.39 10.96 -12.81
N PHE C 191 5.36 12.04 -13.59
CA PHE C 191 5.52 11.94 -15.04
C PHE C 191 6.88 11.33 -15.40
N MET C 192 7.93 11.76 -14.71
CA MET C 192 9.27 11.26 -14.98
C MET C 192 9.35 9.76 -14.73
N ARG C 193 8.70 9.28 -13.67
CA ARG C 193 8.69 7.84 -13.45
C ARG C 193 7.82 7.11 -14.48
N MET C 194 6.63 7.64 -14.78
CA MET C 194 5.70 6.93 -15.64
C MET C 194 6.23 6.77 -17.06
N ALA C 195 6.86 7.81 -17.59
CA ALA C 195 7.49 7.76 -18.90
C ALA C 195 9.00 7.63 -18.79
N TRP C 196 9.47 6.82 -17.84
CA TRP C 196 10.90 6.71 -17.57
C TRP C 196 11.65 6.20 -18.79
N GLY C 197 12.91 6.61 -18.89
CA GLY C 197 13.64 6.31 -20.11
C GLY C 197 13.12 7.13 -21.26
N GLY C 198 13.38 8.43 -21.26
CA GLY C 198 12.90 9.30 -22.32
C GLY C 198 12.33 10.60 -21.79
N SER C 199 11.94 10.61 -20.51
CA SER C 199 11.38 11.81 -19.91
C SER C 199 12.43 12.88 -19.66
N TYR C 200 13.67 12.46 -19.39
CA TYR C 200 14.69 13.40 -18.91
C TYR C 200 14.92 14.56 -19.86
N ILE C 201 14.71 14.36 -21.17
CA ILE C 201 14.99 15.43 -22.12
C ILE C 201 14.07 16.61 -21.89
N ALA C 202 12.87 16.37 -21.40
CA ALA C 202 11.95 17.47 -21.11
C ALA C 202 12.17 18.08 -19.74
N LEU C 203 13.04 17.49 -18.93
CA LEU C 203 13.09 17.73 -17.49
C LEU C 203 14.48 18.23 -17.09
N ASP C 204 14.59 18.57 -15.80
CA ASP C 204 15.83 19.05 -15.18
C ASP C 204 16.36 20.33 -15.81
N SER C 205 15.55 21.03 -16.62
CA SER C 205 16.00 22.28 -17.21
C SER C 205 16.24 23.33 -16.14
N GLY C 206 15.25 23.54 -15.28
CA GLY C 206 15.45 24.37 -14.11
C GLY C 206 15.86 23.53 -12.92
N ARG C 207 17.16 23.47 -12.66
CA ARG C 207 17.68 22.61 -11.61
C ARG C 207 17.16 23.04 -10.25
N GLY C 208 16.83 22.07 -9.41
CA GLY C 208 16.22 22.35 -8.13
C GLY C 208 16.90 21.60 -6.99
N ASN C 209 16.53 21.99 -5.77
CA ASN C 209 17.09 21.36 -4.58
C ASN C 209 16.61 19.92 -4.45
N TRP C 210 17.46 19.08 -3.88
CA TRP C 210 17.20 17.65 -3.64
C TRP C 210 16.79 17.02 -4.97
N ASP C 211 15.69 16.27 -5.03
CA ASP C 211 15.26 15.57 -6.22
C ASP C 211 14.19 16.34 -7.00
N CYS C 212 14.03 17.62 -6.70
CA CYS C 212 12.91 18.38 -7.24
C CYS C 212 13.16 18.77 -8.70
N ILE C 213 12.07 18.82 -9.47
CA ILE C 213 12.10 19.03 -10.91
C ILE C 213 11.39 20.33 -11.24
N MET C 214 11.90 21.05 -12.23
CA MET C 214 11.24 22.23 -12.79
C MET C 214 11.39 22.20 -14.31
N THR C 215 10.34 22.63 -15.00
CA THR C 215 10.35 22.71 -16.46
C THR C 215 9.77 24.06 -16.87
N SER C 216 9.92 24.39 -18.16
CA SER C 216 9.34 25.60 -18.71
C SER C 216 7.89 25.43 -19.15
N TYR C 217 7.35 24.21 -19.08
CA TYR C 217 5.99 23.95 -19.55
C TYR C 217 4.96 24.35 -18.49
N GLN C 218 3.81 24.82 -18.96
CA GLN C 218 2.74 25.24 -18.07
C GLN C 218 1.69 24.16 -17.82
N TYR C 219 1.68 23.08 -18.61
CA TYR C 219 0.60 22.10 -18.51
C TYR C 219 1.11 20.71 -18.86
N LEU C 220 0.54 19.71 -18.20
CA LEU C 220 0.71 18.31 -18.57
C LEU C 220 -0.67 17.74 -18.91
N ILE C 221 -0.82 17.27 -20.14
CA ILE C 221 -2.13 16.82 -20.64
C ILE C 221 -2.05 15.34 -20.95
N ILE C 222 -3.06 14.59 -20.52
CA ILE C 222 -3.17 13.15 -20.74
C ILE C 222 -4.49 12.89 -21.45
N GLN C 223 -4.43 12.39 -22.67
CA GLN C 223 -5.63 12.11 -23.46
C GLN C 223 -5.54 10.73 -24.10
N ASN C 224 -6.66 10.04 -24.18
CA ASN C 224 -6.59 8.73 -24.83
C ASN C 224 -6.35 8.89 -26.32
N THR C 225 -5.76 7.87 -26.92
CA THR C 225 -5.37 7.89 -28.32
C THR C 225 -5.34 6.47 -28.84
N THR C 226 -5.25 6.34 -30.16
CA THR C 226 -5.19 5.04 -30.83
C THR C 226 -3.72 4.63 -31.04
N TRP C 227 -3.52 3.34 -31.28
CA TRP C 227 -2.16 2.82 -31.35
C TRP C 227 -1.45 3.32 -32.61
N GLU C 228 -0.18 3.66 -32.44
CA GLU C 228 0.74 4.05 -33.50
C GLU C 228 2.14 3.90 -32.94
N ASP C 229 3.12 3.68 -33.82
CA ASP C 229 4.51 3.54 -33.40
C ASP C 229 5.10 4.94 -33.19
N HIS C 230 5.08 5.41 -31.95
CA HIS C 230 5.57 6.74 -31.61
C HIS C 230 6.98 6.73 -31.03
N CYS C 231 7.61 5.57 -30.87
CA CYS C 231 8.79 5.45 -30.01
C CYS C 231 10.07 5.81 -30.78
N GLN C 232 10.13 7.08 -31.17
CA GLN C 232 11.30 7.57 -31.89
C GLN C 232 12.49 7.82 -30.97
N PHE C 233 12.26 8.33 -29.76
CA PHE C 233 13.37 8.72 -28.91
C PHE C 233 13.81 7.64 -27.94
N SER C 234 12.90 6.84 -27.41
CA SER C 234 13.25 5.74 -26.53
C SER C 234 12.42 4.51 -26.85
N ARG C 235 12.98 3.35 -26.53
CA ARG C 235 12.31 2.08 -26.77
C ARG C 235 11.10 1.93 -25.85
N PRO C 236 10.03 1.29 -26.33
CA PRO C 236 8.90 1.00 -25.45
C PRO C 236 9.35 0.14 -24.27
N SER C 237 8.76 0.40 -23.10
CA SER C 237 9.22 -0.27 -21.91
C SER C 237 8.13 -0.31 -20.87
N PRO C 238 7.92 -1.44 -20.19
CA PRO C 238 6.93 -1.50 -19.10
C PRO C 238 7.47 -1.00 -17.77
N ILE C 239 8.74 -0.59 -17.71
CA ILE C 239 9.41 -0.39 -16.44
C ILE C 239 8.77 0.74 -15.65
N GLY C 240 8.47 1.87 -16.31
CA GLY C 240 7.95 3.01 -15.57
C GLY C 240 6.65 2.71 -14.86
N TYR C 241 5.70 2.09 -15.57
CA TYR C 241 4.40 1.78 -14.99
C TYR C 241 4.52 0.79 -13.84
N LEU C 242 5.27 -0.30 -14.08
CA LEU C 242 5.45 -1.32 -13.05
C LEU C 242 6.06 -0.71 -11.80
N GLY C 243 7.10 0.11 -11.96
CA GLY C 243 7.67 0.80 -10.82
C GLY C 243 6.68 1.72 -10.13
N LEU C 244 5.81 2.39 -10.89
CA LEU C 244 4.88 3.32 -10.27
C LEU C 244 3.81 2.61 -9.46
N LEU C 245 3.50 1.35 -9.77
CA LEU C 245 2.46 0.64 -9.03
C LEU C 245 2.71 0.66 -7.51
N SER C 246 3.96 0.48 -7.09
CA SER C 246 4.27 0.50 -5.66
C SER C 246 4.20 1.91 -5.06
N GLN C 247 4.22 2.95 -5.88
CA GLN C 247 4.16 4.32 -5.38
C GLN C 247 2.75 4.76 -4.99
N ARG C 248 1.71 4.06 -5.46
CA ARG C 248 0.33 4.47 -5.24
C ARG C 248 0.06 4.69 -3.75
N THR C 249 -0.53 5.85 -3.43
CA THR C 249 -0.99 6.26 -2.10
C THR C 249 0.15 6.44 -1.09
N ARG C 250 1.41 6.31 -1.50
CA ARG C 250 2.51 6.41 -0.54
C ARG C 250 2.65 7.81 0.03
N ASP C 251 2.31 8.85 -0.75
CA ASP C 251 2.54 10.22 -0.30
C ASP C 251 1.31 11.12 -0.42
N ILE C 252 0.11 10.54 -0.45
CA ILE C 252 -1.09 11.36 -0.46
C ILE C 252 -1.31 11.99 0.91
N TYR C 253 -1.94 13.16 0.92
CA TYR C 253 -2.32 13.83 2.16
C TYR C 253 -3.70 13.36 2.61
N ILE C 254 -3.96 13.45 3.91
CA ILE C 254 -5.32 13.24 4.41
C ILE C 254 -6.15 14.48 4.12
N SER C 255 -7.38 14.28 3.66
CA SER C 255 -8.32 15.38 3.44
C SER C 255 -9.56 15.28 4.30
N ARG C 256 -9.74 14.20 5.04
CA ARG C 256 -10.80 14.09 6.03
C ARG C 256 -10.39 13.03 7.04
N ARG C 257 -11.12 12.98 8.14
CA ARG C 257 -10.71 12.09 9.23
C ARG C 257 -11.04 10.63 8.95
N LEU C 258 -12.13 10.38 8.23
CA LEU C 258 -12.53 9.02 7.87
C LEU C 258 -12.33 8.88 6.36
N LEU C 259 -11.27 8.20 5.97
CA LEU C 259 -10.95 8.03 4.56
C LEU C 259 -12.02 7.20 3.89
N GLY D 2 52.87 -19.83 1.32
CA GLY D 2 51.91 -18.79 1.63
C GLY D 2 50.92 -19.19 2.70
N GLN D 3 50.17 -20.26 2.44
CA GLN D 3 49.20 -20.75 3.41
C GLN D 3 49.87 -21.42 4.61
N ILE D 4 51.15 -21.76 4.51
CA ILE D 4 51.84 -22.39 5.64
C ILE D 4 51.92 -21.46 6.83
N VAL D 5 52.26 -20.19 6.59
CA VAL D 5 52.32 -19.21 7.67
C VAL D 5 50.93 -18.97 8.25
N THR D 6 49.91 -18.92 7.39
CA THR D 6 48.55 -18.75 7.85
C THR D 6 48.14 -19.89 8.78
N PHE D 7 48.48 -21.12 8.41
CA PHE D 7 48.23 -22.25 9.30
C PHE D 7 49.02 -22.10 10.60
N PHE D 8 50.27 -21.63 10.50
CA PHE D 8 51.08 -21.43 11.70
C PHE D 8 50.45 -20.42 12.65
N GLN D 9 49.65 -19.49 12.12
CA GLN D 9 49.02 -18.48 12.98
C GLN D 9 48.05 -19.12 13.96
N GLU D 10 47.12 -19.96 13.48
CA GLU D 10 46.03 -20.47 14.30
C GLU D 10 46.32 -21.84 14.90
N VAL D 11 47.58 -22.13 15.22
CA VAL D 11 47.92 -23.44 15.80
C VAL D 11 47.18 -23.73 17.10
N PRO D 12 46.95 -22.78 18.02
CA PRO D 12 46.22 -23.15 19.25
C PRO D 12 44.79 -23.59 19.02
N HIS D 13 44.17 -23.20 17.90
CA HIS D 13 42.76 -23.46 17.67
C HIS D 13 42.47 -24.76 16.91
N VAL D 14 43.48 -25.40 16.34
CA VAL D 14 43.26 -26.55 15.48
C VAL D 14 43.97 -27.80 15.99
N ILE D 15 44.59 -27.73 17.17
CA ILE D 15 45.26 -28.90 17.73
C ILE D 15 44.24 -29.97 18.13
N GLU D 16 43.08 -29.54 18.64
CA GLU D 16 42.15 -30.48 19.24
C GLU D 16 41.63 -31.53 18.25
N GLU D 17 41.62 -31.20 16.97
CA GLU D 17 41.13 -32.15 15.97
C GLU D 17 42.13 -33.29 15.78
N VAL D 18 41.59 -34.51 15.67
CA VAL D 18 42.45 -35.69 15.51
C VAL D 18 43.09 -35.72 14.14
N MET D 19 42.35 -35.32 13.10
CA MET D 19 42.90 -35.34 11.74
C MET D 19 44.09 -34.40 11.62
N ASN D 20 44.01 -33.23 12.26
CA ASN D 20 45.13 -32.30 12.24
C ASN D 20 46.35 -32.88 12.93
N ILE D 21 46.15 -33.56 14.05
CA ILE D 21 47.27 -34.20 14.75
C ILE D 21 47.90 -35.26 13.87
N VAL D 22 47.07 -36.06 13.20
CA VAL D 22 47.60 -37.10 12.31
C VAL D 22 48.39 -36.48 11.17
N LEU D 23 47.86 -35.42 10.58
CA LEU D 23 48.56 -34.75 9.49
C LEU D 23 49.89 -34.17 9.94
N ILE D 24 49.92 -33.55 11.12
CA ILE D 24 51.16 -32.97 11.64
C ILE D 24 52.18 -34.07 11.89
N ALA D 25 51.76 -35.16 12.52
CA ALA D 25 52.67 -36.25 12.83
C ALA D 25 53.23 -36.87 11.56
N LEU D 26 52.38 -37.08 10.56
CA LEU D 26 52.84 -37.67 9.30
C LEU D 26 53.78 -36.72 8.56
N SER D 27 53.49 -35.42 8.57
CA SER D 27 54.39 -34.47 7.94
C SER D 27 55.76 -34.46 8.62
N VAL D 28 55.77 -34.49 9.95
CA VAL D 28 57.04 -34.53 10.68
C VAL D 28 57.81 -35.80 10.35
N LEU D 29 57.11 -36.95 10.34
CA LEU D 29 57.77 -38.20 10.03
C LEU D 29 58.34 -38.22 8.61
N ALA D 30 57.57 -37.70 7.65
CA ALA D 30 58.04 -37.66 6.26
C ALA D 30 59.25 -36.74 6.12
N VAL D 31 59.23 -35.58 6.78
CA VAL D 31 60.37 -34.69 6.73
C VAL D 31 61.60 -35.35 7.35
N LEU D 32 61.42 -36.02 8.50
CA LEU D 32 62.55 -36.69 9.15
C LEU D 32 63.12 -37.79 8.28
N LYS D 33 62.26 -38.59 7.65
CA LYS D 33 62.73 -39.67 6.79
C LYS D 33 63.39 -39.14 5.53
N GLY D 34 62.92 -38.01 5.00
CA GLY D 34 63.59 -37.38 3.88
C GLY D 34 64.96 -36.85 4.25
N LEU D 35 65.09 -36.28 5.45
CA LEU D 35 66.39 -35.85 5.94
C LEU D 35 67.31 -37.04 6.19
N TYR D 36 66.75 -38.19 6.55
CA TYR D 36 67.55 -39.38 6.77
C TYR D 36 68.25 -39.82 5.49
N ASN D 37 67.54 -39.77 4.36
CA ASN D 37 68.12 -40.15 3.07
C ASN D 37 69.00 -39.04 2.53
N THR D 59 38.19 -5.33 26.80
CA THR D 59 38.62 -6.05 28.00
C THR D 59 38.06 -7.48 28.01
N SER D 60 37.08 -7.73 27.16
CA SER D 60 36.44 -9.05 27.07
C SER D 60 37.08 -9.82 25.92
N LEU D 61 37.68 -10.97 26.25
CA LEU D 61 38.46 -11.75 25.30
C LEU D 61 37.79 -13.09 25.06
N TYR D 62 37.54 -13.42 23.80
CA TYR D 62 36.88 -14.66 23.40
C TYR D 62 37.82 -15.47 22.53
N LYS D 63 37.82 -16.80 22.75
CA LYS D 63 38.75 -17.71 22.12
C LYS D 63 40.20 -17.30 22.35
N GLY D 64 40.44 -16.52 23.40
CA GLY D 64 41.75 -16.00 23.72
C GLY D 64 42.32 -14.99 22.75
N VAL D 65 41.66 -14.73 21.63
CA VAL D 65 42.27 -13.92 20.59
C VAL D 65 41.30 -12.84 20.07
N TYR D 66 40.04 -12.94 20.46
CA TYR D 66 38.99 -12.06 19.92
C TYR D 66 38.50 -11.13 21.03
N GLU D 67 38.73 -9.83 20.86
CA GLU D 67 38.28 -8.84 21.81
C GLU D 67 36.89 -8.33 21.43
N LEU D 68 36.02 -8.22 22.42
CA LEU D 68 34.66 -7.73 22.20
C LEU D 68 34.66 -6.20 22.22
N GLN D 69 34.16 -5.60 21.15
CA GLN D 69 34.18 -4.16 21.00
C GLN D 69 32.80 -3.68 20.57
N THR D 70 32.55 -2.39 20.81
CA THR D 70 31.24 -1.78 20.56
C THR D 70 31.37 -0.56 19.67
N LEU D 71 30.26 -0.20 19.05
CA LEU D 71 30.10 1.10 18.42
C LEU D 71 28.65 1.52 18.56
N GLU D 72 28.43 2.83 18.60
CA GLU D 72 27.09 3.39 18.67
C GLU D 72 26.91 4.40 17.54
N LEU D 73 25.85 4.23 16.76
CA LEU D 73 25.65 5.09 15.60
C LEU D 73 25.13 6.45 16.03
N ASN D 74 25.63 7.49 15.36
CA ASN D 74 25.14 8.86 15.58
C ASN D 74 24.08 9.11 14.52
N MET D 75 22.83 8.79 14.86
CA MET D 75 21.71 8.98 13.94
C MET D 75 21.49 10.44 13.60
N GLU D 76 21.96 11.36 14.44
CA GLU D 76 21.75 12.79 14.22
C GLU D 76 22.28 13.24 12.88
N THR D 77 23.33 12.58 12.38
CA THR D 77 23.91 12.98 11.10
C THR D 77 22.98 12.72 9.92
N LEU D 78 21.89 11.99 10.14
CA LEU D 78 20.88 11.73 9.11
C LEU D 78 19.85 12.85 8.98
N ASN D 79 19.97 13.92 9.78
CA ASN D 79 18.86 14.88 9.92
C ASN D 79 18.49 15.54 8.60
N MET D 80 19.44 15.69 7.67
CA MET D 80 19.15 16.42 6.44
C MET D 80 18.27 15.65 5.46
N THR D 81 18.13 14.33 5.62
CA THR D 81 17.38 13.54 4.65
C THR D 81 16.25 12.70 5.24
N MET D 82 16.11 12.62 6.56
CA MET D 82 15.00 11.85 7.12
C MET D 82 14.66 12.36 8.52
N PRO D 83 13.42 12.22 8.95
CA PRO D 83 13.04 12.68 10.30
C PRO D 83 13.66 11.80 11.37
N LEU D 84 13.89 12.42 12.53
CA LEU D 84 14.47 11.74 13.67
C LEU D 84 13.55 11.90 14.88
N SER D 85 13.09 10.78 15.42
CA SER D 85 12.24 10.81 16.60
C SER D 85 13.08 10.59 17.86
N CYS D 86 12.67 11.24 18.95
CA CYS D 86 13.27 10.96 20.24
C CYS D 86 12.28 11.31 21.34
N THR D 87 12.62 10.88 22.56
CA THR D 87 11.76 11.05 23.72
C THR D 87 12.48 11.89 24.76
N LYS D 88 11.80 12.95 25.23
CA LYS D 88 12.37 13.76 26.30
C LYS D 88 12.03 13.18 27.66
N ASN D 89 10.75 12.89 27.91
CA ASN D 89 10.32 12.26 29.15
C ASN D 89 9.00 11.54 28.87
N ASN D 90 8.32 11.11 29.93
CA ASN D 90 7.09 10.34 29.77
C ASN D 90 6.11 11.07 28.87
N SER D 91 5.96 12.37 29.05
CA SER D 91 4.91 13.14 28.42
C SER D 91 5.31 13.76 27.08
N HIS D 92 6.59 14.07 26.88
CA HIS D 92 7.01 14.87 25.73
C HIS D 92 7.90 14.06 24.81
N HIS D 93 7.57 14.07 23.51
CA HIS D 93 8.26 13.30 22.49
C HIS D 93 8.31 14.15 21.24
N TYR D 94 9.30 13.91 20.38
CA TYR D 94 9.54 14.81 19.27
C TYR D 94 9.88 14.02 18.02
N ILE D 95 9.50 14.58 16.87
CA ILE D 95 10.02 14.13 15.59
C ILE D 95 10.54 15.36 14.85
N MET D 96 11.83 15.36 14.57
CA MET D 96 12.54 16.52 14.05
C MET D 96 12.79 16.34 12.57
N VAL D 97 12.55 17.40 11.80
CA VAL D 97 12.76 17.41 10.36
C VAL D 97 13.80 18.50 10.10
N GLY D 98 15.03 18.08 9.81
CA GLY D 98 16.09 19.04 9.61
C GLY D 98 16.53 19.68 10.92
N ASN D 99 17.24 20.81 10.80
CA ASN D 99 17.73 21.53 11.95
C ASN D 99 16.84 22.71 12.34
N GLU D 100 15.65 22.82 11.78
CA GLU D 100 14.82 24.00 11.96
C GLU D 100 13.38 23.75 12.41
N THR D 101 12.82 22.57 12.19
CA THR D 101 11.40 22.38 12.44
C THR D 101 11.12 20.95 12.89
N GLY D 102 9.93 20.75 13.43
CA GLY D 102 9.53 19.42 13.80
C GLY D 102 8.14 19.43 14.42
N LEU D 103 7.78 18.28 14.97
CA LEU D 103 6.52 18.07 15.66
C LEU D 103 6.79 17.68 17.11
N GLU D 104 6.07 18.30 18.02
CA GLU D 104 6.04 17.95 19.43
C GLU D 104 4.77 17.14 19.69
N LEU D 105 4.95 15.92 20.19
CA LEU D 105 3.86 15.02 20.56
C LEU D 105 3.83 14.91 22.07
N THR D 106 2.74 15.35 22.66
CA THR D 106 2.57 15.38 24.10
C THR D 106 1.40 14.50 24.49
N LEU D 107 1.63 13.58 25.42
CA LEU D 107 0.54 12.89 26.10
C LEU D 107 0.17 13.74 27.30
N THR D 108 -1.11 14.10 27.41
CA THR D 108 -1.49 15.08 28.41
C THR D 108 -2.96 14.94 28.76
N ASN D 109 -3.27 15.35 29.99
CA ASN D 109 -4.65 15.48 30.43
C ASN D 109 -5.25 16.84 30.10
N THR D 110 -4.45 17.78 29.61
CA THR D 110 -4.91 19.15 29.33
C THR D 110 -5.10 19.29 27.82
N SER D 111 -6.37 19.30 27.39
CA SER D 111 -6.66 19.54 25.98
C SER D 111 -6.53 21.02 25.66
N ILE D 112 -6.13 21.31 24.42
CA ILE D 112 -6.02 22.69 23.96
C ILE D 112 -7.02 23.02 22.85
N ILE D 113 -7.77 22.04 22.36
CA ILE D 113 -8.83 22.27 21.39
C ILE D 113 -10.13 21.75 21.98
N ASN D 114 -11.18 22.57 21.92
CA ASN D 114 -12.49 22.23 22.46
C ASN D 114 -13.57 22.45 21.42
N HIS D 115 -13.31 21.99 20.21
CA HIS D 115 -14.31 21.95 19.15
C HIS D 115 -14.15 20.64 18.39
N LYS D 116 -15.07 20.37 17.47
CA LYS D 116 -15.10 19.11 16.74
C LYS D 116 -14.60 19.23 15.30
N PHE D 117 -14.01 20.36 14.94
CA PHE D 117 -13.58 20.59 13.57
C PHE D 117 -12.17 20.05 13.32
N CYS D 118 -11.93 19.66 12.08
CA CYS D 118 -10.59 19.42 11.55
C CYS D 118 -10.67 19.82 10.07
N ASN D 119 -10.37 21.09 9.79
CA ASN D 119 -10.63 21.70 8.49
C ASN D 119 -9.46 21.42 7.53
N LEU D 120 -9.30 20.14 7.21
CA LEU D 120 -8.17 19.72 6.39
C LEU D 120 -8.24 20.31 4.98
N SER D 121 -9.42 20.29 4.36
CA SER D 121 -9.55 20.76 2.98
C SER D 121 -9.22 22.24 2.87
N ASP D 122 -9.68 23.05 3.83
CA ASP D 122 -9.33 24.46 3.84
C ASP D 122 -7.83 24.66 4.03
N ALA D 123 -7.21 23.85 4.89
CA ALA D 123 -5.77 23.91 5.08
C ALA D 123 -5.03 23.64 3.77
N HIS D 124 -5.48 22.61 3.04
CA HIS D 124 -4.88 22.31 1.73
C HIS D 124 -5.06 23.47 0.76
N LYS D 125 -6.28 23.99 0.67
CA LYS D 125 -6.56 25.08 -0.27
C LYS D 125 -5.67 26.28 0.02
N LYS D 126 -5.46 26.60 1.30
CA LYS D 126 -4.63 27.75 1.63
C LYS D 126 -3.14 27.45 1.42
N ASN D 127 -2.72 26.21 1.65
CA ASN D 127 -1.35 25.76 1.34
C ASN D 127 -0.30 26.58 2.09
N LEU D 128 -0.50 26.76 3.39
CA LEU D 128 0.44 27.52 4.20
C LEU D 128 1.32 26.66 5.08
N TYR D 129 0.96 25.40 5.31
CA TYR D 129 1.70 24.56 6.24
C TYR D 129 3.01 24.08 5.62
N ASP D 130 3.87 23.50 6.48
CA ASP D 130 5.10 22.88 6.02
C ASP D 130 4.75 21.51 5.43
N HIS D 131 5.15 21.26 4.18
CA HIS D 131 4.69 20.08 3.47
C HIS D 131 5.22 18.80 4.11
N ALA D 132 6.47 18.82 4.60
CA ALA D 132 7.01 17.66 5.29
C ALA D 132 6.20 17.34 6.55
N LEU D 133 5.86 18.36 7.33
CA LEU D 133 5.10 18.14 8.56
C LEU D 133 3.72 17.60 8.26
N MET D 134 3.04 18.15 7.25
CA MET D 134 1.74 17.61 6.87
C MET D 134 1.87 16.16 6.39
N SER D 135 2.97 15.84 5.72
CA SER D 135 3.23 14.46 5.32
C SER D 135 3.31 13.55 6.54
N ILE D 136 4.04 13.98 7.57
CA ILE D 136 4.17 13.19 8.79
C ILE D 136 2.82 13.01 9.45
N ILE D 137 2.04 14.09 9.55
CA ILE D 137 0.71 14.03 10.15
C ILE D 137 -0.15 13.02 9.39
N SER D 138 -0.10 13.07 8.07
CA SER D 138 -0.88 12.16 7.24
C SER D 138 -0.46 10.72 7.47
N THR D 139 0.84 10.48 7.51
CA THR D 139 1.33 9.11 7.75
C THR D 139 0.84 8.60 9.09
N PHE D 140 0.97 9.42 10.13
CA PHE D 140 0.48 9.03 11.45
C PHE D 140 -1.00 8.66 11.39
N HIS D 141 -1.83 9.55 10.87
CA HIS D 141 -3.28 9.31 10.91
C HIS D 141 -3.66 8.10 10.06
N LEU D 142 -3.06 7.95 8.89
CA LEU D 142 -3.35 6.83 8.01
C LEU D 142 -2.85 5.51 8.58
N SER D 143 -1.91 5.54 9.53
CA SER D 143 -1.41 4.31 10.12
C SER D 143 -2.26 3.80 11.28
N ILE D 144 -3.20 4.58 11.78
CA ILE D 144 -4.02 4.17 12.93
C ILE D 144 -4.89 2.99 12.51
N PRO D 145 -4.95 1.91 13.29
CA PRO D 145 -5.84 0.79 12.95
C PRO D 145 -7.27 1.04 13.43
N ASN D 146 -8.24 0.84 12.53
CA ASN D 146 -9.65 0.77 12.88
C ASN D 146 -10.20 2.10 13.40
N PHE D 147 -9.65 3.22 12.98
CA PHE D 147 -10.14 4.53 13.39
C PHE D 147 -11.55 4.73 12.84
N ASN D 148 -12.54 4.89 13.74
CA ASN D 148 -13.91 5.01 13.26
C ASN D 148 -14.74 6.04 14.04
N GLN D 149 -14.11 6.98 14.75
CA GLN D 149 -14.82 8.00 15.52
C GLN D 149 -14.22 9.35 15.13
N TYR D 150 -14.78 9.97 14.09
CA TYR D 150 -14.17 11.19 13.57
C TYR D 150 -14.21 12.32 14.59
N GLU D 151 -15.17 12.29 15.52
CA GLU D 151 -15.23 13.31 16.57
C GLU D 151 -14.03 13.25 17.50
N ALA D 152 -13.34 12.11 17.59
CA ALA D 152 -12.20 11.97 18.48
C ALA D 152 -10.99 12.75 18.03
N MET D 153 -10.98 13.28 16.81
CA MET D 153 -9.82 14.01 16.29
C MET D 153 -10.25 15.44 15.94
N SER D 154 -9.55 16.40 16.51
CA SER D 154 -9.80 17.82 16.28
C SER D 154 -8.50 18.46 15.82
N CYS D 155 -8.60 19.57 15.09
CA CYS D 155 -7.42 20.15 14.47
C CYS D 155 -7.52 21.67 14.45
N ASP D 156 -6.37 22.31 14.29
CA ASP D 156 -6.27 23.73 13.97
C ASP D 156 -5.09 23.93 13.04
N PHE D 157 -5.37 24.45 11.85
CA PHE D 157 -4.35 24.66 10.82
C PHE D 157 -4.22 26.13 10.42
N ASN D 158 -4.91 27.03 11.10
CA ASN D 158 -4.92 28.43 10.69
C ASN D 158 -3.51 29.00 10.71
N GLY D 159 -3.18 29.76 9.67
CA GLY D 159 -1.87 30.37 9.54
C GLY D 159 -0.76 29.43 9.14
N GLY D 160 -1.08 28.21 8.74
CA GLY D 160 -0.06 27.25 8.38
C GLY D 160 0.49 26.44 9.53
N LYS D 161 0.09 26.74 10.77
CA LYS D 161 0.53 25.92 11.89
C LYS D 161 -0.14 24.55 11.81
N ILE D 162 0.41 23.61 12.56
CA ILE D 162 -0.16 22.26 12.64
C ILE D 162 -0.46 21.99 14.10
N SER D 163 -1.75 21.85 14.41
CA SER D 163 -2.19 21.41 15.74
C SER D 163 -3.22 20.31 15.55
N VAL D 164 -2.92 19.12 16.05
CA VAL D 164 -3.81 17.97 15.96
C VAL D 164 -4.00 17.40 17.35
N GLN D 165 -5.25 17.17 17.74
CA GLN D 165 -5.58 16.66 19.07
C GLN D 165 -6.40 15.40 18.92
N TYR D 166 -5.92 14.31 19.50
CA TYR D 166 -6.63 13.04 19.55
C TYR D 166 -7.17 12.86 20.96
N ASN D 167 -8.47 12.69 21.06
CA ASN D 167 -9.17 12.44 22.32
C ASN D 167 -9.10 10.96 22.66
N LEU D 168 -8.45 10.62 23.76
CA LEU D 168 -8.25 9.22 24.14
C LEU D 168 -9.29 8.70 25.12
N SER D 169 -10.27 9.49 25.52
CA SER D 169 -11.22 9.01 26.53
C SER D 169 -12.15 7.95 25.95
N HIS D 170 -12.67 7.12 26.83
CA HIS D 170 -13.53 6.03 26.41
C HIS D 170 -15.00 6.35 26.69
N ASN D 178 -13.73 -3.49 27.04
CA ASN D 178 -12.53 -3.95 26.36
C ASN D 178 -11.77 -2.79 25.74
N HIS D 179 -10.48 -2.69 26.05
CA HIS D 179 -9.65 -1.60 25.58
C HIS D 179 -9.21 -1.76 24.13
N CYS D 180 -9.35 -2.95 23.56
CA CYS D 180 -8.80 -3.21 22.23
C CYS D 180 -9.58 -2.48 21.14
N GLY D 181 -10.90 -2.47 21.22
CA GLY D 181 -11.70 -1.83 20.20
C GLY D 181 -12.02 -0.38 20.49
N THR D 182 -11.00 0.42 20.81
CA THR D 182 -11.17 1.82 21.17
C THR D 182 -10.23 2.69 20.35
N VAL D 183 -10.62 3.96 20.20
CA VAL D 183 -9.74 4.91 19.51
C VAL D 183 -8.42 5.04 20.25
N ALA D 184 -8.47 5.02 21.58
CA ALA D 184 -7.26 5.21 22.38
C ALA D 184 -6.23 4.15 22.05
N ASN D 185 -6.66 2.89 21.90
CA ASN D 185 -5.72 1.83 21.59
C ASN D 185 -5.04 2.05 20.24
N GLY D 186 -5.83 2.34 19.21
CA GLY D 186 -5.24 2.53 17.89
C GLY D 186 -4.28 3.72 17.83
N VAL D 187 -4.72 4.85 18.40
CA VAL D 187 -3.86 6.03 18.43
C VAL D 187 -2.56 5.72 19.16
N LEU D 188 -2.66 5.04 20.30
CA LEU D 188 -1.48 4.73 21.09
C LEU D 188 -0.55 3.76 20.38
N GLN D 189 -1.09 2.78 19.66
CA GLN D 189 -0.23 1.88 18.89
C GLN D 189 0.58 2.66 17.88
N THR D 190 -0.10 3.57 17.15
CA THR D 190 0.61 4.39 16.17
C THR D 190 1.64 5.28 16.84
N PHE D 191 1.29 5.88 17.98
CA PHE D 191 2.22 6.74 18.70
C PHE D 191 3.46 5.94 19.15
N MET D 192 3.23 4.73 19.66
CA MET D 192 4.33 3.90 20.12
C MET D 192 5.29 3.57 18.99
N ARG D 193 4.75 3.29 17.79
CA ARG D 193 5.65 3.06 16.67
C ARG D 193 6.35 4.33 16.21
N MET D 194 5.62 5.44 16.15
CA MET D 194 6.19 6.69 15.64
C MET D 194 7.33 7.21 16.52
N ALA D 195 7.13 7.18 17.83
CA ALA D 195 8.17 7.58 18.79
C ALA D 195 8.89 6.37 19.36
N TRP D 196 9.12 5.33 18.54
CA TRP D 196 9.70 4.10 19.04
C TRP D 196 11.05 4.37 19.69
N GLY D 197 11.22 3.82 20.89
CA GLY D 197 12.35 4.17 21.72
C GLY D 197 11.95 5.32 22.62
N GLY D 198 11.75 5.05 23.90
CA GLY D 198 11.27 6.06 24.81
C GLY D 198 9.76 6.22 24.84
N SER D 199 9.02 5.53 23.97
CA SER D 199 7.57 5.53 24.07
C SER D 199 7.10 4.66 25.23
N TYR D 200 7.77 3.54 25.45
CA TYR D 200 7.30 2.53 26.39
C TYR D 200 7.09 3.08 27.79
N ILE D 201 7.86 4.09 28.20
CA ILE D 201 7.74 4.61 29.55
C ILE D 201 6.35 5.19 29.79
N ALA D 202 5.75 5.80 28.77
CA ALA D 202 4.43 6.36 28.95
C ALA D 202 3.32 5.34 28.74
N LEU D 203 3.65 4.14 28.32
CA LEU D 203 2.68 3.22 27.74
C LEU D 203 2.60 1.92 28.53
N ASP D 204 1.51 1.19 28.28
CA ASP D 204 1.23 -0.11 28.89
C ASP D 204 1.14 -0.02 30.41
N SER D 205 0.76 1.14 30.94
CA SER D 205 0.46 1.23 32.36
C SER D 205 -0.72 0.34 32.72
N GLY D 206 -1.80 0.43 31.96
CA GLY D 206 -2.89 -0.52 32.06
C GLY D 206 -2.72 -1.64 31.06
N ARG D 207 -2.19 -2.76 31.53
CA ARG D 207 -1.89 -3.88 30.64
C ARG D 207 -3.17 -4.41 30.00
N GLY D 208 -3.10 -4.69 28.69
CA GLY D 208 -4.26 -5.07 27.93
C GLY D 208 -4.10 -6.43 27.27
N ASN D 209 -5.22 -6.93 26.73
CA ASN D 209 -5.21 -8.18 26.01
C ASN D 209 -4.53 -8.02 24.65
N TRP D 210 -3.86 -9.10 24.22
CA TRP D 210 -3.14 -9.14 22.95
C TRP D 210 -2.11 -8.01 22.95
N ASP D 211 -2.02 -7.22 21.89
CA ASP D 211 -1.04 -6.14 21.78
C ASP D 211 -1.64 -4.79 22.17
N CYS D 212 -2.75 -4.78 22.90
CA CYS D 212 -3.48 -3.55 23.13
C CYS D 212 -2.85 -2.72 24.25
N ILE D 213 -2.92 -1.40 24.08
CA ILE D 213 -2.25 -0.43 24.93
C ILE D 213 -3.30 0.41 25.65
N MET D 214 -3.05 0.70 26.92
CA MET D 214 -3.86 1.64 27.69
C MET D 214 -2.94 2.52 28.52
N THR D 215 -3.29 3.81 28.62
CA THR D 215 -2.57 4.75 29.45
C THR D 215 -3.57 5.55 30.29
N SER D 216 -3.04 6.39 31.18
CA SER D 216 -3.86 7.27 32.00
C SER D 216 -4.07 8.64 31.38
N TYR D 217 -3.54 8.87 30.18
CA TYR D 217 -3.61 10.17 29.51
C TYR D 217 -4.90 10.27 28.69
N GLN D 218 -5.52 11.44 28.74
CA GLN D 218 -6.77 11.66 28.03
C GLN D 218 -6.58 12.26 26.64
N TYR D 219 -5.38 12.72 26.29
CA TYR D 219 -5.18 13.41 25.01
C TYR D 219 -3.79 13.16 24.48
N LEU D 220 -3.69 13.03 23.16
CA LEU D 220 -2.42 13.06 22.44
C LEU D 220 -2.42 14.26 21.53
N ILE D 221 -1.47 15.16 21.71
CA ILE D 221 -1.47 16.45 21.01
C ILE D 221 -0.19 16.56 20.20
N ILE D 222 -0.34 16.93 18.92
CA ILE D 222 0.75 17.02 17.97
C ILE D 222 0.77 18.46 17.45
N GLN D 223 1.82 19.21 17.76
CA GLN D 223 1.93 20.60 17.32
C GLN D 223 3.30 20.87 16.70
N ASN D 224 3.36 21.74 15.69
CA ASN D 224 4.67 22.07 15.15
C ASN D 224 5.49 22.81 16.21
N THR D 225 6.82 22.69 16.08
CA THR D 225 7.75 23.30 17.02
C THR D 225 9.06 23.58 16.28
N THR D 226 9.89 24.42 16.89
CA THR D 226 11.20 24.74 16.34
C THR D 226 12.25 23.77 16.88
N TRP D 227 13.41 23.76 16.25
CA TRP D 227 14.41 22.76 16.60
C TRP D 227 15.05 23.06 17.94
N GLU D 228 15.27 22.00 18.72
CA GLU D 228 15.95 22.05 19.99
C GLU D 228 16.37 20.61 20.31
N ASP D 229 17.44 20.45 21.08
CA ASP D 229 17.89 19.12 21.48
C ASP D 229 17.06 18.65 22.66
N HIS D 230 16.02 17.88 22.39
CA HIS D 230 15.10 17.39 23.40
C HIS D 230 15.40 15.96 23.84
N CYS D 231 16.39 15.30 23.25
CA CYS D 231 16.51 13.84 23.34
C CYS D 231 17.24 13.43 24.62
N GLN D 232 16.56 13.66 25.75
CA GLN D 232 17.15 13.32 27.04
C GLN D 232 16.97 11.84 27.38
N PHE D 233 15.84 11.26 27.03
CA PHE D 233 15.56 9.88 27.41
C PHE D 233 15.99 8.84 26.38
N SER D 234 15.85 9.14 25.09
CA SER D 234 16.26 8.21 24.06
C SER D 234 16.99 8.97 22.96
N ARG D 235 17.89 8.26 22.28
CA ARG D 235 18.66 8.86 21.20
C ARG D 235 17.75 9.12 20.00
N PRO D 236 18.00 10.18 19.24
CA PRO D 236 17.23 10.39 18.00
C PRO D 236 17.39 9.21 17.06
N SER D 237 16.31 8.89 16.35
CA SER D 237 16.31 7.74 15.45
C SER D 237 15.28 7.92 14.35
N PRO D 238 15.58 7.47 13.13
CA PRO D 238 14.58 7.50 12.05
C PRO D 238 13.74 6.23 11.96
N ILE D 239 13.98 5.26 12.84
CA ILE D 239 13.43 3.90 12.66
C ILE D 239 11.91 3.90 12.76
N GLY D 240 11.34 4.60 13.73
CA GLY D 240 9.91 4.55 13.92
C GLY D 240 9.14 5.05 12.70
N TYR D 241 9.55 6.19 12.17
CA TYR D 241 8.88 6.78 11.02
C TYR D 241 9.00 5.89 9.79
N LEU D 242 10.22 5.41 9.54
CA LEU D 242 10.46 4.54 8.39
C LEU D 242 9.61 3.28 8.48
N GLY D 243 9.53 2.69 9.67
CA GLY D 243 8.66 1.55 9.87
C GLY D 243 7.19 1.87 9.63
N LEU D 244 6.72 3.02 10.12
CA LEU D 244 5.32 3.38 9.91
C LEU D 244 4.97 3.61 8.45
N LEU D 245 5.94 3.95 7.61
CA LEU D 245 5.63 4.21 6.21
C LEU D 245 4.88 3.04 5.56
N SER D 246 5.25 1.79 5.90
CA SER D 246 4.57 0.62 5.35
C SER D 246 3.22 0.36 6.02
N GLN D 247 2.96 0.95 7.17
CA GLN D 247 1.68 0.77 7.85
C GLN D 247 0.56 1.62 7.26
N ARG D 248 0.89 2.63 6.46
CA ARG D 248 -0.12 3.56 5.95
C ARG D 248 -1.24 2.82 5.23
N THR D 249 -2.48 3.19 5.58
CA THR D 249 -3.72 2.67 4.99
C THR D 249 -3.92 1.16 5.20
N ARG D 250 -3.02 0.49 5.92
CA ARG D 250 -3.13 -0.96 6.05
C ARG D 250 -4.38 -1.38 6.82
N ASP D 251 -4.85 -0.57 7.77
CA ASP D 251 -5.97 -0.97 8.61
C ASP D 251 -7.07 0.10 8.65
N ILE D 252 -7.18 0.93 7.62
CA ILE D 252 -8.27 1.89 7.57
C ILE D 252 -9.57 1.16 7.22
N TYR D 253 -10.69 1.71 7.69
CA TYR D 253 -12.02 1.23 7.35
C TYR D 253 -12.53 1.92 6.09
N ILE D 254 -13.42 1.23 5.37
CA ILE D 254 -14.16 1.90 4.30
C ILE D 254 -15.23 2.80 4.91
N SER D 255 -15.32 4.03 4.41
CA SER D 255 -16.38 4.95 4.80
C SER D 255 -17.38 5.23 3.70
N ARG D 256 -17.03 4.92 2.45
CA ARG D 256 -17.96 5.02 1.33
C ARG D 256 -17.59 3.95 0.32
N ARG D 257 -18.48 3.75 -0.65
CA ARG D 257 -18.30 2.64 -1.58
C ARG D 257 -17.24 2.94 -2.64
N LEU D 258 -17.10 4.19 -3.07
CA LEU D 258 -16.13 4.56 -4.10
C LEU D 258 -14.89 5.24 -3.52
N LEU D 259 -14.74 5.27 -2.21
CA LEU D 259 -13.57 5.83 -1.53
C LEU D 259 -13.30 7.28 -1.91
N GLY E 1 7.36 -8.41 0.05
CA GLY E 1 7.66 -9.79 -0.32
C GLY E 1 8.83 -9.97 -1.27
N THR E 2 8.94 -11.17 -1.82
CA THR E 2 10.08 -11.51 -2.67
C THR E 2 9.56 -12.24 -3.90
N PHE E 3 10.23 -12.05 -5.03
CA PHE E 3 9.80 -12.68 -6.26
C PHE E 3 9.81 -14.20 -6.11
N THR E 4 8.87 -14.87 -6.79
CA THR E 4 8.74 -16.32 -6.71
C THR E 4 8.51 -17.02 -8.04
N TRP E 5 8.33 -16.29 -9.14
CA TRP E 5 7.99 -16.91 -10.42
C TRP E 5 9.12 -17.82 -10.90
N THR E 6 8.78 -19.07 -11.18
CA THR E 6 9.73 -20.04 -11.70
C THR E 6 9.72 -20.01 -13.22
N LEU E 7 10.91 -20.02 -13.82
CA LEU E 7 11.01 -19.97 -15.28
C LEU E 7 10.56 -21.30 -15.88
N SER E 8 9.85 -21.22 -17.01
CA SER E 8 9.35 -22.40 -17.67
C SER E 8 10.49 -23.22 -18.27
N ASP E 9 10.16 -24.44 -18.70
CA ASP E 9 11.16 -25.35 -19.24
C ASP E 9 11.83 -24.75 -20.46
N SER E 10 13.14 -24.94 -20.55
CA SER E 10 13.94 -24.28 -21.58
C SER E 10 13.61 -24.80 -22.97
N GLU E 11 13.78 -23.92 -23.95
CA GLU E 11 13.54 -24.25 -25.35
C GLU E 11 14.77 -24.80 -26.05
N GLY E 12 15.88 -24.99 -25.35
CA GLY E 12 17.09 -25.46 -25.98
C GLY E 12 17.68 -26.71 -25.35
N LYS E 13 17.98 -27.72 -26.17
CA LYS E 13 18.61 -28.92 -25.68
C LYS E 13 20.06 -28.69 -25.26
N ASP E 14 20.70 -27.63 -25.76
CA ASP E 14 22.04 -27.28 -25.33
C ASP E 14 22.08 -26.81 -23.88
N THR E 15 20.96 -26.30 -23.37
CA THR E 15 20.87 -25.78 -22.00
C THR E 15 19.66 -26.43 -21.34
N PRO E 16 19.81 -27.66 -20.82
CA PRO E 16 18.65 -28.39 -20.29
C PRO E 16 17.95 -27.67 -19.14
N GLY E 17 18.69 -26.98 -18.28
CA GLY E 17 18.09 -26.25 -17.20
C GLY E 17 18.18 -24.75 -17.36
N GLY E 18 18.49 -24.29 -18.56
CA GLY E 18 18.70 -22.89 -18.84
C GLY E 18 17.43 -22.19 -19.27
N TYR E 19 17.59 -21.18 -20.12
CA TYR E 19 16.45 -20.46 -20.65
C TYR E 19 16.83 -19.85 -22.00
N CYS E 20 15.92 -19.91 -22.95
CA CYS E 20 16.17 -19.43 -24.30
C CYS E 20 15.27 -18.24 -24.60
N LEU E 21 15.89 -17.14 -25.03
CA LEU E 21 15.17 -15.98 -25.55
C LEU E 21 14.96 -16.19 -27.05
N THR E 22 13.71 -16.21 -27.47
CA THR E 22 13.38 -16.47 -28.87
C THR E 22 13.73 -15.27 -29.74
N ARG E 23 13.60 -15.46 -31.05
CA ARG E 23 13.92 -14.39 -31.99
C ARG E 23 13.01 -13.19 -31.81
N TRP E 24 11.79 -13.42 -31.31
CA TRP E 24 10.85 -12.31 -31.11
C TRP E 24 11.22 -11.49 -29.88
N MET E 25 11.77 -12.13 -28.84
CA MET E 25 12.15 -11.43 -27.63
C MET E 25 13.36 -10.54 -27.80
N LEU E 26 14.06 -10.62 -28.93
CA LEU E 26 15.32 -9.92 -29.12
C LEU E 26 15.22 -9.00 -30.32
N ILE E 27 15.93 -7.87 -30.25
CA ILE E 27 15.80 -6.85 -31.29
C ILE E 27 16.33 -7.37 -32.62
N GLU E 28 17.52 -7.97 -32.62
CA GLU E 28 17.97 -8.73 -33.77
C GLU E 28 17.35 -10.13 -33.68
N ALA E 29 16.45 -10.44 -34.60
CA ALA E 29 15.61 -11.62 -34.44
C ALA E 29 16.44 -12.88 -34.61
N GLU E 30 16.83 -13.49 -33.49
CA GLU E 30 17.53 -14.77 -33.47
C GLU E 30 17.55 -15.31 -32.05
N LEU E 31 17.65 -16.64 -31.95
CA LEU E 31 17.55 -17.32 -30.67
C LEU E 31 18.84 -17.15 -29.86
N LYS E 32 18.71 -17.02 -28.54
CA LYS E 32 19.86 -16.94 -27.64
C LYS E 32 19.55 -17.73 -26.38
N CYS E 33 20.30 -18.82 -26.17
CA CYS E 33 20.06 -19.72 -25.04
C CYS E 33 21.14 -19.56 -23.98
N PHE E 34 20.72 -19.60 -22.72
CA PHE E 34 21.61 -19.43 -21.58
C PHE E 34 21.53 -20.68 -20.71
N GLY E 35 22.69 -21.07 -20.16
CA GLY E 35 22.80 -22.34 -19.49
C GLY E 35 22.20 -22.37 -18.10
N ASN E 36 22.20 -23.58 -17.52
CA ASN E 36 21.71 -23.76 -16.16
C ASN E 36 22.51 -22.94 -15.15
N THR E 37 23.81 -22.78 -15.37
CA THR E 37 24.65 -22.09 -14.40
C THR E 37 24.28 -20.61 -14.31
N ALA E 38 24.19 -19.93 -15.44
CA ALA E 38 23.81 -18.52 -15.42
C ALA E 38 22.38 -18.35 -14.96
N VAL E 39 21.47 -19.21 -15.43
CA VAL E 39 20.05 -19.05 -15.12
C VAL E 39 19.76 -19.33 -13.64
N ALA E 40 20.48 -20.28 -13.03
CA ALA E 40 20.26 -20.61 -11.63
C ALA E 40 20.56 -19.44 -10.70
N LYS E 41 21.41 -18.49 -11.13
CA LYS E 41 21.63 -17.29 -10.32
C LYS E 41 20.35 -16.48 -10.16
N CYS E 42 19.50 -16.47 -11.20
CA CYS E 42 18.24 -15.75 -11.13
C CYS E 42 17.34 -16.26 -10.02
N ASN E 43 17.51 -17.51 -9.58
CA ASN E 43 16.67 -18.08 -8.53
C ASN E 43 16.91 -17.44 -7.18
N GLU E 44 18.06 -16.81 -6.95
CA GLU E 44 18.38 -16.28 -5.63
C GLU E 44 18.84 -14.83 -5.59
N LYS E 45 19.31 -14.26 -6.70
CA LYS E 45 19.76 -12.88 -6.69
C LYS E 45 18.59 -11.92 -6.59
N HIS E 46 18.83 -10.78 -5.96
CA HIS E 46 17.84 -9.73 -5.80
C HIS E 46 18.18 -8.46 -6.57
N ASP E 47 19.36 -8.39 -7.20
CA ASP E 47 19.82 -7.13 -7.80
C ASP E 47 20.21 -7.29 -9.27
N GLU E 48 19.68 -8.29 -9.96
CA GLU E 48 20.02 -8.56 -11.35
C GLU E 48 18.83 -8.21 -12.22
N GLU E 49 18.95 -7.15 -13.02
CA GLU E 49 17.86 -6.70 -13.87
C GLU E 49 17.47 -7.77 -14.90
N PHE E 50 18.47 -8.45 -15.48
CA PHE E 50 18.20 -9.45 -16.51
C PHE E 50 17.29 -10.56 -15.99
N CYS E 51 17.44 -10.94 -14.73
CA CYS E 51 16.59 -11.98 -14.15
C CYS E 51 15.14 -11.53 -14.04
N ASP E 52 14.92 -10.28 -13.60
CA ASP E 52 13.56 -9.77 -13.55
C ASP E 52 12.95 -9.73 -14.95
N MET E 53 13.73 -9.34 -15.95
CA MET E 53 13.19 -9.32 -17.32
C MET E 53 12.91 -10.73 -17.84
N LEU E 54 13.76 -11.70 -17.50
CA LEU E 54 13.46 -13.08 -17.87
C LEU E 54 12.14 -13.52 -17.26
N ARG E 55 11.90 -13.18 -15.99
CA ARG E 55 10.64 -13.52 -15.36
C ARG E 55 9.47 -12.84 -16.05
N LEU E 56 9.64 -11.56 -16.43
CA LEU E 56 8.57 -10.84 -17.12
C LEU E 56 8.22 -11.48 -18.46
N PHE E 57 9.24 -11.75 -19.28
CA PHE E 57 9.00 -12.38 -20.56
C PHE E 57 8.39 -13.76 -20.41
N ASP E 58 8.89 -14.54 -19.45
CA ASP E 58 8.34 -15.87 -19.22
C ASP E 58 6.88 -15.80 -18.81
N PHE E 59 6.54 -14.86 -17.92
CA PHE E 59 5.16 -14.67 -17.53
C PHE E 59 4.29 -14.27 -18.71
N ASN E 60 4.79 -13.37 -19.56
CA ASN E 60 4.04 -12.99 -20.76
C ASN E 60 3.76 -14.21 -21.63
N LYS E 61 4.80 -15.01 -21.90
CA LYS E 61 4.64 -16.24 -22.69
C LYS E 61 3.60 -17.17 -22.08
N GLN E 62 3.73 -17.44 -20.77
CA GLN E 62 2.84 -18.41 -20.14
C GLN E 62 1.41 -17.88 -20.09
N ALA E 63 1.24 -16.58 -19.83
CA ALA E 63 -0.10 -16.00 -19.80
C ALA E 63 -0.77 -16.12 -21.16
N ILE E 64 -0.04 -15.80 -22.22
CA ILE E 64 -0.61 -15.94 -23.56
C ILE E 64 -0.95 -17.40 -23.86
N GLN E 65 -0.05 -18.31 -23.50
CA GLN E 65 -0.26 -19.72 -23.83
C GLN E 65 -1.42 -20.33 -23.06
N ARG E 66 -1.51 -20.06 -21.76
CA ARG E 66 -2.41 -20.78 -20.87
C ARG E 66 -3.75 -20.10 -20.64
N LEU E 67 -3.86 -18.82 -20.94
CA LEU E 67 -5.12 -18.10 -20.80
C LEU E 67 -5.68 -17.76 -22.17
N LYS E 68 -6.99 -17.55 -22.22
CA LYS E 68 -7.65 -17.17 -23.46
C LYS E 68 -7.35 -15.69 -23.70
N ALA E 69 -6.30 -15.44 -24.48
CA ALA E 69 -5.84 -14.09 -24.74
C ALA E 69 -6.81 -13.33 -25.63
N GLU E 70 -6.71 -12.00 -25.60
CA GLU E 70 -7.52 -11.14 -26.44
C GLU E 70 -6.83 -9.79 -26.54
N ALA E 71 -7.26 -8.99 -27.53
CA ALA E 71 -6.69 -7.67 -27.73
C ALA E 71 -6.95 -6.74 -26.56
N GLN E 72 -8.00 -6.99 -25.78
CA GLN E 72 -8.30 -6.17 -24.61
C GLN E 72 -7.46 -6.64 -23.43
N MET E 73 -6.57 -5.79 -22.96
CA MET E 73 -5.67 -6.18 -21.87
C MET E 73 -6.41 -6.21 -20.54
N SER E 74 -6.18 -7.26 -19.77
CA SER E 74 -6.59 -7.31 -18.37
C SER E 74 -5.46 -6.73 -17.55
N ILE E 75 -5.50 -5.41 -17.34
CA ILE E 75 -4.46 -4.74 -16.57
C ILE E 75 -4.44 -5.28 -15.14
N GLN E 76 -5.56 -5.81 -14.67
CA GLN E 76 -5.61 -6.40 -13.33
C GLN E 76 -4.59 -7.52 -13.18
N LEU E 77 -4.43 -8.34 -14.21
CA LEU E 77 -3.58 -9.52 -14.12
C LEU E 77 -2.13 -9.14 -13.81
N ILE E 78 -1.56 -8.26 -14.63
CA ILE E 78 -0.18 -7.84 -14.39
C ILE E 78 -0.11 -7.04 -13.10
N ASN E 79 -1.14 -6.24 -12.81
CA ASN E 79 -1.15 -5.44 -11.60
C ASN E 79 -1.01 -6.33 -10.36
N LYS E 80 -1.59 -7.53 -10.38
CA LYS E 80 -1.44 -8.40 -9.23
C LYS E 80 -0.24 -9.35 -9.33
N ALA E 81 0.31 -9.58 -10.53
CA ALA E 81 1.45 -10.50 -10.64
C ALA E 81 2.81 -9.82 -10.59
N VAL E 82 2.86 -8.49 -10.69
CA VAL E 82 4.12 -7.79 -10.90
C VAL E 82 5.13 -8.15 -9.81
N ASN E 83 4.74 -8.08 -8.55
CA ASN E 83 5.71 -8.30 -7.48
C ASN E 83 6.07 -9.76 -7.29
N ALA E 84 5.30 -10.66 -7.89
CA ALA E 84 5.78 -12.03 -8.04
C ALA E 84 6.81 -12.15 -9.15
N LEU E 85 6.84 -11.21 -10.08
CA LEU E 85 7.76 -11.31 -11.21
C LEU E 85 9.08 -10.56 -11.02
N ILE E 86 9.06 -9.38 -10.40
CA ILE E 86 10.23 -8.52 -10.35
C ILE E 86 10.36 -7.86 -8.98
N ASN E 87 11.55 -7.32 -8.74
CA ASN E 87 11.83 -6.52 -7.55
C ASN E 87 11.67 -5.04 -7.93
N ASP E 88 10.59 -4.42 -7.48
CA ASP E 88 10.37 -3.02 -7.80
C ASP E 88 11.41 -2.10 -7.15
N GLN E 89 12.12 -2.58 -6.12
CA GLN E 89 13.21 -1.80 -5.56
C GLN E 89 14.43 -1.78 -6.46
N LEU E 90 14.54 -2.70 -7.42
CA LEU E 90 15.60 -2.60 -8.43
C LEU E 90 15.30 -1.47 -9.41
N ILE E 91 14.04 -1.34 -9.80
CA ILE E 91 13.61 -0.17 -10.56
C ILE E 91 13.92 1.09 -9.76
N MET E 92 13.60 1.07 -8.46
CA MET E 92 13.91 2.24 -7.62
C MET E 92 15.40 2.51 -7.57
N LYS E 93 16.24 1.46 -7.49
CA LYS E 93 17.69 1.66 -7.44
C LYS E 93 18.16 2.38 -8.70
N ASN E 94 17.65 1.96 -9.85
CA ASN E 94 18.04 2.62 -11.09
C ASN E 94 17.49 4.04 -11.18
N HIS E 95 16.29 4.27 -10.66
CA HIS E 95 15.72 5.62 -10.65
C HIS E 95 16.56 6.57 -9.79
N LEU E 96 16.95 6.09 -8.60
CA LEU E 96 17.78 6.90 -7.70
C LEU E 96 19.14 7.17 -8.32
N ARG E 97 19.74 6.17 -8.97
CA ARG E 97 21.00 6.41 -9.67
C ARG E 97 20.84 7.45 -10.77
N ASP E 98 19.71 7.39 -11.50
CA ASP E 98 19.45 8.39 -12.53
C ASP E 98 19.39 9.80 -11.94
N ILE E 99 18.59 10.00 -10.91
CA ILE E 99 18.45 11.36 -10.37
C ILE E 99 19.75 11.87 -9.74
N MET E 100 20.64 10.98 -9.31
CA MET E 100 21.91 11.39 -8.72
C MET E 100 23.04 11.53 -9.73
N GLY E 101 22.76 11.37 -11.02
CA GLY E 101 23.81 11.49 -12.01
C GLY E 101 24.76 10.33 -12.08
N ILE E 102 24.35 9.16 -11.60
CA ILE E 102 25.16 7.94 -11.64
C ILE E 102 24.67 7.12 -12.84
N PRO E 103 25.54 6.44 -13.57
CA PRO E 103 25.07 5.57 -14.66
C PRO E 103 24.08 4.53 -14.14
N TYR E 104 23.04 4.27 -14.93
CA TYR E 104 21.94 3.44 -14.48
C TYR E 104 21.45 2.55 -15.60
N CYS E 105 20.67 1.53 -15.20
CA CYS E 105 20.12 0.56 -16.14
C CYS E 105 18.73 1.01 -16.58
N ASN E 106 18.53 1.16 -17.88
CA ASN E 106 17.20 1.44 -18.42
C ASN E 106 16.56 0.21 -19.06
N TYR E 107 17.14 -0.97 -18.83
CA TYR E 107 16.61 -2.31 -19.06
C TYR E 107 16.58 -2.73 -20.53
N SER E 108 17.10 -1.92 -21.46
CA SER E 108 17.08 -2.31 -22.87
C SER E 108 18.22 -3.26 -23.22
N LYS E 109 19.43 -2.97 -22.78
CA LYS E 109 20.62 -3.61 -23.33
C LYS E 109 21.45 -4.29 -22.25
N TYR E 110 22.07 -5.40 -22.61
CA TYR E 110 22.81 -6.24 -21.68
C TYR E 110 24.06 -6.76 -22.36
N TRP E 111 25.08 -7.04 -21.55
CA TRP E 111 26.32 -7.60 -22.06
C TRP E 111 26.68 -8.84 -21.27
N TYR E 112 27.31 -9.79 -21.95
CA TYR E 112 27.73 -11.03 -21.32
C TYR E 112 29.00 -11.53 -22.01
N LEU E 113 29.71 -12.41 -21.33
CA LEU E 113 30.91 -13.01 -21.88
C LEU E 113 30.58 -14.40 -22.44
N ASN E 114 31.17 -14.74 -23.57
CA ASN E 114 30.91 -15.98 -24.27
C ASN E 114 32.24 -16.64 -24.61
N HIS E 115 32.48 -17.83 -24.05
CA HIS E 115 33.70 -18.56 -24.35
C HIS E 115 33.71 -18.94 -25.83
N THR E 116 34.82 -18.64 -26.51
CA THR E 116 34.87 -18.79 -27.95
C THR E 116 34.78 -20.25 -28.39
N THR E 117 35.23 -21.18 -27.54
CA THR E 117 35.20 -22.60 -27.88
C THR E 117 34.04 -23.34 -27.22
N THR E 118 33.93 -23.26 -25.88
CA THR E 118 32.92 -24.03 -25.18
C THR E 118 31.53 -23.44 -25.33
N GLY E 119 31.43 -22.13 -25.54
CA GLY E 119 30.13 -21.49 -25.67
C GLY E 119 29.41 -21.20 -24.38
N ARG E 120 30.06 -21.43 -23.23
CA ARG E 120 29.45 -21.08 -21.96
C ARG E 120 29.42 -19.56 -21.79
N THR E 121 28.35 -19.06 -21.20
CA THR E 121 28.13 -17.62 -21.08
C THR E 121 27.91 -17.21 -19.64
N SER E 122 28.33 -16.00 -19.33
CA SER E 122 28.00 -15.38 -18.05
C SER E 122 26.57 -14.86 -18.08
N LEU E 123 26.04 -14.60 -16.90
CA LEU E 123 24.72 -14.00 -16.78
C LEU E 123 24.75 -12.58 -17.32
N PRO E 124 23.91 -12.23 -18.30
CA PRO E 124 23.97 -10.87 -18.86
C PRO E 124 23.75 -9.80 -17.79
N LYS E 125 24.52 -8.74 -17.89
CA LYS E 125 24.44 -7.60 -16.99
C LYS E 125 24.00 -6.37 -17.77
N CYS E 126 23.23 -5.50 -17.11
CA CYS E 126 22.68 -4.35 -17.80
C CYS E 126 23.81 -3.43 -18.28
N TRP E 127 23.70 -3.00 -19.53
CA TRP E 127 24.63 -2.03 -20.09
C TRP E 127 24.15 -0.64 -19.70
N LEU E 128 24.93 0.05 -18.87
CA LEU E 128 24.46 1.27 -18.23
C LEU E 128 24.43 2.44 -19.21
N VAL E 129 23.60 3.43 -18.88
CA VAL E 129 23.46 4.65 -19.66
C VAL E 129 23.77 5.83 -18.75
N SER E 130 24.22 6.93 -19.38
CA SER E 130 24.41 8.19 -18.68
C SER E 130 24.47 9.31 -19.70
N ASN E 131 23.85 10.44 -19.37
CA ASN E 131 23.78 11.60 -20.26
C ASN E 131 23.25 11.22 -21.64
N GLY E 132 22.22 10.40 -21.67
CA GLY E 132 21.53 10.09 -22.92
C GLY E 132 22.20 9.07 -23.82
N SER E 133 23.32 8.47 -23.41
CA SER E 133 23.98 7.48 -24.25
C SER E 133 24.48 6.32 -23.41
N TYR E 134 24.66 5.17 -24.07
CA TYR E 134 25.25 4.01 -23.43
C TYR E 134 26.70 4.31 -23.05
N LEU E 135 27.13 3.77 -21.91
CA LEU E 135 28.51 3.91 -21.50
C LEU E 135 29.42 3.26 -22.53
N ASN E 136 30.57 3.90 -22.78
CA ASN E 136 31.58 3.24 -23.59
C ASN E 136 32.18 2.08 -22.81
N GLU E 137 32.53 1.02 -23.54
CA GLU E 137 33.05 -0.20 -22.92
C GLU E 137 34.21 0.11 -21.98
N THR E 138 35.12 0.98 -22.40
CA THR E 138 36.30 1.30 -21.60
C THR E 138 35.92 1.86 -20.23
N HIS E 139 34.72 2.43 -20.11
CA HIS E 139 34.30 3.00 -18.84
C HIS E 139 33.90 1.94 -17.82
N PHE E 140 33.56 0.72 -18.25
CA PHE E 140 33.20 -0.33 -17.30
C PHE E 140 33.96 -1.62 -17.57
N SER E 141 35.09 -1.54 -18.28
CA SER E 141 35.87 -2.74 -18.59
C SER E 141 36.30 -3.48 -17.33
N ASP E 142 36.57 -2.75 -16.24
CA ASP E 142 36.88 -3.39 -14.97
C ASP E 142 35.81 -4.40 -14.60
N ASP E 143 34.55 -3.97 -14.63
CA ASP E 143 33.45 -4.91 -14.38
C ASP E 143 33.57 -6.13 -15.27
N ILE E 144 33.77 -5.91 -16.57
CA ILE E 144 33.90 -7.02 -17.50
C ILE E 144 35.03 -7.94 -17.05
N GLU E 145 36.18 -7.36 -16.71
CA GLU E 145 37.30 -8.17 -16.25
C GLU E 145 36.89 -9.01 -15.05
N GLN E 146 36.23 -8.38 -14.07
CA GLN E 146 35.78 -9.13 -12.91
C GLN E 146 34.91 -10.31 -13.34
N GLN E 147 33.97 -10.07 -14.26
CA GLN E 147 33.12 -11.15 -14.73
C GLN E 147 33.96 -12.30 -15.28
N ALA E 148 34.95 -11.97 -16.11
CA ALA E 148 35.80 -13.01 -16.66
C ALA E 148 36.47 -13.80 -15.54
N ASP E 149 37.00 -13.10 -14.54
CA ASP E 149 37.60 -13.77 -13.40
C ASP E 149 36.60 -14.75 -12.78
N ASN E 150 35.39 -14.26 -12.51
CA ASN E 150 34.39 -15.14 -11.89
C ASN E 150 34.16 -16.37 -12.76
N MET E 151 34.05 -16.17 -14.08
CA MET E 151 33.76 -17.27 -14.98
C MET E 151 34.79 -18.38 -14.81
N ILE E 152 36.04 -18.02 -14.52
CA ILE E 152 37.04 -19.05 -14.27
C ILE E 152 36.80 -19.68 -12.91
N THR E 153 36.82 -18.85 -11.86
CA THR E 153 36.89 -19.39 -10.50
C THR E 153 35.67 -20.28 -10.21
N GLU E 154 34.48 -19.74 -10.45
CA GLU E 154 33.25 -20.51 -10.26
C GLU E 154 33.33 -21.85 -10.98
N MET E 155 33.75 -21.83 -12.25
CA MET E 155 33.85 -23.08 -13.00
C MET E 155 34.72 -24.07 -12.24
N LEU E 156 35.93 -23.64 -11.85
CA LEU E 156 36.80 -24.51 -11.09
C LEU E 156 36.11 -24.96 -9.81
N GLN E 157 35.54 -24.02 -9.07
CA GLN E 157 34.88 -24.36 -7.82
C GLN E 157 33.75 -25.34 -8.06
N LYS E 158 33.04 -25.18 -9.19
CA LYS E 158 31.96 -26.10 -9.50
C LYS E 158 32.45 -27.54 -9.54
N GLU E 159 33.60 -27.76 -10.20
CA GLU E 159 34.15 -29.10 -10.27
C GLU E 159 34.33 -29.70 -8.89
N TYR E 160 34.76 -28.88 -7.92
CA TYR E 160 34.95 -29.39 -6.57
C TYR E 160 33.62 -29.75 -5.94
N MET E 161 32.61 -28.90 -6.09
CA MET E 161 31.34 -29.11 -5.39
C MET E 161 30.70 -30.42 -5.84
N GLU E 162 30.62 -30.64 -7.15
CA GLU E 162 30.11 -31.90 -7.67
C GLU E 162 30.96 -33.06 -7.16
N ARG E 163 32.28 -32.88 -7.11
CA ARG E 163 33.13 -33.96 -6.60
C ARG E 163 32.82 -34.25 -5.13
N GLN E 164 32.49 -33.21 -4.37
CA GLN E 164 32.22 -33.40 -2.95
C GLN E 164 30.84 -34.00 -2.70
N GLY E 165 29.97 -34.02 -3.70
CA GLY E 165 28.69 -34.69 -3.62
C GLY E 165 28.69 -36.13 -4.10
N LYS E 166 29.83 -36.63 -4.53
CA LYS E 166 29.96 -38.00 -5.05
C LYS E 166 31.02 -38.81 -4.32
N THR E 167 32.12 -38.18 -3.91
CA THR E 167 33.19 -38.88 -3.23
C THR E 167 33.11 -38.60 -1.74
N PRO E 168 32.78 -39.58 -0.91
CA PRO E 168 32.71 -39.32 0.53
C PRO E 168 34.04 -38.90 1.10
N LEU E 169 34.00 -37.97 2.06
CA LEU E 169 35.22 -37.52 2.72
C LEU E 169 35.89 -38.65 3.48
N GLY E 170 35.11 -39.59 4.02
CA GLY E 170 35.69 -40.74 4.67
C GLY E 170 36.56 -41.55 3.74
N LEU E 171 36.19 -41.63 2.46
CA LEU E 171 37.02 -42.34 1.49
C LEU E 171 38.36 -41.64 1.30
N VAL E 172 38.36 -40.31 1.23
CA VAL E 172 39.61 -39.57 1.11
C VAL E 172 40.47 -39.77 2.36
N ASP E 173 39.84 -39.76 3.53
CA ASP E 173 40.58 -40.02 4.76
C ASP E 173 41.19 -41.42 4.75
N LEU E 174 40.43 -42.41 4.28
CA LEU E 174 40.95 -43.77 4.19
C LEU E 174 42.11 -43.87 3.22
N PHE E 175 42.01 -43.18 2.08
CA PHE E 175 43.12 -43.18 1.12
C PHE E 175 44.37 -42.54 1.72
N VAL E 176 44.20 -41.42 2.42
CA VAL E 176 45.33 -40.77 3.07
C VAL E 176 45.97 -41.69 4.09
N PHE E 177 45.14 -42.35 4.91
CA PHE E 177 45.66 -43.25 5.93
C PHE E 177 46.38 -44.44 5.32
N SER E 178 45.84 -45.00 4.23
CA SER E 178 46.48 -46.12 3.56
C SER E 178 47.82 -45.72 2.96
N THR E 179 47.87 -44.55 2.32
CA THR E 179 49.14 -44.07 1.77
C THR E 179 50.17 -43.84 2.86
N SER E 180 49.73 -43.27 3.99
CA SER E 180 50.64 -43.05 5.12
C SER E 180 51.14 -44.38 5.67
N PHE E 181 50.25 -45.37 5.78
CA PHE E 181 50.66 -46.69 6.27
C PHE E 181 51.68 -47.33 5.34
N TYR E 182 51.47 -47.23 4.03
CA TYR E 182 52.43 -47.77 3.09
C TYR E 182 53.77 -47.06 3.18
N LEU E 183 53.75 -45.73 3.30
CA LEU E 183 54.99 -44.97 3.41
C LEU E 183 55.73 -45.28 4.70
N ILE E 184 55.01 -45.53 5.79
CA ILE E 184 55.66 -45.93 7.04
C ILE E 184 56.25 -47.33 6.89
N SER E 185 55.51 -48.25 6.25
CA SER E 185 55.97 -49.63 6.14
C SER E 185 57.22 -49.73 5.26
N ILE E 186 57.27 -48.96 4.17
CA ILE E 186 58.42 -49.07 3.27
C ILE E 186 59.70 -48.54 3.90
N PHE E 187 59.60 -47.76 4.98
CA PHE E 187 60.80 -47.28 5.65
C PHE E 187 61.53 -48.41 6.36
N LEU E 188 60.77 -49.36 6.92
CA LEU E 188 61.38 -50.46 7.67
C LEU E 188 62.23 -51.34 6.76
N HIS E 189 61.77 -51.60 5.54
CA HIS E 189 62.52 -52.46 4.62
C HIS E 189 63.86 -51.83 4.26
N LEU E 190 63.89 -50.53 4.03
CA LEU E 190 65.13 -49.84 3.69
C LEU E 190 65.95 -49.54 4.94
N GLY F 1 9.16 -5.94 -2.08
CA GLY F 1 10.42 -6.20 -2.73
C GLY F 1 11.58 -6.43 -1.78
N THR F 2 12.80 -6.20 -2.27
CA THR F 2 14.02 -6.47 -1.52
C THR F 2 14.98 -5.31 -1.70
N PHE F 3 15.77 -5.02 -0.66
CA PHE F 3 16.70 -3.90 -0.72
C PHE F 3 17.69 -4.08 -1.87
N THR F 4 18.15 -2.97 -2.42
CA THR F 4 19.04 -3.00 -3.58
C THR F 4 20.22 -2.06 -3.50
N TRP F 5 20.26 -1.15 -2.53
CA TRP F 5 21.30 -0.12 -2.49
C TRP F 5 22.68 -0.75 -2.30
N THR F 6 23.59 -0.43 -3.21
CA THR F 6 24.99 -0.86 -3.11
C THR F 6 25.80 0.18 -2.37
N LEU F 7 26.66 -0.28 -1.47
CA LEU F 7 27.47 0.65 -0.68
C LEU F 7 28.53 1.30 -1.56
N SER F 8 28.79 2.58 -1.29
CA SER F 8 29.77 3.32 -2.07
C SER F 8 31.19 2.83 -1.74
N ASP F 9 32.13 3.22 -2.60
CA ASP F 9 33.51 2.78 -2.44
C ASP F 9 34.07 3.20 -1.10
N SER F 10 34.78 2.28 -0.45
CA SER F 10 35.30 2.51 0.89
C SER F 10 36.41 3.56 0.88
N GLU F 11 36.45 4.37 1.93
CA GLU F 11 37.50 5.35 2.14
C GLU F 11 38.67 4.80 2.95
N GLY F 12 38.83 3.47 3.00
CA GLY F 12 39.90 2.87 3.76
C GLY F 12 40.76 1.91 2.95
N LYS F 13 42.07 2.18 2.91
CA LYS F 13 42.99 1.30 2.20
C LYS F 13 43.17 -0.04 2.91
N ASP F 14 42.92 -0.09 4.22
CA ASP F 14 43.01 -1.34 4.95
C ASP F 14 41.91 -2.31 4.53
N THR F 15 40.75 -1.77 4.11
CA THR F 15 39.59 -2.58 3.72
C THR F 15 39.17 -2.13 2.33
N PRO F 16 39.83 -2.61 1.28
CA PRO F 16 39.56 -2.10 -0.07
C PRO F 16 38.12 -2.29 -0.52
N GLY F 17 37.48 -3.39 -0.14
CA GLY F 17 36.10 -3.62 -0.49
C GLY F 17 35.15 -3.53 0.68
N GLY F 18 35.60 -2.91 1.77
CA GLY F 18 34.83 -2.82 2.99
C GLY F 18 34.01 -1.55 3.05
N TYR F 19 33.81 -1.06 4.27
CA TYR F 19 33.09 0.20 4.48
C TYR F 19 33.59 0.84 5.76
N CYS F 20 33.78 2.16 5.72
CA CYS F 20 34.29 2.91 6.86
C CYS F 20 33.23 3.85 7.39
N LEU F 21 32.96 3.76 8.68
CA LEU F 21 32.13 4.72 9.38
C LEU F 21 33.01 5.87 9.87
N THR F 22 32.74 7.07 9.37
CA THR F 22 33.54 8.23 9.73
C THR F 22 33.26 8.66 11.17
N ARG F 23 34.04 9.64 11.63
CA ARG F 23 33.89 10.12 13.00
C ARG F 23 32.52 10.75 13.22
N TRP F 24 31.95 11.38 12.19
CA TRP F 24 30.61 11.95 12.33
C TRP F 24 29.58 10.84 12.58
N MET F 25 29.73 9.71 11.90
CA MET F 25 28.74 8.63 11.95
C MET F 25 28.70 7.91 13.29
N LEU F 26 29.67 8.15 14.18
CA LEU F 26 29.81 7.40 15.41
C LEU F 26 29.75 8.33 16.62
N ILE F 27 29.22 7.82 17.72
CA ILE F 27 29.01 8.65 18.90
C ILE F 27 30.34 9.08 19.51
N GLU F 28 31.26 8.14 19.71
CA GLU F 28 32.64 8.52 20.02
C GLU F 28 33.33 8.78 18.69
N ALA F 29 33.43 10.04 18.32
CA ALA F 29 33.77 10.39 16.95
C ALA F 29 35.16 9.89 16.57
N GLU F 30 35.22 8.83 15.77
CA GLU F 30 36.46 8.30 15.24
C GLU F 30 36.13 7.27 14.16
N LEU F 31 37.10 7.04 13.28
CA LEU F 31 36.91 6.19 12.12
C LEU F 31 36.89 4.71 12.50
N LYS F 32 35.98 3.97 11.89
CA LYS F 32 35.90 2.52 12.11
C LYS F 32 35.66 1.84 10.78
N CYS F 33 36.65 1.08 10.31
CA CYS F 33 36.59 0.45 9.00
C CYS F 33 36.36 -1.05 9.13
N PHE F 34 35.49 -1.58 8.28
CA PHE F 34 35.11 -2.98 8.27
C PHE F 34 35.49 -3.60 6.93
N GLY F 35 36.01 -4.82 6.99
CA GLY F 35 36.59 -5.44 5.81
C GLY F 35 35.56 -5.93 4.82
N ASN F 36 36.06 -6.37 3.67
CA ASN F 36 35.20 -6.86 2.61
C ASN F 36 34.43 -8.10 3.03
N THR F 37 35.01 -8.93 3.90
CA THR F 37 34.35 -10.17 4.30
C THR F 37 33.07 -9.88 5.07
N ALA F 38 33.16 -9.04 6.10
CA ALA F 38 31.97 -8.69 6.88
C ALA F 38 30.98 -7.90 6.04
N VAL F 39 31.47 -6.96 5.24
CA VAL F 39 30.59 -6.10 4.46
C VAL F 39 29.86 -6.87 3.37
N ALA F 40 30.50 -7.89 2.80
CA ALA F 40 29.86 -8.67 1.74
C ALA F 40 28.63 -9.42 2.23
N LYS F 41 28.58 -9.73 3.53
CA LYS F 41 27.38 -10.34 4.09
C LYS F 41 26.17 -9.44 3.97
N CYS F 42 26.39 -8.12 4.02
CA CYS F 42 25.28 -7.18 3.86
C CYS F 42 24.62 -7.28 2.50
N ASN F 43 25.32 -7.83 1.50
CA ASN F 43 24.73 -7.95 0.18
C ASN F 43 23.57 -8.93 0.15
N GLU F 44 23.59 -9.95 1.00
CA GLU F 44 22.61 -11.02 0.90
C GLU F 44 21.77 -11.28 2.14
N LYS F 45 22.21 -10.86 3.33
CA LYS F 45 21.42 -11.09 4.52
C LYS F 45 20.16 -10.23 4.51
N HIS F 46 19.09 -10.76 5.09
CA HIS F 46 17.85 -10.04 5.20
C HIS F 46 17.50 -9.64 6.63
N ASP F 47 18.28 -10.09 7.62
CA ASP F 47 17.91 -9.87 9.01
C ASP F 47 19.06 -9.31 9.84
N GLU F 48 19.92 -8.50 9.23
CA GLU F 48 21.04 -7.87 9.92
C GLU F 48 20.77 -6.37 9.99
N GLU F 49 20.51 -5.88 11.20
CA GLU F 49 20.19 -4.46 11.39
C GLU F 49 21.34 -3.56 10.96
N PHE F 50 22.58 -3.95 11.29
CA PHE F 50 23.74 -3.12 10.97
C PHE F 50 23.85 -2.86 9.48
N CYS F 51 23.48 -3.84 8.64
CA CYS F 51 23.54 -3.65 7.19
C CYS F 51 22.52 -2.64 6.72
N ASP F 52 21.29 -2.70 7.24
CA ASP F 52 20.31 -1.69 6.89
C ASP F 52 20.79 -0.30 7.29
N MET F 53 21.39 -0.18 8.48
CA MET F 53 21.90 1.12 8.90
C MET F 53 23.06 1.59 8.04
N LEU F 54 23.91 0.66 7.60
CA LEU F 54 24.99 1.02 6.68
C LEU F 54 24.41 1.60 5.41
N ARG F 55 23.37 0.97 4.87
CA ARG F 55 22.75 1.47 3.64
C ARG F 55 22.12 2.84 3.87
N LEU F 56 21.46 3.03 5.02
CA LEU F 56 20.87 4.34 5.34
C LEU F 56 21.94 5.43 5.36
N PHE F 57 23.01 5.19 6.10
CA PHE F 57 24.07 6.20 6.19
C PHE F 57 24.71 6.47 4.84
N ASP F 58 24.94 5.41 4.06
CA ASP F 58 25.55 5.58 2.74
C ASP F 58 24.63 6.39 1.83
N PHE F 59 23.34 6.11 1.86
CA PHE F 59 22.39 6.88 1.08
C PHE F 59 22.37 8.35 1.50
N ASN F 60 22.42 8.61 2.81
CA ASN F 60 22.50 9.98 3.28
C ASN F 60 23.72 10.69 2.71
N LYS F 61 24.89 10.04 2.81
CA LYS F 61 26.12 10.61 2.29
C LYS F 61 26.01 10.90 0.79
N GLN F 62 25.54 9.92 0.02
CA GLN F 62 25.48 10.08 -1.43
C GLN F 62 24.48 11.15 -1.83
N ALA F 63 23.33 11.22 -1.14
CA ALA F 63 22.33 12.22 -1.46
C ALA F 63 22.85 13.62 -1.19
N ILE F 64 23.51 13.81 -0.04
CA ILE F 64 24.09 15.13 0.25
C ILE F 64 25.17 15.47 -0.77
N GLN F 65 26.00 14.49 -1.14
CA GLN F 65 27.10 14.76 -2.06
C GLN F 65 26.60 15.10 -3.46
N ARG F 66 25.66 14.31 -3.99
CA ARG F 66 25.30 14.36 -5.40
C ARG F 66 24.09 15.24 -5.71
N LEU F 67 23.28 15.56 -4.71
CA LEU F 67 22.12 16.43 -4.90
C LEU F 67 22.39 17.78 -4.24
N LYS F 68 21.65 18.79 -4.69
CA LYS F 68 21.80 20.14 -4.14
C LYS F 68 21.05 20.18 -2.82
N ALA F 69 21.77 19.92 -1.74
CA ALA F 69 21.18 19.84 -0.41
C ALA F 69 20.75 21.23 0.08
N GLU F 70 19.82 21.23 1.04
CA GLU F 70 19.34 22.46 1.64
C GLU F 70 18.71 22.13 2.98
N ALA F 71 18.44 23.18 3.76
CA ALA F 71 17.86 22.99 5.09
C ALA F 71 16.47 22.38 5.01
N GLN F 72 15.70 22.74 3.99
CA GLN F 72 14.37 22.17 3.79
C GLN F 72 14.49 20.76 3.25
N MET F 73 14.04 19.78 4.02
CA MET F 73 14.19 18.38 3.63
C MET F 73 13.17 18.01 2.57
N SER F 74 13.61 17.21 1.60
CA SER F 74 12.69 16.58 0.64
C SER F 74 12.16 15.30 1.28
N ILE F 75 10.96 15.39 1.85
CA ILE F 75 10.32 14.22 2.45
C ILE F 75 10.15 13.11 1.43
N GLN F 76 9.84 13.51 0.18
CA GLN F 76 9.53 12.56 -0.87
C GLN F 76 10.70 11.64 -1.15
N LEU F 77 11.92 12.16 -1.07
CA LEU F 77 13.09 11.38 -1.45
C LEU F 77 13.22 10.13 -0.57
N ILE F 78 13.32 10.31 0.74
CA ILE F 78 13.45 9.14 1.60
C ILE F 78 12.18 8.31 1.56
N ASN F 79 11.01 8.96 1.41
CA ASN F 79 9.77 8.20 1.34
C ASN F 79 9.77 7.22 0.17
N LYS F 80 10.31 7.62 -0.98
CA LYS F 80 10.38 6.69 -2.09
C LYS F 80 11.61 5.78 -2.05
N ALA F 81 12.64 6.14 -1.29
CA ALA F 81 13.86 5.35 -1.31
C ALA F 81 13.95 4.31 -0.20
N VAL F 82 13.15 4.42 0.86
CA VAL F 82 13.42 3.67 2.08
C VAL F 82 13.48 2.16 1.84
N ASN F 83 12.54 1.62 1.06
CA ASN F 83 12.49 0.17 0.89
C ASN F 83 13.59 -0.37 -0.01
N ALA F 84 14.30 0.49 -0.72
CA ALA F 84 15.51 0.05 -1.40
C ALA F 84 16.72 0.00 -0.46
N LEU F 85 16.60 0.62 0.71
CA LEU F 85 17.71 0.75 1.64
C LEU F 85 17.63 -0.22 2.80
N ILE F 86 16.44 -0.41 3.37
CA ILE F 86 16.28 -1.22 4.58
C ILE F 86 15.10 -2.16 4.40
N ASN F 87 15.06 -3.18 5.26
CA ASN F 87 13.96 -4.15 5.32
C ASN F 87 13.03 -3.74 6.45
N ASP F 88 11.88 -3.16 6.11
CA ASP F 88 10.96 -2.67 7.12
C ASP F 88 10.41 -3.80 7.99
N GLN F 89 10.45 -5.03 7.49
CA GLN F 89 10.06 -6.18 8.30
C GLN F 89 11.07 -6.49 9.40
N LEU F 90 12.31 -6.02 9.28
CA LEU F 90 13.25 -6.14 10.39
C LEU F 90 12.87 -5.20 11.54
N ILE F 91 12.47 -3.98 11.19
CA ILE F 91 11.87 -3.08 12.18
C ILE F 91 10.66 -3.75 12.81
N MET F 92 9.82 -4.39 11.99
CA MET F 92 8.66 -5.09 12.52
C MET F 92 9.05 -6.24 13.45
N LYS F 93 10.09 -6.99 13.11
CA LYS F 93 10.57 -8.06 13.97
C LYS F 93 10.95 -7.52 15.34
N ASN F 94 11.67 -6.40 15.36
CA ASN F 94 12.06 -5.84 16.65
C ASN F 94 10.85 -5.28 17.41
N HIS F 95 9.90 -4.69 16.69
CA HIS F 95 8.67 -4.21 17.32
C HIS F 95 7.90 -5.35 17.98
N LEU F 96 7.75 -6.47 17.26
CA LEU F 96 7.04 -7.63 17.80
C LEU F 96 7.77 -8.24 18.99
N ARG F 97 9.11 -8.29 18.92
CA ARG F 97 9.88 -8.75 20.07
C ARG F 97 9.65 -7.84 21.27
N ASP F 98 9.62 -6.53 21.04
CA ASP F 98 9.39 -5.57 22.11
C ASP F 98 8.03 -5.81 22.77
N ILE F 99 6.95 -5.87 21.98
CA ILE F 99 5.63 -6.02 22.58
C ILE F 99 5.47 -7.38 23.25
N MET F 100 6.29 -8.37 22.88
CA MET F 100 6.23 -9.69 23.49
C MET F 100 7.17 -9.86 24.67
N GLY F 101 7.88 -8.80 25.08
CA GLY F 101 8.80 -8.89 26.19
C GLY F 101 10.12 -9.55 25.89
N ILE F 102 10.38 -9.85 24.62
CA ILE F 102 11.65 -10.44 24.18
C ILE F 102 12.68 -9.33 24.00
N PRO F 103 13.95 -9.57 24.31
CA PRO F 103 14.99 -8.57 24.01
C PRO F 103 14.99 -8.20 22.53
N TYR F 104 15.17 -6.92 22.25
CA TYR F 104 15.05 -6.44 20.88
C TYR F 104 16.10 -5.38 20.59
N CYS F 105 16.28 -5.10 19.31
CA CYS F 105 17.26 -4.14 18.84
C CYS F 105 16.59 -2.78 18.64
N ASN F 106 17.13 -1.74 19.27
CA ASN F 106 16.63 -0.39 18.98
C ASN F 106 17.58 0.40 18.08
N TYR F 107 18.56 -0.27 17.47
CA TYR F 107 19.42 0.20 16.39
C TYR F 107 20.50 1.18 16.82
N SER F 108 20.66 1.44 18.12
CA SER F 108 21.70 2.37 18.56
C SER F 108 23.07 1.72 18.63
N LYS F 109 23.18 0.57 19.30
CA LYS F 109 24.47 0.03 19.71
C LYS F 109 24.73 -1.35 19.09
N TYR F 110 25.99 -1.62 18.79
CA TYR F 110 26.38 -2.84 18.07
C TYR F 110 27.69 -3.40 18.65
N TRP F 111 27.78 -4.72 18.71
CA TRP F 111 28.98 -5.40 19.19
C TRP F 111 29.59 -6.24 18.08
N TYR F 112 30.92 -6.32 18.11
CA TYR F 112 31.66 -7.12 17.14
C TYR F 112 32.95 -7.62 17.78
N LEU F 113 33.54 -8.64 17.17
CA LEU F 113 34.78 -9.20 17.65
C LEU F 113 35.93 -8.69 16.80
N ASN F 114 37.01 -8.28 17.46
CA ASN F 114 38.20 -7.75 16.84
C ASN F 114 39.38 -8.65 17.17
N HIS F 115 40.05 -9.17 16.13
CA HIS F 115 41.25 -9.98 16.33
C HIS F 115 42.37 -9.09 16.86
N THR F 116 42.95 -9.46 18.00
CA THR F 116 43.88 -8.59 18.70
C THR F 116 45.12 -8.28 17.87
N THR F 117 45.52 -9.19 16.99
CA THR F 117 46.73 -8.99 16.18
C THR F 117 46.42 -8.62 14.74
N THR F 118 45.59 -9.41 14.06
CA THR F 118 45.31 -9.16 12.65
C THR F 118 44.32 -8.01 12.43
N GLY F 119 43.54 -7.65 13.44
CA GLY F 119 42.56 -6.59 13.25
C GLY F 119 41.34 -6.99 12.45
N ARG F 120 41.15 -8.28 12.19
CA ARG F 120 39.98 -8.74 11.46
C ARG F 120 38.75 -8.72 12.38
N THR F 121 37.64 -8.20 11.86
CA THR F 121 36.43 -7.99 12.64
C THR F 121 35.26 -8.76 12.07
N SER F 122 34.38 -9.19 12.96
CA SER F 122 33.10 -9.77 12.54
C SER F 122 32.11 -8.66 12.21
N LEU F 123 31.04 -9.05 11.54
CA LEU F 123 29.97 -8.11 11.21
C LEU F 123 29.25 -7.66 12.48
N PRO F 124 29.20 -6.38 12.80
CA PRO F 124 28.58 -5.96 14.06
C PRO F 124 27.13 -6.42 14.17
N LYS F 125 26.76 -6.85 15.36
CA LYS F 125 25.41 -7.29 15.69
C LYS F 125 24.81 -6.33 16.70
N CYS F 126 23.49 -6.17 16.64
CA CYS F 126 22.83 -5.21 17.50
C CYS F 126 22.91 -5.64 18.96
N TRP F 127 23.22 -4.69 19.84
CA TRP F 127 23.17 -4.92 21.28
C TRP F 127 21.73 -4.81 21.75
N LEU F 128 21.17 -5.91 22.22
CA LEU F 128 19.75 -5.94 22.52
C LEU F 128 19.43 -5.14 23.78
N VAL F 129 18.21 -4.62 23.83
CA VAL F 129 17.70 -3.89 24.99
C VAL F 129 16.49 -4.64 25.52
N SER F 130 16.25 -4.48 26.82
CA SER F 130 15.09 -5.06 27.47
C SER F 130 14.88 -4.35 28.80
N ASN F 131 13.63 -4.00 29.08
CA ASN F 131 13.27 -3.34 30.34
C ASN F 131 14.05 -2.04 30.54
N GLY F 132 14.26 -1.30 29.46
CA GLY F 132 14.88 0.01 29.54
C GLY F 132 16.38 0.03 29.64
N SER F 133 17.07 -1.10 29.53
CA SER F 133 18.52 -1.11 29.59
C SER F 133 19.08 -2.12 28.60
N TYR F 134 20.34 -1.92 28.25
CA TYR F 134 21.05 -2.88 27.40
C TYR F 134 21.24 -4.20 28.15
N LEU F 135 21.24 -5.30 27.41
CA LEU F 135 21.57 -6.59 27.99
C LEU F 135 22.98 -6.56 28.54
N ASN F 136 23.17 -7.16 29.71
CA ASN F 136 24.52 -7.40 30.19
C ASN F 136 25.17 -8.46 29.32
N GLU F 137 26.49 -8.32 29.10
CA GLU F 137 27.21 -9.20 28.21
C GLU F 137 26.97 -10.67 28.53
N THR F 138 26.99 -11.02 29.81
CA THR F 138 26.83 -12.42 30.22
C THR F 138 25.50 -13.00 29.75
N HIS F 139 24.50 -12.16 29.49
CA HIS F 139 23.21 -12.64 29.02
C HIS F 139 23.22 -13.08 27.57
N PHE F 140 24.18 -12.63 26.76
CA PHE F 140 24.25 -13.08 25.36
C PHE F 140 25.65 -13.57 24.99
N SER F 141 26.46 -13.92 25.99
CA SER F 141 27.83 -14.39 25.73
C SER F 141 27.83 -15.60 24.80
N ASP F 142 26.83 -16.47 24.92
CA ASP F 142 26.73 -17.61 24.01
C ASP F 142 26.76 -17.14 22.56
N ASP F 143 25.91 -16.15 22.23
CA ASP F 143 25.93 -15.56 20.90
C ASP F 143 27.35 -15.13 20.54
N ILE F 144 28.01 -14.41 21.43
CA ILE F 144 29.38 -13.96 21.18
C ILE F 144 30.25 -15.16 20.87
N GLU F 145 30.16 -16.19 21.71
CA GLU F 145 30.97 -17.40 21.48
C GLU F 145 30.72 -17.95 20.09
N GLN F 146 29.44 -18.06 19.70
CA GLN F 146 29.14 -18.57 18.37
C GLN F 146 29.83 -17.74 17.30
N GLN F 147 29.77 -16.41 17.43
CA GLN F 147 30.41 -15.56 16.45
C GLN F 147 31.89 -15.86 16.36
N ALA F 148 32.55 -16.01 17.51
CA ALA F 148 33.97 -16.34 17.50
C ALA F 148 34.21 -17.62 16.72
N ASP F 149 33.39 -18.65 16.99
CA ASP F 149 33.49 -19.90 16.25
C ASP F 149 33.41 -19.65 14.76
N ASN F 150 32.38 -18.90 14.34
CA ASN F 150 32.24 -18.64 12.91
C ASN F 150 33.49 -17.97 12.36
N MET F 151 34.01 -16.99 13.11
CA MET F 151 35.19 -16.26 12.65
C MET F 151 36.32 -17.21 12.31
N ILE F 152 36.47 -18.29 13.08
CA ILE F 152 37.49 -19.26 12.74
C ILE F 152 37.07 -20.04 11.50
N THR F 153 35.91 -20.70 11.56
CA THR F 153 35.56 -21.68 10.55
C THR F 153 35.50 -21.04 9.17
N GLU F 154 34.74 -19.95 9.06
CA GLU F 154 34.65 -19.21 7.81
C GLU F 154 36.03 -18.90 7.27
N MET F 155 36.90 -18.36 8.13
CA MET F 155 38.26 -18.02 7.69
C MET F 155 38.91 -19.24 7.05
N LEU F 156 38.91 -20.36 7.77
CA LEU F 156 39.49 -21.58 7.21
C LEU F 156 38.81 -21.95 5.90
N GLN F 157 37.48 -21.95 5.91
CA GLN F 157 36.75 -22.34 4.71
C GLN F 157 37.08 -21.40 3.56
N LYS F 158 37.29 -20.12 3.86
CA LYS F 158 37.62 -19.17 2.81
C LYS F 158 38.89 -19.60 2.09
N GLU F 159 39.90 -20.02 2.86
CA GLU F 159 41.16 -20.47 2.26
C GLU F 159 40.90 -21.56 1.22
N TYR F 160 39.98 -22.47 1.52
CA TYR F 160 39.70 -23.55 0.57
C TYR F 160 39.00 -23.00 -0.68
N MET F 161 38.04 -22.10 -0.50
CA MET F 161 37.26 -21.63 -1.64
C MET F 161 38.16 -20.92 -2.64
N GLU F 162 38.99 -19.98 -2.15
CA GLU F 162 39.96 -19.33 -3.01
C GLU F 162 40.89 -20.35 -3.67
N ARG F 163 41.25 -21.40 -2.94
CA ARG F 163 42.12 -22.43 -3.53
C ARG F 163 41.39 -23.16 -4.65
N GLN F 164 40.10 -23.39 -4.49
CA GLN F 164 39.35 -24.16 -5.48
C GLN F 164 39.04 -23.34 -6.72
N GLY F 165 39.20 -22.02 -6.68
CA GLY F 165 39.09 -21.19 -7.84
C GLY F 165 40.38 -20.97 -8.60
N LYS F 166 41.48 -21.56 -8.14
CA LYS F 166 42.79 -21.41 -8.75
C LYS F 166 43.42 -22.72 -9.16
N THR F 167 43.23 -23.77 -8.36
CA THR F 167 43.80 -25.08 -8.65
C THR F 167 42.73 -25.98 -9.24
N PRO F 168 42.83 -26.37 -10.50
CA PRO F 168 41.81 -27.27 -11.07
C PRO F 168 41.79 -28.61 -10.37
N LEU F 169 40.58 -29.17 -10.23
CA LEU F 169 40.44 -30.48 -9.61
C LEU F 169 41.09 -31.57 -10.45
N GLY F 170 41.12 -31.39 -11.77
CA GLY F 170 41.83 -32.33 -12.62
C GLY F 170 43.30 -32.43 -12.27
N LEU F 171 43.91 -31.31 -11.88
CA LEU F 171 45.31 -31.33 -11.47
C LEU F 171 45.51 -32.12 -10.19
N VAL F 172 44.59 -31.99 -9.23
CA VAL F 172 44.67 -32.79 -8.01
C VAL F 172 44.51 -34.27 -8.33
N ASP F 173 43.58 -34.59 -9.24
CA ASP F 173 43.42 -35.97 -9.67
C ASP F 173 44.68 -36.51 -10.32
N LEU F 174 45.33 -35.69 -11.16
CA LEU F 174 46.56 -36.11 -11.81
C LEU F 174 47.68 -36.33 -10.80
N PHE F 175 47.78 -35.44 -9.80
CA PHE F 175 48.79 -35.61 -8.76
C PHE F 175 48.56 -36.89 -7.98
N VAL F 176 47.30 -37.17 -7.63
CA VAL F 176 46.97 -38.39 -6.90
C VAL F 176 47.33 -39.62 -7.73
N PHE F 177 46.97 -39.60 -9.02
CA PHE F 177 47.27 -40.73 -9.89
C PHE F 177 48.77 -40.94 -10.05
N SER F 178 49.53 -39.84 -10.18
CA SER F 178 50.98 -39.96 -10.31
C SER F 178 51.61 -40.51 -9.04
N THR F 179 51.15 -40.04 -7.88
CA THR F 179 51.66 -40.57 -6.61
C THR F 179 51.33 -42.05 -6.47
N SER F 180 50.13 -42.45 -6.86
CA SER F 180 49.75 -43.85 -6.81
C SER F 180 50.61 -44.69 -7.75
N PHE F 181 50.89 -44.16 -8.95
CA PHE F 181 51.74 -44.88 -9.90
C PHE F 181 53.15 -45.06 -9.34
N TYR F 182 53.69 -44.02 -8.72
CA TYR F 182 55.01 -44.13 -8.11
C TYR F 182 55.01 -45.16 -6.97
N LEU F 183 53.97 -45.14 -6.13
CA LEU F 183 53.89 -46.08 -5.02
C LEU F 183 53.74 -47.52 -5.51
N ILE F 184 53.04 -47.72 -6.64
CA ILE F 184 52.94 -49.05 -7.21
C ILE F 184 54.28 -49.48 -7.80
N SER F 185 54.97 -48.56 -8.47
CA SER F 185 56.23 -48.91 -9.14
C SER F 185 57.33 -49.25 -8.13
N ILE F 186 57.40 -48.50 -7.02
CA ILE F 186 58.48 -48.74 -6.07
C ILE F 186 58.37 -50.10 -5.41
N PHE F 187 57.18 -50.70 -5.38
CA PHE F 187 57.04 -52.03 -4.79
C PHE F 187 57.73 -53.10 -5.63
N LEU F 188 57.75 -52.94 -6.95
CA LEU F 188 58.35 -53.95 -7.81
C LEU F 188 59.85 -54.07 -7.58
N HIS F 189 60.53 -52.95 -7.33
CA HIS F 189 61.97 -52.99 -7.11
C HIS F 189 62.33 -53.80 -5.86
N LEU F 190 61.56 -53.63 -4.80
CA LEU F 190 61.81 -54.36 -3.56
C LEU F 190 61.22 -55.76 -3.63
N GLN G 1 -44.10 -26.63 14.15
CA GLN G 1 -45.47 -26.13 14.06
C GLN G 1 -45.49 -24.61 14.09
N VAL G 2 -45.99 -24.01 13.01
CA VAL G 2 -45.96 -22.56 12.83
C VAL G 2 -47.38 -22.05 12.63
N GLN G 3 -47.74 -21.01 13.37
CA GLN G 3 -49.00 -20.31 13.18
C GLN G 3 -48.74 -18.84 12.85
N LEU G 4 -49.55 -18.29 11.97
CA LEU G 4 -49.59 -16.86 11.69
C LEU G 4 -50.98 -16.35 12.06
N GLN G 5 -51.02 -15.45 13.03
CA GLN G 5 -52.27 -14.92 13.56
C GLN G 5 -52.49 -13.50 13.03
N GLU G 6 -53.60 -13.28 12.34
CA GLU G 6 -53.89 -11.99 11.72
C GLU G 6 -54.91 -11.23 12.57
N SER G 7 -54.67 -9.93 12.72
CA SER G 7 -55.54 -9.04 13.45
C SER G 7 -55.73 -7.75 12.67
N GLY G 8 -56.87 -7.10 12.87
CA GLY G 8 -57.16 -5.86 12.17
C GLY G 8 -58.61 -5.74 11.75
N ALA G 9 -59.15 -4.53 11.83
CA ALA G 9 -60.56 -4.32 11.50
C ALA G 9 -60.79 -4.53 10.01
N GLY G 10 -61.89 -5.22 9.69
CA GLY G 10 -62.24 -5.48 8.31
C GLY G 10 -63.40 -4.63 7.80
N LEU G 11 -64.03 -3.88 8.70
CA LEU G 11 -65.17 -3.03 8.35
C LEU G 11 -64.66 -1.61 8.14
N LEU G 12 -64.65 -1.16 6.89
CA LEU G 12 -64.09 0.14 6.55
C LEU G 12 -65.02 0.88 5.60
N LYS G 13 -64.86 2.20 5.56
CA LYS G 13 -65.51 3.09 4.63
C LYS G 13 -64.50 3.64 3.64
N PRO G 14 -64.92 4.01 2.42
CA PRO G 14 -63.97 4.47 1.42
C PRO G 14 -63.19 5.69 1.89
N SER G 15 -61.94 5.78 1.43
CA SER G 15 -60.92 6.78 1.73
C SER G 15 -60.24 6.54 3.08
N GLU G 16 -60.62 5.52 3.83
CA GLU G 16 -59.93 5.20 5.08
C GLU G 16 -58.66 4.41 4.77
N THR G 17 -58.01 3.90 5.81
CA THR G 17 -56.75 3.18 5.66
C THR G 17 -56.85 1.84 6.37
N LEU G 18 -56.64 0.75 5.64
CA LEU G 18 -56.67 -0.58 6.21
C LEU G 18 -55.36 -0.88 6.91
N SER G 19 -55.44 -1.38 8.13
CA SER G 19 -54.29 -1.74 8.96
C SER G 19 -54.45 -3.20 9.38
N LEU G 20 -53.59 -4.07 8.87
CA LEU G 20 -53.59 -5.47 9.24
C LEU G 20 -52.24 -5.83 9.84
N SER G 21 -52.25 -6.74 10.81
CA SER G 21 -51.03 -7.20 11.44
C SER G 21 -51.04 -8.72 11.47
N CYS G 22 -49.86 -9.32 11.36
CA CYS G 22 -49.70 -10.76 11.40
C CYS G 22 -48.56 -11.09 12.34
N THR G 23 -48.85 -11.93 13.33
CA THR G 23 -47.88 -12.36 14.33
C THR G 23 -47.51 -13.81 14.06
N VAL G 24 -46.21 -14.10 14.04
CA VAL G 24 -45.69 -15.43 13.77
C VAL G 24 -45.29 -16.08 15.07
N ASP G 25 -45.77 -17.30 15.32
CA ASP G 25 -45.25 -18.12 16.40
C ASP G 25 -44.85 -19.47 15.83
N GLY G 26 -43.59 -19.83 16.01
CA GLY G 26 -43.05 -21.03 15.40
C GLY G 26 -41.87 -20.74 14.49
N GLU G 27 -40.73 -21.34 14.80
CA GLU G 27 -39.51 -21.26 14.00
C GLU G 27 -39.01 -19.83 13.83
N SER G 28 -37.96 -19.67 13.04
CA SER G 28 -37.25 -18.40 12.95
C SER G 28 -38.06 -17.36 12.19
N PHE G 29 -37.72 -16.10 12.44
CA PHE G 29 -38.30 -14.98 11.69
C PHE G 29 -37.44 -14.54 10.52
N ASN G 30 -36.14 -14.77 10.58
CA ASN G 30 -35.24 -14.41 9.49
CA ASN G 30 -35.24 -14.41 9.49
C ASN G 30 -35.21 -15.52 8.44
N GLY G 31 -34.66 -15.18 7.27
CA GLY G 31 -34.59 -16.13 6.18
C GLY G 31 -35.90 -16.38 5.48
N PHE G 32 -36.95 -15.64 5.83
CA PHE G 32 -38.26 -15.78 5.21
C PHE G 32 -38.69 -14.43 4.66
N PHE G 33 -39.56 -14.47 3.67
CA PHE G 33 -40.22 -13.29 3.14
C PHE G 33 -41.67 -13.32 3.63
N TRP G 34 -41.99 -12.46 4.58
CA TRP G 34 -43.33 -12.37 5.12
C TRP G 34 -44.20 -11.60 4.13
N THR G 35 -45.31 -12.21 3.72
CA THR G 35 -45.98 -11.86 2.50
C THR G 35 -47.45 -11.55 2.75
N TRP G 36 -47.98 -10.56 2.03
CA TRP G 36 -49.39 -10.23 2.04
C TRP G 36 -49.97 -10.51 0.65
N ILE G 37 -51.05 -11.29 0.62
CA ILE G 37 -51.78 -11.68 -0.57
C ILE G 37 -53.25 -11.35 -0.35
N ARG G 38 -53.98 -11.13 -1.43
CA ARG G 38 -55.41 -10.91 -1.31
C ARG G 38 -56.15 -11.55 -2.48
N GLN G 39 -57.38 -11.94 -2.20
CA GLN G 39 -58.29 -12.47 -3.21
C GLN G 39 -59.55 -11.62 -3.23
N PRO G 40 -59.77 -10.81 -4.28
CA PRO G 40 -61.03 -10.10 -4.38
C PRO G 40 -62.15 -11.05 -4.75
N PRO G 41 -63.40 -10.71 -4.40
CA PRO G 41 -64.52 -11.60 -4.76
C PRO G 41 -64.62 -11.78 -6.27
N GLY G 42 -64.76 -13.03 -6.70
CA GLY G 42 -64.82 -13.33 -8.11
C GLY G 42 -63.51 -13.15 -8.84
N LYS G 43 -62.38 -13.23 -8.14
CA LYS G 43 -61.07 -13.08 -8.74
C LYS G 43 -60.12 -14.12 -8.17
N GLY G 44 -58.88 -14.10 -8.65
CA GLY G 44 -57.86 -15.01 -8.18
C GLY G 44 -57.00 -14.43 -7.09
N LEU G 45 -55.91 -15.14 -6.79
CA LEU G 45 -54.95 -14.67 -5.79
C LEU G 45 -54.13 -13.52 -6.35
N GLU G 46 -53.84 -12.54 -5.50
CA GLU G 46 -53.10 -11.35 -5.91
C GLU G 46 -52.04 -11.02 -4.87
N TRP G 47 -50.79 -10.96 -5.31
CA TRP G 47 -49.68 -10.65 -4.43
C TRP G 47 -49.71 -9.16 -4.10
N ILE G 48 -49.84 -8.83 -2.83
CA ILE G 48 -49.71 -7.44 -2.39
C ILE G 48 -48.26 -7.06 -2.18
N GLY G 49 -47.53 -7.86 -1.41
CA GLY G 49 -46.13 -7.53 -1.21
C GLY G 49 -45.48 -8.45 -0.21
N GLU G 50 -44.24 -8.10 0.12
CA GLU G 50 -43.47 -8.93 1.04
C GLU G 50 -42.38 -8.09 1.69
N ILE G 51 -41.89 -8.57 2.83
CA ILE G 51 -40.85 -7.91 3.62
C ILE G 51 -40.04 -8.97 4.34
N ASN G 52 -38.76 -8.73 4.53
CA ASN G 52 -37.94 -9.67 5.28
C ASN G 52 -37.48 -9.00 6.58
N HIS G 53 -36.65 -9.72 7.35
CA HIS G 53 -36.26 -9.26 8.67
C HIS G 53 -35.34 -8.04 8.64
N LEU G 54 -34.83 -7.66 7.46
CA LEU G 54 -34.03 -6.45 7.31
C LEU G 54 -34.85 -5.25 6.89
N ALA G 55 -36.18 -5.38 6.87
CA ALA G 55 -37.14 -4.36 6.45
C ALA G 55 -37.08 -4.08 4.95
N SER G 56 -36.33 -4.87 4.18
CA SER G 56 -36.40 -4.76 2.73
C SER G 56 -37.76 -5.27 2.26
N THR G 57 -38.35 -4.56 1.29
CA THR G 57 -39.71 -4.83 0.85
C THR G 57 -39.79 -4.94 -0.66
N GLY G 58 -40.84 -5.62 -1.11
CA GLY G 58 -41.23 -5.62 -2.50
C GLY G 58 -42.72 -5.46 -2.60
N TYR G 59 -43.20 -4.65 -3.54
CA TYR G 59 -44.62 -4.33 -3.64
C TYR G 59 -45.13 -4.60 -5.04
N ASN G 60 -46.41 -4.94 -5.12
CA ASN G 60 -47.09 -5.00 -6.41
C ASN G 60 -47.12 -3.61 -7.03
N PRO G 61 -46.72 -3.44 -8.29
CA PRO G 61 -46.70 -2.09 -8.87
C PRO G 61 -48.05 -1.40 -8.84
N SER G 62 -49.13 -2.12 -9.18
CA SER G 62 -50.44 -1.49 -9.28
C SER G 62 -50.92 -0.92 -7.95
N LEU G 63 -50.28 -1.30 -6.84
CA LEU G 63 -50.62 -0.78 -5.53
C LEU G 63 -49.48 -0.01 -4.86
N LYS G 64 -48.33 0.12 -5.50
CA LYS G 64 -47.13 0.63 -4.80
C LYS G 64 -47.41 1.95 -4.08
N SER G 65 -48.04 2.89 -4.76
CA SER G 65 -48.22 4.23 -4.19
C SER G 65 -49.04 4.21 -2.91
N ARG G 66 -49.89 3.20 -2.70
CA ARG G 66 -50.79 3.17 -1.56
C ARG G 66 -50.40 2.16 -0.48
N VAL G 67 -49.49 1.24 -0.78
CA VAL G 67 -49.19 0.12 0.12
C VAL G 67 -47.92 0.41 0.90
N THR G 68 -47.95 0.09 2.20
CA THR G 68 -46.75 0.11 3.02
C THR G 68 -46.74 -1.15 3.87
N ILE G 69 -45.62 -1.87 3.85
CA ILE G 69 -45.45 -3.05 4.68
C ILE G 69 -44.28 -2.82 5.63
N SER G 70 -44.48 -3.16 6.89
CA SER G 70 -43.47 -2.92 7.93
C SER G 70 -43.31 -4.17 8.79
N VAL G 71 -42.26 -4.19 9.60
CA VAL G 71 -42.01 -5.31 10.48
C VAL G 71 -41.66 -4.83 11.88
N ASP G 72 -41.84 -5.74 12.84
CA ASP G 72 -41.42 -5.55 14.23
C ASP G 72 -40.77 -6.88 14.62
N THR G 73 -39.43 -6.91 14.58
CA THR G 73 -38.72 -8.14 14.93
C THR G 73 -38.71 -8.39 16.43
N SER G 74 -39.05 -7.39 17.23
CA SER G 74 -39.07 -7.57 18.68
C SER G 74 -40.15 -8.57 19.08
N LYS G 75 -41.32 -8.51 18.44
CA LYS G 75 -42.40 -9.44 18.74
C LYS G 75 -42.79 -10.28 17.52
N ASN G 76 -41.90 -10.37 16.52
CA ASN G 76 -42.08 -11.23 15.35
C ASN G 76 -43.42 -10.98 14.67
N GLN G 77 -43.68 -9.72 14.30
CA GLN G 77 -44.90 -9.40 13.59
C GLN G 77 -44.57 -8.58 12.36
N PHE G 78 -45.53 -8.52 11.43
CA PHE G 78 -45.39 -7.66 10.26
C PHE G 78 -46.77 -7.14 9.89
N SER G 79 -46.78 -5.94 9.32
CA SER G 79 -48.00 -5.17 9.18
C SER G 79 -48.16 -4.65 7.75
N LEU G 80 -49.41 -4.52 7.35
CA LEU G 80 -49.82 -4.00 6.05
C LEU G 80 -50.71 -2.77 6.25
N LYS G 81 -50.37 -1.69 5.55
CA LYS G 81 -51.17 -0.46 5.53
C LYS G 81 -51.57 -0.17 4.09
N LEU G 82 -52.87 0.00 3.86
CA LEU G 82 -53.39 0.36 2.55
C LEU G 82 -54.17 1.66 2.67
N THR G 83 -53.68 2.72 2.05
CA THR G 83 -54.25 4.05 2.19
C THR G 83 -55.25 4.35 1.08
N SER G 84 -56.31 5.08 1.43
CA SER G 84 -57.33 5.51 0.47
C SER G 84 -58.00 4.32 -0.21
N VAL G 85 -58.58 3.45 0.62
CA VAL G 85 -59.19 2.23 0.11
C VAL G 85 -60.48 2.57 -0.61
N THR G 86 -60.66 2.00 -1.80
CA THR G 86 -61.89 2.12 -2.57
C THR G 86 -62.52 0.75 -2.74
N ALA G 87 -63.66 0.71 -3.44
CA ALA G 87 -64.42 -0.53 -3.58
C ALA G 87 -63.62 -1.64 -4.23
N ALA G 88 -62.58 -1.31 -5.00
CA ALA G 88 -61.73 -2.31 -5.61
C ALA G 88 -60.82 -3.02 -4.60
N ASP G 89 -60.78 -2.54 -3.35
CA ASP G 89 -59.93 -3.15 -2.32
C ASP G 89 -60.69 -4.10 -1.41
N THR G 90 -61.96 -4.35 -1.68
CA THR G 90 -62.68 -5.40 -0.96
C THR G 90 -62.13 -6.76 -1.36
N ALA G 91 -61.71 -7.54 -0.37
CA ALA G 91 -61.03 -8.81 -0.65
C ALA G 91 -60.79 -9.53 0.67
N VAL G 92 -60.44 -10.81 0.55
CA VAL G 92 -59.91 -11.57 1.68
C VAL G 92 -58.40 -11.41 1.68
N TYR G 93 -57.83 -11.09 2.85
CA TYR G 93 -56.41 -10.78 2.98
C TYR G 93 -55.73 -11.88 3.79
N TYR G 94 -54.65 -12.43 3.24
CA TYR G 94 -53.86 -13.47 3.86
C TYR G 94 -52.45 -12.96 4.11
N CYS G 95 -51.90 -13.29 5.27
CA CYS G 95 -50.46 -13.24 5.48
C CYS G 95 -49.89 -14.64 5.32
N ALA G 96 -48.64 -14.70 4.90
CA ALA G 96 -48.02 -15.99 4.60
C ALA G 96 -46.52 -15.91 4.81
N ARG G 97 -45.93 -17.07 5.07
CA ARG G 97 -44.49 -17.22 5.18
C ARG G 97 -43.97 -17.73 3.85
N GLY G 98 -43.08 -16.98 3.21
CA GLY G 98 -42.48 -17.36 1.95
C GLY G 98 -41.03 -17.75 2.16
N TYR G 99 -40.58 -18.72 1.40
CA TYR G 99 -39.19 -19.16 1.42
C TYR G 99 -38.68 -19.22 0.00
N SER G 100 -37.52 -18.62 -0.23
CA SER G 100 -36.88 -18.62 -1.53
C SER G 100 -35.55 -19.35 -1.45
N TYR G 101 -35.33 -20.26 -2.38
CA TYR G 101 -34.08 -21.00 -2.49
C TYR G 101 -33.41 -20.58 -3.78
N GLY G 102 -32.28 -19.89 -3.67
CA GLY G 102 -31.55 -19.45 -4.84
C GLY G 102 -30.10 -19.86 -4.84
N PHE G 103 -29.75 -20.91 -4.08
CA PHE G 103 -28.37 -21.36 -3.96
C PHE G 103 -27.95 -22.34 -5.05
N ALA G 104 -28.90 -22.97 -5.72
CA ALA G 104 -28.59 -23.92 -6.78
C ALA G 104 -29.78 -24.05 -7.71
N TRP G 105 -29.51 -24.41 -8.96
CA TRP G 105 -30.58 -24.58 -9.93
C TRP G 105 -31.16 -26.00 -9.84
N PRO G 106 -32.48 -26.15 -9.92
CA PRO G 106 -33.48 -25.08 -10.10
C PRO G 106 -33.77 -24.29 -8.84
N ASN G 107 -33.76 -22.97 -8.92
CA ASN G 107 -34.21 -22.15 -7.81
C ASN G 107 -35.71 -22.34 -7.62
N TYR G 108 -36.18 -22.09 -6.41
CA TYR G 108 -37.59 -22.26 -6.14
C TYR G 108 -38.03 -21.28 -5.05
N HIS G 109 -39.34 -21.07 -4.99
CA HIS G 109 -39.96 -20.22 -3.99
C HIS G 109 -41.35 -20.76 -3.70
N TYR G 110 -41.80 -20.61 -2.47
CA TYR G 110 -43.14 -21.05 -2.10
C TYR G 110 -43.61 -20.33 -0.86
N LEU G 111 -44.93 -20.34 -0.66
CA LEU G 111 -45.58 -19.86 0.56
C LEU G 111 -46.15 -21.08 1.27
N ASP G 112 -45.52 -21.50 2.37
CA ASP G 112 -45.87 -22.77 2.99
C ASP G 112 -46.78 -22.65 4.20
N VAL G 113 -46.73 -21.56 4.95
CA VAL G 113 -47.57 -21.37 6.13
C VAL G 113 -48.43 -20.15 5.91
N TRP G 114 -49.75 -20.32 5.99
CA TRP G 114 -50.69 -19.25 5.71
C TRP G 114 -51.51 -18.91 6.95
N GLY G 115 -51.86 -17.63 7.08
CA GLY G 115 -52.82 -17.22 8.08
C GLY G 115 -54.24 -17.54 7.66
N LYS G 116 -55.17 -17.35 8.60
CA LYS G 116 -56.56 -17.73 8.35
C LYS G 116 -57.18 -16.88 7.24
N GLY G 117 -56.89 -15.59 7.24
CA GLY G 117 -57.49 -14.70 6.25
C GLY G 117 -58.53 -13.82 6.91
N THR G 118 -58.57 -12.55 6.49
CA THR G 118 -59.49 -11.56 7.03
C THR G 118 -60.28 -10.96 5.89
N THR G 119 -61.61 -11.06 5.97
CA THR G 119 -62.45 -10.40 4.98
C THR G 119 -62.44 -8.89 5.22
N VAL G 120 -62.29 -8.12 4.14
CA VAL G 120 -62.27 -6.67 4.21
C VAL G 120 -63.23 -6.15 3.15
N THR G 121 -64.26 -5.42 3.59
CA THR G 121 -65.22 -4.80 2.70
C THR G 121 -65.26 -3.30 2.97
N VAL G 122 -65.34 -2.51 1.91
CA VAL G 122 -65.46 -1.06 1.99
C VAL G 122 -66.78 -0.66 1.33
N SER G 123 -67.59 0.09 2.05
CA SER G 123 -68.89 0.50 1.56
C SER G 123 -69.34 1.73 2.33
N SER G 124 -70.45 2.32 1.90
CA SER G 124 -71.01 3.50 2.54
C SER G 124 -72.01 3.17 3.64
N ALA G 125 -72.37 1.90 3.80
CA ALA G 125 -73.34 1.50 4.82
C ALA G 125 -72.65 1.00 6.08
N GLU H 1 -41.10 -8.21 -16.25
CA GLU H 1 -41.91 -9.00 -15.33
C GLU H 1 -42.43 -10.26 -16.01
N ILE H 2 -42.43 -11.38 -15.29
CA ILE H 2 -42.94 -12.63 -15.81
C ILE H 2 -44.39 -12.81 -15.37
N VAL H 3 -45.25 -13.13 -16.32
CA VAL H 3 -46.64 -13.41 -16.03
C VAL H 3 -46.92 -14.89 -16.31
N LEU H 4 -47.95 -15.40 -15.66
CA LEU H 4 -48.33 -16.81 -15.79
C LEU H 4 -49.74 -16.90 -16.35
N THR H 5 -49.89 -17.68 -17.41
CA THR H 5 -51.19 -17.99 -17.99
C THR H 5 -51.47 -19.47 -17.78
N GLN H 6 -52.58 -19.79 -17.13
CA GLN H 6 -52.92 -21.16 -16.83
C GLN H 6 -53.89 -21.72 -17.86
N SER H 7 -53.77 -23.01 -18.14
CA SER H 7 -54.63 -23.72 -19.05
C SER H 7 -55.14 -25.01 -18.41
N PRO H 8 -56.45 -25.29 -18.54
CA PRO H 8 -57.47 -24.43 -19.15
C PRO H 8 -58.10 -23.52 -18.11
N ALA H 9 -59.17 -22.79 -18.47
CA ALA H 9 -59.86 -21.98 -17.46
C ALA H 9 -60.55 -22.87 -16.43
N THR H 10 -61.17 -23.96 -16.88
CA THR H 10 -61.86 -24.88 -15.99
C THR H 10 -61.70 -26.30 -16.51
N LEU H 11 -61.83 -27.25 -15.60
CA LEU H 11 -61.73 -28.68 -15.91
C LEU H 11 -62.91 -29.41 -15.31
N SER H 12 -63.50 -30.33 -16.08
CA SER H 12 -64.57 -31.20 -15.62
C SER H 12 -64.08 -32.63 -15.72
N LEU H 13 -63.90 -33.28 -14.57
CA LEU H 13 -63.39 -34.64 -14.52
C LEU H 13 -64.11 -35.41 -13.43
N SER H 14 -64.12 -36.74 -13.58
CA SER H 14 -64.69 -37.72 -12.67
C SER H 14 -63.63 -38.22 -11.69
N PRO H 15 -64.04 -38.63 -10.49
CA PRO H 15 -63.07 -39.24 -9.56
C PRO H 15 -62.42 -40.47 -10.17
N GLY H 16 -61.12 -40.61 -9.96
CA GLY H 16 -60.34 -41.66 -10.56
C GLY H 16 -59.74 -41.31 -11.92
N GLU H 17 -60.14 -40.20 -12.50
CA GLU H 17 -59.57 -39.76 -13.77
C GLU H 17 -58.26 -39.01 -13.52
N ARG H 18 -57.49 -38.82 -14.59
CA ARG H 18 -56.21 -38.14 -14.52
C ARG H 18 -56.40 -36.66 -14.82
N ALA H 19 -55.90 -35.80 -13.93
CA ALA H 19 -56.02 -34.36 -14.08
C ALA H 19 -54.67 -33.77 -14.47
N THR H 20 -54.66 -32.95 -15.52
CA THR H 20 -53.44 -32.32 -16.01
C THR H 20 -53.70 -30.83 -16.18
N LEU H 21 -52.92 -30.01 -15.50
CA LEU H 21 -53.06 -28.56 -15.53
C LEU H 21 -51.76 -27.95 -16.00
N SER H 22 -51.84 -26.92 -16.86
CA SER H 22 -50.65 -26.33 -17.43
C SER H 22 -50.52 -24.87 -17.00
N CYS H 23 -49.28 -24.42 -16.89
CA CYS H 23 -48.95 -23.03 -16.60
C CYS H 23 -47.84 -22.61 -17.54
N ARG H 24 -48.07 -21.56 -18.31
CA ARG H 24 -47.15 -21.04 -19.29
C ARG H 24 -46.66 -19.67 -18.85
N ALA H 25 -45.33 -19.50 -18.83
CA ALA H 25 -44.71 -18.25 -18.43
C ALA H 25 -44.35 -17.44 -19.68
N SER H 26 -44.47 -16.11 -19.57
CA SER H 26 -44.17 -15.22 -20.69
C SER H 26 -42.70 -15.22 -21.07
N GLN H 27 -41.82 -15.76 -20.21
CA GLN H 27 -40.42 -15.93 -20.55
C GLN H 27 -39.85 -17.02 -19.66
N SER H 28 -38.60 -17.40 -19.94
CA SER H 28 -37.95 -18.45 -19.17
C SER H 28 -37.94 -18.09 -17.70
N VAL H 29 -38.29 -19.05 -16.84
CA VAL H 29 -38.59 -18.73 -15.45
C VAL H 29 -37.32 -18.38 -14.68
N SER H 30 -37.43 -17.40 -13.79
CA SER H 30 -36.35 -17.12 -12.85
C SER H 30 -36.20 -18.23 -11.83
N SER H 31 -37.30 -18.88 -11.44
CA SER H 31 -37.26 -20.03 -10.57
C SER H 31 -38.45 -20.91 -10.88
N TYR H 32 -38.32 -22.20 -10.58
CA TYR H 32 -39.36 -23.15 -10.92
C TYR H 32 -40.64 -22.84 -10.14
N LEU H 33 -41.77 -23.06 -10.79
CA LEU H 33 -43.05 -22.63 -10.25
C LEU H 33 -43.46 -23.49 -9.07
N ALA H 34 -44.43 -22.98 -8.30
CA ALA H 34 -45.06 -23.80 -7.29
C ALA H 34 -46.57 -23.74 -7.48
N TRP H 35 -47.24 -24.76 -6.96
CA TRP H 35 -48.66 -24.99 -7.19
C TRP H 35 -49.38 -25.07 -5.85
N TYR H 36 -50.50 -24.37 -5.77
CA TYR H 36 -51.36 -24.30 -4.59
C TYR H 36 -52.77 -24.77 -4.93
N GLN H 37 -53.42 -25.35 -3.93
CA GLN H 37 -54.82 -25.73 -3.98
C GLN H 37 -55.61 -24.84 -3.04
N HIS H 38 -56.76 -24.35 -3.50
CA HIS H 38 -57.56 -23.42 -2.72
C HIS H 38 -59.02 -23.82 -2.78
N LYS H 39 -59.64 -23.95 -1.60
CA LYS H 39 -61.05 -24.24 -1.43
C LYS H 39 -61.74 -23.06 -0.75
N PRO H 40 -63.04 -22.86 -0.97
CA PRO H 40 -63.75 -21.80 -0.25
C PRO H 40 -63.71 -22.02 1.25
N GLY H 41 -63.57 -20.93 1.99
CA GLY H 41 -63.58 -20.98 3.43
C GLY H 41 -62.27 -21.34 4.09
N GLN H 42 -61.17 -21.38 3.35
CA GLN H 42 -59.87 -21.69 3.95
C GLN H 42 -58.76 -21.13 3.08
N ALA H 43 -57.57 -21.07 3.67
CA ALA H 43 -56.42 -20.48 3.00
C ALA H 43 -55.88 -21.42 1.93
N PRO H 44 -55.16 -20.88 0.93
CA PRO H 44 -54.52 -21.75 -0.06
C PRO H 44 -53.50 -22.66 0.60
N ARG H 45 -53.33 -23.85 0.02
CA ARG H 45 -52.45 -24.86 0.56
C ARG H 45 -51.36 -25.17 -0.46
N LEU H 46 -50.11 -25.14 -0.01
CA LEU H 46 -48.99 -25.42 -0.91
C LEU H 46 -49.01 -26.89 -1.29
N LEU H 47 -49.14 -27.17 -2.57
CA LEU H 47 -49.10 -28.55 -3.06
C LEU H 47 -47.70 -28.94 -3.52
N ILE H 48 -47.16 -28.22 -4.50
CA ILE H 48 -45.90 -28.60 -5.12
C ILE H 48 -45.00 -27.37 -5.18
N TYR H 49 -43.69 -27.59 -5.12
CA TYR H 49 -42.73 -26.52 -5.28
C TYR H 49 -41.51 -27.04 -6.01
N GLY H 50 -40.73 -26.12 -6.58
CA GLY H 50 -39.65 -26.53 -7.45
C GLY H 50 -40.13 -27.28 -8.67
N ALA H 51 -41.42 -27.13 -8.99
CA ALA H 51 -42.12 -27.71 -10.13
C ALA H 51 -42.30 -29.21 -10.00
N SER H 52 -41.64 -29.85 -9.03
CA SER H 52 -41.77 -31.30 -8.91
C SER H 52 -41.71 -31.85 -7.49
N LYS H 53 -41.60 -31.02 -6.46
CA LYS H 53 -41.38 -31.50 -5.09
C LYS H 53 -42.67 -31.37 -4.28
N ARG H 54 -43.10 -32.49 -3.67
CA ARG H 54 -44.28 -32.47 -2.84
C ARG H 54 -43.99 -31.78 -1.51
N ALA H 55 -44.95 -30.97 -1.06
CA ALA H 55 -44.85 -30.34 0.25
C ALA H 55 -45.26 -31.34 1.33
N THR H 56 -45.22 -30.88 2.58
CA THR H 56 -45.55 -31.73 3.70
C THR H 56 -47.03 -32.10 3.70
N GLY H 57 -47.32 -33.39 3.90
CA GLY H 57 -48.69 -33.85 3.96
C GLY H 57 -49.41 -33.92 2.65
N ILE H 58 -48.71 -33.76 1.53
CA ILE H 58 -49.32 -33.80 0.20
C ILE H 58 -49.30 -35.24 -0.28
N PRO H 59 -50.45 -35.83 -0.65
CA PRO H 59 -50.46 -37.21 -1.09
C PRO H 59 -49.62 -37.42 -2.35
N SER H 60 -49.11 -38.65 -2.51
CA SER H 60 -48.21 -38.95 -3.61
C SER H 60 -48.87 -38.84 -4.96
N ARG H 61 -50.21 -38.79 -5.02
CA ARG H 61 -50.91 -38.64 -6.29
C ARG H 61 -50.68 -37.27 -6.91
N PHE H 62 -50.18 -36.30 -6.15
CA PHE H 62 -49.85 -34.98 -6.69
C PHE H 62 -48.42 -35.00 -7.20
N SER H 63 -48.26 -34.71 -8.49
CA SER H 63 -46.94 -34.66 -9.11
C SER H 63 -46.83 -33.39 -9.95
N GLY H 64 -45.61 -33.03 -10.30
CA GLY H 64 -45.38 -31.88 -11.14
C GLY H 64 -44.21 -32.11 -12.07
N SER H 65 -44.16 -31.29 -13.12
CA SER H 65 -43.06 -31.36 -14.07
C SER H 65 -42.99 -30.04 -14.82
N GLY H 66 -41.89 -29.86 -15.53
CA GLY H 66 -41.75 -28.73 -16.43
C GLY H 66 -40.44 -28.00 -16.24
N SER H 67 -40.20 -27.07 -17.16
CA SER H 67 -38.99 -26.25 -17.18
C SER H 67 -39.23 -25.15 -18.21
N GLY H 68 -38.26 -24.25 -18.34
CA GLY H 68 -38.34 -23.17 -19.29
C GLY H 68 -39.57 -22.31 -19.10
N THR H 69 -40.53 -22.44 -20.02
CA THR H 69 -41.79 -21.71 -19.93
C THR H 69 -42.99 -22.60 -19.65
N ASP H 70 -42.83 -23.92 -19.72
CA ASP H 70 -43.96 -24.84 -19.63
C ASP H 70 -43.86 -25.63 -18.33
N PHE H 71 -44.91 -25.58 -17.52
CA PHE H 71 -44.98 -26.37 -16.30
C PHE H 71 -46.35 -27.00 -16.21
N SER H 72 -46.42 -28.15 -15.53
CA SER H 72 -47.66 -28.89 -15.44
C SER H 72 -47.78 -29.55 -14.07
N LEU H 73 -49.01 -29.59 -13.57
CA LEU H 73 -49.38 -30.30 -12.36
C LEU H 73 -50.28 -31.47 -12.72
N THR H 74 -50.01 -32.63 -12.13
CA THR H 74 -50.70 -33.86 -12.46
C THR H 74 -51.29 -34.48 -11.20
N ILE H 75 -52.55 -34.88 -11.29
CA ILE H 75 -53.19 -35.71 -10.27
C ILE H 75 -53.52 -37.03 -10.94
N SER H 76 -52.81 -38.09 -10.54
CA SER H 76 -52.94 -39.38 -11.21
C SER H 76 -54.36 -39.92 -11.09
N SER H 77 -54.79 -40.22 -9.87
CA SER H 77 -56.15 -40.67 -9.60
C SER H 77 -56.76 -39.69 -8.60
N LEU H 78 -57.52 -38.73 -9.11
CA LEU H 78 -57.99 -37.63 -8.29
C LEU H 78 -59.10 -38.10 -7.34
N GLU H 79 -58.95 -37.75 -6.06
CA GLU H 79 -59.91 -38.07 -5.03
C GLU H 79 -61.01 -37.01 -4.99
N PRO H 80 -62.14 -37.31 -4.35
CA PRO H 80 -63.22 -36.30 -4.26
C PRO H 80 -62.80 -35.01 -3.56
N GLU H 81 -61.80 -35.06 -2.68
CA GLU H 81 -61.34 -33.87 -1.99
C GLU H 81 -60.35 -33.06 -2.82
N ASP H 82 -60.00 -33.52 -4.02
CA ASP H 82 -59.08 -32.81 -4.89
C ASP H 82 -59.77 -31.76 -5.75
N PHE H 83 -61.09 -31.62 -5.64
CA PHE H 83 -61.83 -30.64 -6.42
C PHE H 83 -61.73 -29.29 -5.73
N ALA H 84 -61.05 -28.34 -6.37
CA ALA H 84 -60.76 -27.03 -5.81
C ALA H 84 -60.27 -26.15 -6.96
N VAL H 85 -59.72 -24.98 -6.62
CA VAL H 85 -59.13 -24.08 -7.60
C VAL H 85 -57.61 -24.13 -7.42
N TYR H 86 -56.89 -24.28 -8.51
CA TYR H 86 -55.44 -24.50 -8.46
C TYR H 86 -54.71 -23.31 -9.08
N TYR H 87 -53.65 -22.87 -8.40
CA TYR H 87 -52.88 -21.70 -8.82
C TYR H 87 -51.42 -22.08 -9.01
N CYS H 88 -50.81 -21.57 -10.08
CA CYS H 88 -49.36 -21.57 -10.21
C CYS H 88 -48.83 -20.20 -9.82
N GLN H 89 -47.67 -20.20 -9.16
CA GLN H 89 -47.05 -18.96 -8.72
C GLN H 89 -45.56 -19.02 -9.00
N HIS H 90 -45.02 -17.85 -9.34
CA HIS H 90 -43.63 -17.65 -9.71
C HIS H 90 -43.10 -16.48 -8.90
N ARG H 91 -41.79 -16.47 -8.69
CA ARG H 91 -41.16 -15.32 -8.04
C ARG H 91 -39.86 -15.00 -8.74
N SER H 92 -39.78 -13.81 -9.31
CA SER H 92 -38.50 -13.21 -9.62
C SER H 92 -38.09 -12.34 -8.42
N ASP H 93 -36.87 -11.81 -8.47
CA ASP H 93 -36.34 -11.12 -7.30
C ASP H 93 -37.28 -10.03 -6.80
N TRP H 94 -37.83 -10.23 -5.60
CA TRP H 94 -38.70 -9.26 -4.94
C TRP H 94 -39.97 -8.96 -5.73
N ARG H 95 -40.41 -9.91 -6.56
CA ARG H 95 -41.66 -9.75 -7.31
C ARG H 95 -42.30 -11.13 -7.45
N THR H 96 -43.46 -11.31 -6.82
CA THR H 96 -44.20 -12.56 -6.84
C THR H 96 -45.44 -12.38 -7.71
N THR H 97 -45.69 -13.35 -8.60
CA THR H 97 -46.86 -13.30 -9.47
C THR H 97 -47.60 -14.63 -9.42
N PHE H 98 -48.92 -14.56 -9.56
CA PHE H 98 -49.80 -15.72 -9.53
C PHE H 98 -50.40 -15.95 -10.91
N GLY H 99 -50.64 -17.21 -11.23
CA GLY H 99 -51.48 -17.53 -12.37
C GLY H 99 -52.93 -17.18 -12.08
N GLN H 100 -53.70 -17.02 -13.16
CA GLN H 100 -55.10 -16.63 -13.00
C GLN H 100 -55.94 -17.72 -12.37
N GLY H 101 -55.46 -18.95 -12.32
CA GLY H 101 -56.17 -20.02 -11.65
C GLY H 101 -56.91 -20.92 -12.62
N THR H 102 -57.04 -22.19 -12.23
CA THR H 102 -57.78 -23.19 -12.99
C THR H 102 -58.76 -23.89 -12.06
N ARG H 103 -60.02 -23.93 -12.46
CA ARG H 103 -61.07 -24.53 -11.64
C ARG H 103 -61.24 -26.00 -12.01
N LEU H 104 -61.10 -26.88 -11.03
CA LEU H 104 -61.26 -28.32 -11.20
C LEU H 104 -62.53 -28.74 -10.48
N GLU H 105 -63.54 -29.17 -11.24
CA GLU H 105 -64.83 -29.55 -10.68
C GLU H 105 -65.28 -30.88 -11.26
N ILE H 106 -66.23 -31.51 -10.57
CA ILE H 106 -66.78 -32.79 -11.00
C ILE H 106 -67.51 -32.63 -12.33
N GLU I 1 -2.75 41.15 -18.56
CA GLU I 1 -3.10 40.90 -19.95
C GLU I 1 -2.10 41.57 -20.89
N ILE I 2 -1.63 40.83 -21.88
CA ILE I 2 -0.66 41.35 -22.83
C ILE I 2 -1.41 42.08 -23.94
N VAL I 3 -1.07 43.36 -24.13
CA VAL I 3 -1.69 44.19 -25.14
C VAL I 3 -0.61 44.64 -26.14
N LEU I 4 -1.07 45.03 -27.33
CA LEU I 4 -0.17 45.34 -28.43
C LEU I 4 -0.44 46.74 -28.96
N THR I 5 0.62 47.52 -29.14
CA THR I 5 0.56 48.80 -29.82
C THR I 5 1.36 48.71 -31.12
N GLN I 6 0.73 49.07 -32.23
CA GLN I 6 1.39 49.06 -33.52
C GLN I 6 1.91 50.44 -33.86
N SER I 7 3.04 50.47 -34.56
CA SER I 7 3.71 51.69 -34.96
C SER I 7 4.16 51.61 -36.41
N PRO I 8 3.94 52.69 -37.17
CA PRO I 8 3.14 53.86 -36.80
C PRO I 8 1.67 53.63 -37.15
N ALA I 9 0.83 54.66 -37.13
CA ALA I 9 -0.57 54.46 -37.52
C ALA I 9 -0.72 54.28 -39.02
N THR I 10 0.01 55.07 -39.80
CA THR I 10 -0.08 55.03 -41.25
C THR I 10 1.29 55.23 -41.86
N LEU I 11 1.54 54.59 -43.00
CA LEU I 11 2.74 54.82 -43.78
C LEU I 11 2.36 55.18 -45.21
N SER I 12 3.08 56.14 -45.78
CA SER I 12 2.94 56.51 -47.18
C SER I 12 4.23 56.10 -47.89
N LEU I 13 4.15 55.04 -48.68
CA LEU I 13 5.32 54.50 -49.36
C LEU I 13 4.99 54.18 -50.81
N SER I 14 5.92 54.51 -51.70
CA SER I 14 5.81 54.18 -53.10
C SER I 14 6.14 52.70 -53.32
N PRO I 15 5.56 52.07 -54.34
CA PRO I 15 5.92 50.68 -54.65
C PRO I 15 7.40 50.55 -54.94
N GLY I 16 8.00 49.47 -54.46
CA GLY I 16 9.43 49.25 -54.57
C GLY I 16 10.24 49.71 -53.37
N GLU I 17 9.65 50.51 -52.49
CA GLU I 17 10.31 50.93 -51.27
C GLU I 17 10.32 49.77 -50.26
N ARG I 18 10.83 50.03 -49.07
CA ARG I 18 10.88 49.04 -48.00
C ARG I 18 9.90 49.42 -46.92
N ALA I 19 8.99 48.50 -46.59
CA ALA I 19 7.95 48.74 -45.60
C ALA I 19 8.32 48.03 -44.30
N THR I 20 8.33 48.78 -43.21
CA THR I 20 8.64 48.24 -41.89
C THR I 20 7.53 48.63 -40.92
N LEU I 21 6.96 47.64 -40.25
CA LEU I 21 5.89 47.85 -39.29
C LEU I 21 6.30 47.25 -37.95
N SER I 22 6.05 47.96 -36.86
CA SER I 22 6.45 47.50 -35.54
C SER I 22 5.23 47.21 -34.69
N CYS I 23 5.36 46.19 -33.84
CA CYS I 23 4.36 45.84 -32.83
C CYS I 23 5.08 45.70 -31.50
N ARG I 24 4.61 46.43 -30.50
CA ARG I 24 5.20 46.45 -29.18
C ARG I 24 4.21 45.90 -28.17
N ALA I 25 4.64 44.91 -27.39
CA ALA I 25 3.81 44.29 -26.38
C ALA I 25 4.09 44.91 -25.01
N SER I 26 3.04 45.04 -24.20
CA SER I 26 3.19 45.64 -22.87
C SER I 26 4.11 44.84 -21.97
N GLN I 27 4.26 43.54 -22.21
CA GLN I 27 5.21 42.73 -21.47
C GLN I 27 5.75 41.65 -22.40
N SER I 28 6.69 40.86 -21.91
CA SER I 28 7.26 39.78 -22.70
C SER I 28 6.17 38.83 -23.16
N VAL I 29 6.16 38.53 -24.46
CA VAL I 29 5.02 37.82 -25.06
C VAL I 29 4.96 36.39 -24.55
N SER I 30 3.73 35.87 -24.48
CA SER I 30 3.53 34.45 -24.18
C SER I 30 3.83 33.57 -25.39
N SER I 31 3.56 34.07 -26.59
CA SER I 31 3.91 33.38 -27.82
C SER I 31 4.23 34.43 -28.88
N TYR I 32 5.06 34.04 -29.85
CA TYR I 32 5.48 34.96 -30.89
C TYR I 32 4.27 35.37 -31.74
N LEU I 33 4.29 36.62 -32.18
CA LEU I 33 3.10 37.24 -32.74
C LEU I 33 2.80 36.73 -34.15
N ALA I 34 1.56 36.96 -34.57
CA ALA I 34 1.14 36.72 -35.95
C ALA I 34 0.81 38.05 -36.61
N TRP I 35 0.97 38.09 -37.93
CA TRP I 35 0.71 39.28 -38.72
C TRP I 35 -0.29 38.93 -39.81
N TYR I 36 -1.33 39.75 -39.91
CA TYR I 36 -2.40 39.59 -40.88
C TYR I 36 -2.50 40.83 -41.77
N GLN I 37 -2.81 40.60 -43.04
CA GLN I 37 -3.14 41.65 -43.98
C GLN I 37 -4.64 41.61 -44.25
N HIS I 38 -5.25 42.78 -44.34
CA HIS I 38 -6.68 42.82 -44.60
C HIS I 38 -7.04 44.05 -45.43
N LYS I 39 -7.83 43.83 -46.47
CA LYS I 39 -8.37 44.80 -47.41
C LYS I 39 -9.88 44.90 -47.25
N PRO I 40 -10.47 46.04 -47.60
CA PRO I 40 -11.94 46.15 -47.57
C PRO I 40 -12.59 45.14 -48.51
N GLY I 41 -13.69 44.55 -48.06
CA GLY I 41 -14.46 43.63 -48.88
C GLY I 41 -14.02 42.19 -48.84
N GLN I 42 -13.18 41.80 -47.88
CA GLN I 42 -12.75 40.40 -47.78
C GLN I 42 -12.24 40.16 -46.37
N ALA I 43 -11.99 38.89 -46.07
CA ALA I 43 -11.53 38.48 -44.74
C ALA I 43 -10.04 38.73 -44.58
N PRO I 44 -9.57 38.89 -43.34
CA PRO I 44 -8.13 39.03 -43.12
C PRO I 44 -7.38 37.79 -43.57
N ARG I 45 -6.15 37.99 -44.01
CA ARG I 45 -5.30 36.92 -44.52
C ARG I 45 -4.08 36.78 -43.62
N LEU I 46 -3.81 35.54 -43.20
CA LEU I 46 -2.64 35.28 -42.38
C LEU I 46 -1.38 35.47 -43.22
N LEU I 47 -0.51 36.38 -42.79
CA LEU I 47 0.76 36.62 -43.48
C LEU I 47 1.91 35.89 -42.82
N ILE I 48 2.14 36.16 -41.53
CA ILE I 48 3.30 35.63 -40.83
C ILE I 48 2.85 35.06 -39.49
N TYR I 49 3.48 33.97 -39.07
CA TYR I 49 3.21 33.40 -37.75
C TYR I 49 4.52 32.97 -37.12
N GLY I 50 4.51 32.84 -35.80
CA GLY I 50 5.75 32.59 -35.09
C GLY I 50 6.75 33.71 -35.24
N ALA I 51 6.29 34.88 -35.69
CA ALA I 51 7.04 36.12 -35.86
C ALA I 51 8.00 36.07 -37.03
N SER I 52 8.21 34.89 -37.62
CA SER I 52 9.13 34.82 -38.76
C SER I 52 8.76 33.80 -39.83
N LYS I 53 7.64 33.10 -39.71
CA LYS I 53 7.30 32.02 -40.63
C LYS I 53 6.19 32.46 -41.58
N ARG I 54 6.42 32.27 -42.87
CA ARG I 54 5.43 32.62 -43.88
C ARG I 54 4.34 31.56 -43.96
N ALA I 55 3.10 32.00 -44.08
CA ALA I 55 1.98 31.09 -44.26
C ALA I 55 1.92 30.61 -45.71
N THR I 56 0.94 29.77 -46.00
CA THR I 56 0.77 29.22 -47.34
C THR I 56 0.40 30.33 -48.32
N GLY I 57 1.05 30.32 -49.49
CA GLY I 57 0.74 31.28 -50.53
C GLY I 57 1.23 32.68 -50.29
N ILE I 58 2.06 32.90 -49.26
CA ILE I 58 2.57 34.23 -48.96
C ILE I 58 3.89 34.44 -49.71
N PRO I 59 4.02 35.50 -50.50
CA PRO I 59 5.26 35.72 -51.25
C PRO I 59 6.44 35.92 -50.32
N SER I 60 7.64 35.56 -50.81
CA SER I 60 8.85 35.59 -50.00
C SER I 60 9.24 37.00 -49.57
N ARG I 61 8.69 38.03 -50.21
CA ARG I 61 9.00 39.40 -49.81
C ARG I 61 8.50 39.72 -48.40
N PHE I 62 7.48 39.01 -47.93
CA PHE I 62 7.00 39.19 -46.57
C PHE I 62 7.93 38.47 -45.60
N SER I 63 8.48 39.22 -44.65
CA SER I 63 9.38 38.67 -43.65
C SER I 63 8.97 39.20 -42.29
N GLY I 64 9.39 38.48 -41.24
CA GLY I 64 9.13 38.92 -39.89
C GLY I 64 10.35 38.72 -39.03
N SER I 65 10.33 39.39 -37.88
CA SER I 65 11.39 39.23 -36.90
C SER I 65 10.90 39.76 -35.56
N GLY I 66 11.65 39.46 -34.52
CA GLY I 66 11.42 40.03 -33.21
C GLY I 66 11.40 38.99 -32.12
N SER I 67 11.32 39.50 -30.90
CA SER I 67 11.28 38.69 -29.68
C SER I 67 10.95 39.61 -28.52
N GLY I 68 10.78 39.02 -27.34
CA GLY I 68 10.50 39.79 -26.15
C GLY I 68 9.25 40.64 -26.27
N THR I 69 9.45 41.95 -26.40
CA THR I 69 8.35 42.88 -26.58
C THR I 69 8.32 43.52 -27.96
N ASP I 70 9.38 43.38 -28.75
CA ASP I 70 9.52 44.10 -30.01
C ASP I 70 9.41 43.11 -31.17
N PHE I 71 8.47 43.37 -32.08
CA PHE I 71 8.32 42.54 -33.27
C PHE I 71 8.15 43.45 -34.47
N SER I 72 8.56 42.96 -35.64
CA SER I 72 8.51 43.76 -36.84
C SER I 72 8.15 42.90 -38.03
N LEU I 73 7.38 43.49 -38.94
CA LEU I 73 7.01 42.90 -40.22
C LEU I 73 7.66 43.74 -41.32
N THR I 74 8.25 43.07 -42.31
CA THR I 74 9.03 43.73 -43.35
C THR I 74 8.51 43.30 -44.71
N ILE I 75 8.30 44.26 -45.59
CA ILE I 75 8.04 44.04 -47.00
C ILE I 75 9.22 44.64 -47.75
N SER I 76 10.04 43.77 -48.35
CA SER I 76 11.28 44.22 -48.98
C SER I 76 10.98 45.17 -50.14
N SER I 77 10.29 44.69 -51.16
CA SER I 77 9.82 45.52 -52.27
C SER I 77 8.32 45.32 -52.37
N LEU I 78 7.55 46.36 -52.04
CA LEU I 78 6.11 46.23 -51.91
C LEU I 78 5.43 46.44 -53.25
N GLU I 79 4.61 45.47 -53.66
CA GLU I 79 3.83 45.53 -54.87
C GLU I 79 2.57 46.35 -54.64
N PRO I 80 1.89 46.78 -55.72
CA PRO I 80 0.65 47.54 -55.55
C PRO I 80 -0.44 46.78 -54.79
N GLU I 81 -0.44 45.45 -54.85
CA GLU I 81 -1.44 44.66 -54.14
C GLU I 81 -1.11 44.47 -52.67
N ASP I 82 0.03 44.97 -52.20
CA ASP I 82 0.40 44.88 -50.80
C ASP I 82 -0.17 46.01 -49.95
N PHE I 83 -0.83 46.99 -50.55
CA PHE I 83 -1.36 48.13 -49.82
C PHE I 83 -2.68 47.73 -49.19
N ALA I 84 -2.69 47.67 -47.86
CA ALA I 84 -3.84 47.20 -47.08
C ALA I 84 -3.64 47.68 -45.65
N VAL I 85 -4.40 47.13 -44.71
CA VAL I 85 -4.22 47.40 -43.29
C VAL I 85 -3.70 46.14 -42.62
N TYR I 86 -2.68 46.30 -41.77
CA TYR I 86 -1.95 45.18 -41.21
C TYR I 86 -2.12 45.14 -39.69
N TYR I 87 -2.38 43.95 -39.16
CA TYR I 87 -2.60 43.75 -37.73
C TYR I 87 -1.59 42.76 -37.17
N CYS I 88 -1.05 43.07 -36.00
CA CYS I 88 -0.37 42.05 -35.21
C CYS I 88 -1.36 41.44 -34.23
N GLN I 89 -1.08 40.20 -33.84
CA GLN I 89 -1.98 39.46 -32.98
C GLN I 89 -1.18 38.57 -32.04
N HIS I 90 -1.62 38.51 -30.80
CA HIS I 90 -0.97 37.75 -29.75
C HIS I 90 -2.01 36.88 -29.05
N ARG I 91 -1.56 35.77 -28.50
CA ARG I 91 -2.44 34.92 -27.70
C ARG I 91 -1.72 34.47 -26.46
N SER I 92 -2.29 34.77 -25.30
CA SER I 92 -1.99 34.06 -24.07
C SER I 92 -3.08 33.01 -23.87
N ASP I 93 -2.89 32.17 -22.86
CA ASP I 93 -3.82 31.06 -22.68
C ASP I 93 -5.27 31.54 -22.64
N TRP I 94 -6.04 31.17 -23.65
CA TRP I 94 -7.46 31.47 -23.75
C TRP I 94 -7.74 32.98 -23.78
N ARG I 95 -6.82 33.76 -24.34
CA ARG I 95 -7.04 35.19 -24.48
C ARG I 95 -6.26 35.67 -25.71
N THR I 96 -7.00 36.10 -26.74
CA THR I 96 -6.42 36.61 -27.96
C THR I 96 -6.58 38.13 -28.01
N THR I 97 -5.53 38.83 -28.41
CA THR I 97 -5.56 40.28 -28.55
C THR I 97 -4.98 40.68 -29.90
N PHE I 98 -5.49 41.79 -30.43
CA PHE I 98 -5.07 42.34 -31.70
C PHE I 98 -4.41 43.69 -31.48
N GLY I 99 -3.43 44.00 -32.33
CA GLY I 99 -2.95 45.37 -32.40
C GLY I 99 -3.99 46.28 -33.02
N GLN I 100 -3.87 47.57 -32.72
CA GLN I 100 -4.85 48.53 -33.23
C GLN I 100 -4.81 48.66 -34.73
N GLY I 101 -3.72 48.25 -35.38
CA GLY I 101 -3.67 48.23 -36.82
C GLY I 101 -2.79 49.34 -37.38
N THR I 102 -2.23 49.08 -38.56
CA THR I 102 -1.40 50.03 -39.28
C THR I 102 -1.81 50.04 -40.74
N ARG I 103 -1.99 51.23 -41.31
CA ARG I 103 -2.48 51.36 -42.68
C ARG I 103 -1.31 51.70 -43.60
N LEU I 104 -1.11 50.86 -44.63
CA LEU I 104 -0.18 51.14 -45.70
C LEU I 104 -0.95 51.65 -46.91
N GLU I 105 -0.62 52.84 -47.38
CA GLU I 105 -1.25 53.42 -48.55
C GLU I 105 -0.18 54.03 -49.46
N ILE I 106 -0.51 54.12 -50.74
CA ILE I 106 0.41 54.69 -51.72
C ILE I 106 0.62 56.18 -51.45
N GLU J 1 -20.17 17.13 36.60
CA GLU J 1 -19.44 18.33 36.98
C GLU J 1 -18.97 18.25 38.42
N ILE J 2 -17.72 18.65 38.65
CA ILE J 2 -17.12 18.59 39.97
C ILE J 2 -17.40 19.90 40.70
N VAL J 3 -18.08 19.83 41.84
CA VAL J 3 -18.35 21.00 42.65
C VAL J 3 -17.57 20.89 43.95
N LEU J 4 -17.36 22.04 44.59
CA LEU J 4 -16.57 22.12 45.81
C LEU J 4 -17.40 22.75 46.93
N THR J 5 -17.38 22.11 48.09
CA THR J 5 -17.99 22.65 49.30
C THR J 5 -16.90 22.88 50.33
N GLN J 6 -16.82 24.10 50.84
CA GLN J 6 -15.80 24.46 51.82
C GLN J 6 -16.35 24.38 53.23
N SER J 7 -15.45 24.09 54.18
CA SER J 7 -15.81 23.95 55.59
C SER J 7 -14.76 24.62 56.47
N PRO J 8 -15.19 25.42 57.45
CA PRO J 8 -16.58 25.85 57.67
C PRO J 8 -16.88 27.13 56.89
N ALA J 9 -18.01 27.78 57.14
CA ALA J 9 -18.30 29.05 56.47
C ALA J 9 -17.43 30.17 57.03
N THR J 10 -17.26 30.22 58.35
CA THR J 10 -16.49 31.27 59.00
C THR J 10 -15.61 30.65 60.07
N LEU J 11 -14.38 31.15 60.19
CA LEU J 11 -13.45 30.73 61.23
C LEU J 11 -13.06 31.93 62.07
N SER J 12 -13.18 31.81 63.38
CA SER J 12 -12.79 32.86 64.33
C SER J 12 -11.57 32.37 65.09
N LEU J 13 -10.43 33.01 64.83
CA LEU J 13 -9.16 32.62 65.44
C LEU J 13 -8.35 33.86 65.81
N SER J 14 -7.48 33.69 66.81
CA SER J 14 -6.56 34.69 67.31
C SER J 14 -5.22 34.61 66.57
N PRO J 15 -4.48 35.72 66.47
CA PRO J 15 -3.15 35.65 65.86
C PRO J 15 -2.24 34.69 66.59
N GLY J 16 -1.45 33.94 65.83
CA GLY J 16 -0.60 32.90 66.38
C GLY J 16 -1.26 31.54 66.51
N GLU J 17 -2.54 31.43 66.22
CA GLU J 17 -3.24 30.16 66.29
C GLU J 17 -3.13 29.44 64.93
N ARG J 18 -3.47 28.16 64.93
CA ARG J 18 -3.40 27.34 63.72
C ARG J 18 -4.74 27.35 63.00
N ALA J 19 -4.72 27.69 61.72
CA ALA J 19 -5.92 27.78 60.90
C ALA J 19 -5.99 26.58 59.97
N THR J 20 -7.15 25.92 59.95
CA THR J 20 -7.37 24.77 59.08
C THR J 20 -8.67 24.95 58.31
N LEU J 21 -8.59 24.83 56.99
CA LEU J 21 -9.74 24.99 56.11
C LEU J 21 -9.87 23.74 55.25
N SER J 22 -11.10 23.28 55.04
CA SER J 22 -11.32 22.07 54.27
C SER J 22 -12.12 22.38 53.01
N CYS J 23 -11.83 21.64 51.94
CA CYS J 23 -12.58 21.69 50.69
C CYS J 23 -12.88 20.25 50.29
N ARG J 24 -14.16 19.96 50.07
CA ARG J 24 -14.63 18.63 49.72
C ARG J 24 -15.26 18.67 48.33
N ALA J 25 -14.82 17.76 47.47
CA ALA J 25 -15.33 17.66 46.11
C ALA J 25 -16.39 16.57 46.01
N SER J 26 -17.38 16.80 45.15
CA SER J 26 -18.47 15.85 44.95
C SER J 26 -18.00 14.54 44.32
N GLN J 27 -16.79 14.50 43.76
CA GLN J 27 -16.22 13.27 43.24
C GLN J 27 -14.71 13.43 43.27
N SER J 28 -14.00 12.33 43.00
CA SER J 28 -12.55 12.38 42.96
C SER J 28 -12.10 13.41 41.93
N VAL J 29 -11.20 14.30 42.35
CA VAL J 29 -10.88 15.47 41.54
C VAL J 29 -10.12 15.07 40.28
N SER J 30 -10.35 15.81 39.21
CA SER J 30 -9.56 15.67 37.99
C SER J 30 -8.20 16.32 38.11
N SER J 31 -8.02 17.19 39.11
CA SER J 31 -6.83 18.01 39.24
C SER J 31 -6.77 18.49 40.68
N TYR J 32 -5.58 18.46 41.27
CA TYR J 32 -5.43 18.90 42.65
C TYR J 32 -5.78 20.39 42.76
N LEU J 33 -6.39 20.74 43.89
CA LEU J 33 -7.04 22.04 44.00
C LEU J 33 -6.03 23.16 44.22
N ALA J 34 -6.48 24.37 43.93
CA ALA J 34 -5.73 25.58 44.23
C ALA J 34 -6.44 26.36 45.32
N TRP J 35 -5.67 27.12 46.08
CA TRP J 35 -6.18 27.93 47.17
C TRP J 35 -5.77 29.38 46.94
N TYR J 36 -6.76 30.27 47.01
CA TYR J 36 -6.57 31.70 46.85
C TYR J 36 -7.01 32.43 48.12
N GLN J 37 -6.32 33.53 48.40
CA GLN J 37 -6.68 34.45 49.46
C GLN J 37 -7.20 35.74 48.82
N HIS J 38 -8.25 36.31 49.42
CA HIS J 38 -8.91 37.48 48.84
C HIS J 38 -9.30 38.44 49.95
N LYS J 39 -8.85 39.68 49.84
CA LYS J 39 -9.18 40.78 50.71
C LYS J 39 -10.00 41.83 49.93
N PRO J 40 -10.88 42.57 50.62
CA PRO J 40 -11.62 43.63 49.93
C PRO J 40 -10.68 44.68 49.33
N GLY J 41 -11.03 45.14 48.14
CA GLY J 41 -10.29 46.18 47.48
C GLY J 41 -9.12 45.74 46.62
N GLN J 42 -8.95 44.44 46.40
CA GLN J 42 -7.86 43.97 45.55
C GLN J 42 -8.20 42.57 45.03
N ALA J 43 -7.41 42.14 44.04
CA ALA J 43 -7.65 40.87 43.38
C ALA J 43 -7.25 39.71 44.28
N PRO J 44 -7.83 38.52 44.04
CA PRO J 44 -7.41 37.34 44.81
C PRO J 44 -5.96 37.00 44.53
N ARG J 45 -5.31 36.41 45.53
CA ARG J 45 -3.91 36.04 45.46
C ARG J 45 -3.78 34.53 45.49
N LEU J 46 -3.04 33.97 44.54
CA LEU J 46 -2.80 32.54 44.53
C LEU J 46 -1.89 32.16 45.68
N LEU J 47 -2.39 31.32 46.58
CA LEU J 47 -1.62 30.83 47.71
C LEU J 47 -0.98 29.47 47.42
N ILE J 48 -1.80 28.48 47.09
CA ILE J 48 -1.33 27.11 46.95
C ILE J 48 -1.88 26.52 45.66
N TYR J 49 -1.10 25.65 45.02
CA TYR J 49 -1.55 24.92 43.85
C TYR J 49 -1.02 23.50 43.92
N GLY J 50 -1.66 22.60 43.17
CA GLY J 50 -1.34 21.19 43.31
C GLY J 50 -1.58 20.66 44.69
N ALA J 51 -2.40 21.38 45.47
CA ALA J 51 -2.85 21.02 46.81
C ALA J 51 -1.75 21.13 47.85
N SER J 52 -0.49 21.28 47.44
CA SER J 52 0.58 21.37 48.43
C SER J 52 1.73 22.29 48.05
N LYS J 53 1.69 22.99 46.92
CA LYS J 53 2.84 23.74 46.44
C LYS J 53 2.59 25.23 46.59
N ARG J 54 3.53 25.91 47.25
CA ARG J 54 3.41 27.34 47.48
C ARG J 54 3.75 28.13 46.21
N ALA J 55 2.99 29.19 45.98
CA ALA J 55 3.30 30.11 44.91
C ALA J 55 4.43 31.05 45.33
N THR J 56 4.88 31.89 44.39
CA THR J 56 5.92 32.85 44.70
C THR J 56 5.44 33.90 45.68
N GLY J 57 6.29 34.24 46.64
CA GLY J 57 5.95 35.24 47.63
C GLY J 57 5.02 34.78 48.73
N ILE J 58 4.67 33.50 48.75
CA ILE J 58 3.76 32.95 49.75
C ILE J 58 4.59 32.49 50.94
N PRO J 59 4.33 32.97 52.15
CA PRO J 59 5.14 32.58 53.31
C PRO J 59 5.02 31.09 53.60
N SER J 60 6.08 30.55 54.20
CA SER J 60 6.17 29.12 54.45
C SER J 60 5.10 28.63 55.41
N ARG J 61 4.47 29.52 56.17
CA ARG J 61 3.40 29.10 57.07
C ARG J 61 2.18 28.58 56.33
N PHE J 62 2.04 28.91 55.05
CA PHE J 62 0.94 28.41 54.23
C PHE J 62 1.31 27.03 53.71
N SER J 63 0.54 26.02 54.07
CA SER J 63 0.74 24.66 53.62
C SER J 63 -0.59 24.10 53.12
N GLY J 64 -0.51 23.03 52.35
CA GLY J 64 -1.70 22.37 51.87
C GLY J 64 -1.50 20.86 51.85
N SER J 65 -2.61 20.15 51.86
CA SER J 65 -2.57 18.69 51.79
C SER J 65 -3.91 18.20 51.25
N GLY J 66 -3.95 16.92 50.90
CA GLY J 66 -5.17 16.27 50.51
C GLY J 66 -5.05 15.52 49.20
N SER J 67 -6.11 14.79 48.90
CA SER J 67 -6.20 13.97 47.69
C SER J 67 -7.65 13.50 47.58
N GLY J 68 -7.94 12.78 46.50
CA GLY J 68 -9.27 12.24 46.29
C GLY J 68 -10.34 13.31 46.29
N THR J 69 -11.14 13.34 47.36
CA THR J 69 -12.17 14.35 47.52
C THR J 69 -11.88 15.34 48.64
N ASP J 70 -10.91 15.07 49.50
CA ASP J 70 -10.67 15.88 50.69
C ASP J 70 -9.37 16.65 50.54
N PHE J 71 -9.44 17.97 50.70
CA PHE J 71 -8.26 18.81 50.64
C PHE J 71 -8.33 19.81 51.79
N SER J 72 -7.16 20.26 52.24
CA SER J 72 -7.10 21.17 53.37
C SER J 72 -5.97 22.17 53.18
N LEU J 73 -6.23 23.40 53.62
CA LEU J 73 -5.24 24.46 53.68
C LEU J 73 -4.94 24.77 55.13
N THR J 74 -3.66 24.90 55.46
CA THR J 74 -3.20 25.07 56.83
C THR J 74 -2.35 26.33 56.93
N ILE J 75 -2.64 27.15 57.94
CA ILE J 75 -1.79 28.26 58.32
C ILE J 75 -1.26 27.93 59.71
N SER J 76 0.04 27.61 59.79
CA SER J 76 0.61 27.13 61.04
C SER J 76 0.45 28.16 62.15
N SER J 77 1.05 29.34 61.97
CA SER J 77 0.90 30.45 62.92
C SER J 77 0.47 31.68 62.11
N LEU J 78 -0.76 32.12 62.31
CA LEU J 78 -1.36 33.13 61.46
C LEU J 78 -1.06 34.53 61.98
N GLU J 79 -0.55 35.37 61.08
CA GLU J 79 -0.33 36.79 61.32
C GLU J 79 -1.62 37.57 61.10
N PRO J 80 -1.69 38.81 61.58
CA PRO J 80 -2.89 39.62 61.32
C PRO J 80 -3.16 39.85 59.84
N GLU J 81 -2.14 39.77 58.99
CA GLU J 81 -2.34 39.95 57.55
C GLU J 81 -3.00 38.76 56.89
N ASP J 82 -3.18 37.65 57.61
CA ASP J 82 -3.77 36.44 57.03
C ASP J 82 -5.27 36.40 57.13
N PHE J 83 -5.90 37.41 57.74
CA PHE J 83 -7.35 37.43 57.88
C PHE J 83 -7.97 37.93 56.59
N ALA J 84 -8.65 37.04 55.88
CA ALA J 84 -9.23 37.31 54.57
C ALA J 84 -10.27 36.25 54.28
N VAL J 85 -10.71 36.17 53.02
CA VAL J 85 -11.62 35.13 52.56
C VAL J 85 -10.83 34.18 51.68
N TYR J 86 -10.97 32.88 51.92
CA TYR J 86 -10.16 31.88 51.24
C TYR J 86 -11.04 31.00 50.36
N TYR J 87 -10.59 30.78 49.12
CA TYR J 87 -11.34 30.01 48.14
C TYR J 87 -10.52 28.82 47.65
N CYS J 88 -11.16 27.66 47.55
CA CYS J 88 -10.59 26.54 46.81
C CYS J 88 -11.14 26.56 45.38
N GLN J 89 -10.32 26.09 44.45
CA GLN J 89 -10.65 26.14 43.04
C GLN J 89 -10.20 24.85 42.37
N HIS J 90 -11.05 24.34 41.48
CA HIS J 90 -10.83 23.10 40.77
C HIS J 90 -11.04 23.34 39.29
N ARG J 91 -10.39 22.54 38.45
CA ARG J 91 -10.62 22.60 37.01
C ARG J 91 -10.65 21.20 36.43
N SER J 92 -11.77 20.86 35.79
CA SER J 92 -11.80 19.77 34.84
C SER J 92 -11.63 20.38 33.45
N ASP J 93 -11.52 19.50 32.44
CA ASP J 93 -11.22 19.99 31.10
C ASP J 93 -12.21 21.07 30.67
N TRP J 94 -11.71 22.29 30.51
CA TRP J 94 -12.48 23.45 30.04
C TRP J 94 -13.65 23.79 30.97
N ARG J 95 -13.52 23.50 32.26
CA ARG J 95 -14.55 23.88 33.23
C ARG J 95 -13.88 24.16 34.57
N THR J 96 -13.90 25.42 34.99
CA THR J 96 -13.32 25.85 36.25
C THR J 96 -14.44 26.15 37.24
N THR J 97 -14.31 25.61 38.45
CA THR J 97 -15.28 25.84 39.51
C THR J 97 -14.58 26.34 40.76
N PHE J 98 -15.28 27.17 41.52
CA PHE J 98 -14.79 27.74 42.76
C PHE J 98 -15.60 27.22 43.94
N GLY J 99 -14.93 27.08 45.08
CA GLY J 99 -15.63 26.87 46.32
C GLY J 99 -16.32 28.14 46.79
N GLN J 100 -17.34 27.96 47.62
CA GLN J 100 -18.14 29.11 48.07
C GLN J 100 -17.34 30.05 48.96
N GLY J 101 -16.25 29.60 49.54
CA GLY J 101 -15.38 30.49 50.30
C GLY J 101 -15.56 30.35 51.80
N THR J 102 -14.50 30.64 52.54
CA THR J 102 -14.50 30.64 54.00
C THR J 102 -13.96 31.96 54.51
N ARG J 103 -14.65 32.57 55.45
CA ARG J 103 -14.22 33.85 56.02
C ARG J 103 -13.36 33.59 57.24
N LEU J 104 -12.09 33.95 57.17
CA LEU J 104 -11.16 33.86 58.28
C LEU J 104 -11.07 35.23 58.95
N GLU J 105 -11.65 35.35 60.14
CA GLU J 105 -11.67 36.62 60.87
C GLU J 105 -11.20 36.38 62.30
N ILE J 106 -10.88 37.48 62.99
CA ILE J 106 -10.40 37.43 64.36
C ILE J 106 -11.53 37.00 65.29
N GLN K 1 -7.94 21.72 -48.33
CA GLN K 1 -8.95 22.72 -48.67
C GLN K 1 -10.02 22.79 -47.59
N VAL K 2 -10.08 23.91 -46.88
CA VAL K 2 -10.98 24.09 -45.75
C VAL K 2 -11.83 25.32 -45.98
N GLN K 3 -13.15 25.19 -45.82
CA GLN K 3 -14.06 26.31 -45.86
C GLN K 3 -14.82 26.41 -44.53
N LEU K 4 -15.17 27.63 -44.16
CA LEU K 4 -15.97 27.91 -42.98
C LEU K 4 -17.23 28.66 -43.42
N GLN K 5 -18.28 27.90 -43.71
CA GLN K 5 -19.56 28.48 -44.09
C GLN K 5 -20.19 29.21 -42.92
N GLU K 6 -20.77 30.37 -43.18
CA GLU K 6 -21.28 31.24 -42.15
C GLU K 6 -22.76 31.53 -42.40
N SER K 7 -23.55 31.51 -41.33
CA SER K 7 -24.99 31.71 -41.45
C SER K 7 -25.50 32.47 -40.24
N GLY K 8 -26.63 33.14 -40.42
CA GLY K 8 -27.22 33.92 -39.34
C GLY K 8 -27.76 35.26 -39.80
N ALA K 9 -28.89 35.68 -39.24
CA ALA K 9 -29.49 36.94 -39.64
C ALA K 9 -28.63 38.11 -39.21
N GLY K 10 -28.45 39.07 -40.11
CA GLY K 10 -27.65 40.23 -39.81
C GLY K 10 -28.46 41.48 -39.52
N LEU K 11 -29.77 41.40 -39.70
CA LEU K 11 -30.67 42.53 -39.48
C LEU K 11 -31.36 42.36 -38.13
N LEU K 12 -31.10 43.30 -37.22
CA LEU K 12 -31.61 43.19 -35.86
C LEU K 12 -31.99 44.58 -35.34
N LYS K 13 -32.85 44.58 -34.32
CA LYS K 13 -33.22 45.74 -33.54
C LYS K 13 -32.55 45.69 -32.18
N PRO K 14 -32.32 46.83 -31.54
CA PRO K 14 -31.66 46.82 -30.23
C PRO K 14 -32.43 45.98 -29.22
N SER K 15 -31.66 45.33 -28.34
CA SER K 15 -32.09 44.42 -27.27
C SER K 15 -32.44 43.03 -27.77
N GLU K 16 -32.28 42.73 -29.07
CA GLU K 16 -32.48 41.37 -29.54
C GLU K 16 -31.21 40.55 -29.27
N THR K 17 -31.18 39.34 -29.82
CA THR K 17 -30.06 38.41 -29.62
C THR K 17 -29.49 38.02 -30.98
N LEU K 18 -28.26 38.46 -31.25
CA LEU K 18 -27.55 38.02 -32.44
C LEU K 18 -27.17 36.55 -32.30
N SER K 19 -27.47 35.77 -33.33
CA SER K 19 -27.23 34.32 -33.35
C SER K 19 -26.55 33.95 -34.67
N LEU K 20 -25.24 33.73 -34.62
CA LEU K 20 -24.47 33.39 -35.80
C LEU K 20 -23.93 31.98 -35.65
N SER K 21 -23.79 31.28 -36.77
CA SER K 21 -23.29 29.92 -36.77
C SER K 21 -22.28 29.74 -37.89
N CYS K 22 -21.32 28.85 -37.66
CA CYS K 22 -20.25 28.61 -38.62
C CYS K 22 -20.00 27.11 -38.69
N THR K 23 -20.08 26.57 -39.91
CA THR K 23 -19.88 25.15 -40.18
C THR K 23 -18.56 24.97 -40.91
N VAL K 24 -17.75 24.03 -40.45
CA VAL K 24 -16.42 23.80 -41.00
C VAL K 24 -16.47 22.59 -41.93
N ASP K 25 -16.02 22.78 -43.17
CA ASP K 25 -15.90 21.72 -44.16
C ASP K 25 -14.43 21.56 -44.53
N GLY K 26 -13.83 20.47 -44.10
CA GLY K 26 -12.42 20.24 -44.39
C GLY K 26 -11.60 20.05 -43.13
N GLU K 27 -10.83 18.96 -43.12
CA GLU K 27 -9.89 18.62 -42.05
C GLU K 27 -10.58 18.43 -40.71
N SER K 28 -9.82 18.18 -39.65
CA SER K 28 -10.40 17.78 -38.39
C SER K 28 -10.97 18.96 -37.61
N PHE K 29 -11.89 18.65 -36.71
CA PHE K 29 -12.49 19.65 -35.83
C PHE K 29 -11.71 19.82 -34.53
N ASN K 30 -11.08 18.75 -34.04
CA ASN K 30 -10.32 18.83 -32.81
CA ASN K 30 -10.32 18.83 -32.81
C ASN K 30 -8.94 19.44 -33.06
N GLY K 31 -8.29 19.85 -31.97
CA GLY K 31 -6.97 20.44 -32.07
C GLY K 31 -6.96 21.87 -32.57
N PHE K 32 -8.12 22.50 -32.68
CA PHE K 32 -8.23 23.88 -33.16
C PHE K 32 -9.07 24.67 -32.17
N PHE K 33 -8.88 25.98 -32.19
CA PHE K 33 -9.71 26.91 -31.44
C PHE K 33 -10.59 27.66 -32.43
N TRP K 34 -11.86 27.29 -32.47
CA TRP K 34 -12.81 27.94 -33.37
C TRP K 34 -13.18 29.29 -32.78
N THR K 35 -12.97 30.35 -33.56
CA THR K 35 -12.85 31.71 -33.04
C THR K 35 -13.87 32.62 -33.70
N TRP K 36 -14.39 33.56 -32.91
CA TRP K 36 -15.25 34.63 -33.41
C TRP K 36 -14.54 35.96 -33.19
N ILE K 37 -14.44 36.74 -34.28
CA ILE K 37 -13.81 38.05 -34.33
C ILE K 37 -14.80 39.01 -34.96
N ARG K 38 -14.67 40.30 -34.65
CA ARG K 38 -15.52 41.29 -35.28
C ARG K 38 -14.73 42.57 -35.54
N GLN K 39 -15.16 43.29 -36.58
CA GLN K 39 -14.60 44.59 -36.92
C GLN K 39 -15.73 45.60 -36.95
N PRO K 40 -15.81 46.51 -35.98
CA PRO K 40 -16.79 47.58 -36.06
C PRO K 40 -16.40 48.60 -37.12
N PRO K 41 -17.35 49.34 -37.68
CA PRO K 41 -17.00 50.34 -38.70
C PRO K 41 -16.05 51.37 -38.15
N GLY K 42 -15.03 51.70 -38.95
CA GLY K 42 -14.01 52.63 -38.51
C GLY K 42 -13.25 52.15 -37.28
N LYS K 43 -12.92 50.87 -37.23
CA LYS K 43 -12.31 50.28 -36.05
C LYS K 43 -11.51 49.06 -36.47
N GLY K 44 -10.60 48.64 -35.59
CA GLY K 44 -9.75 47.49 -35.85
C GLY K 44 -10.41 46.18 -35.48
N LEU K 45 -9.64 45.10 -35.66
CA LEU K 45 -10.11 43.77 -35.32
C LEU K 45 -10.29 43.63 -33.81
N GLU K 46 -11.33 42.90 -33.42
CA GLU K 46 -11.63 42.66 -32.02
C GLU K 46 -11.95 41.20 -31.80
N TRP K 47 -11.24 40.57 -30.87
CA TRP K 47 -11.46 39.17 -30.56
C TRP K 47 -12.71 39.04 -29.69
N ILE K 48 -13.70 38.31 -30.19
CA ILE K 48 -14.90 38.03 -29.41
C ILE K 48 -14.67 36.82 -28.50
N GLY K 49 -14.21 35.72 -29.07
CA GLY K 49 -13.97 34.56 -28.23
C GLY K 49 -13.58 33.35 -29.04
N GLU K 50 -13.48 32.22 -28.34
CA GLU K 50 -13.07 30.98 -28.98
C GLU K 50 -13.55 29.79 -28.14
N ILE K 51 -13.65 28.64 -28.81
CA ILE K 51 -14.10 27.40 -28.21
C ILE K 51 -13.37 26.23 -28.90
N ASN K 52 -13.16 25.14 -28.18
CA ASN K 52 -12.55 23.98 -28.81
C ASN K 52 -13.54 22.80 -28.76
N HIS K 53 -13.09 21.64 -29.25
CA HIS K 53 -13.96 20.47 -29.36
C HIS K 53 -14.39 19.92 -28.01
N LEU K 54 -13.78 20.37 -26.91
CA LEU K 54 -14.17 19.95 -25.57
C LEU K 54 -15.17 20.90 -24.93
N ALA K 55 -15.60 21.94 -25.65
CA ALA K 55 -16.52 22.98 -25.21
C ALA K 55 -15.87 23.94 -24.22
N SER K 56 -14.56 23.86 -24.02
CA SER K 56 -13.87 24.91 -23.28
C SER K 56 -13.85 26.19 -24.09
N THR K 57 -14.06 27.32 -23.42
CA THR K 57 -14.21 28.60 -24.09
C THR K 57 -13.34 29.67 -23.45
N GLY K 58 -13.06 30.69 -24.23
CA GLY K 58 -12.45 31.92 -23.75
C GLY K 58 -13.17 33.10 -24.35
N TYR K 59 -13.44 34.13 -23.55
CA TYR K 59 -14.23 35.28 -23.98
C TYR K 59 -13.48 36.57 -23.74
N ASN K 60 -13.78 37.56 -24.57
CA ASN K 60 -13.32 38.92 -24.30
C ASN K 60 -13.97 39.43 -23.02
N PRO K 61 -13.20 39.96 -22.07
CA PRO K 61 -13.80 40.42 -20.81
C PRO K 61 -14.82 41.53 -20.98
N SER K 62 -14.67 42.38 -22.00
CA SER K 62 -15.63 43.45 -22.21
C SER K 62 -16.97 42.96 -22.75
N LEU K 63 -17.06 41.69 -23.14
CA LEU K 63 -18.29 41.13 -23.66
C LEU K 63 -18.76 39.88 -22.93
N LYS K 64 -18.04 39.46 -21.89
CA LYS K 64 -18.28 38.15 -21.27
C LYS K 64 -19.72 37.97 -20.85
N SER K 65 -20.28 38.96 -20.16
CA SER K 65 -21.61 38.82 -19.57
C SER K 65 -22.68 38.57 -20.64
N ARG K 66 -22.49 39.06 -21.86
CA ARG K 66 -23.49 38.97 -22.90
C ARG K 66 -23.20 37.92 -23.96
N VAL K 67 -22.02 37.31 -23.94
CA VAL K 67 -21.57 36.45 -25.03
C VAL K 67 -21.61 35.00 -24.58
N THR K 68 -22.07 34.13 -25.48
CA THR K 68 -21.99 32.69 -25.28
C THR K 68 -21.52 32.06 -26.59
N ILE K 69 -20.59 31.12 -26.51
CA ILE K 69 -20.12 30.39 -27.68
C ILE K 69 -20.30 28.90 -27.40
N SER K 70 -20.81 28.19 -28.40
CA SER K 70 -21.11 26.77 -28.26
C SER K 70 -20.60 26.00 -29.47
N VAL K 71 -20.54 24.67 -29.33
CA VAL K 71 -20.14 23.79 -30.41
C VAL K 71 -21.15 22.67 -30.59
N ASP K 72 -21.13 22.10 -31.79
CA ASP K 72 -21.89 20.90 -32.14
C ASP K 72 -20.94 20.06 -32.97
N THR K 73 -20.36 19.04 -32.34
CA THR K 73 -19.39 18.19 -33.03
C THR K 73 -20.04 17.18 -33.96
N SER K 74 -21.37 17.07 -33.95
CA SER K 74 -22.06 16.18 -34.86
C SER K 74 -21.89 16.65 -36.30
N LYS K 75 -22.09 17.95 -36.55
CA LYS K 75 -21.96 18.52 -37.87
C LYS K 75 -20.82 19.52 -37.97
N ASN K 76 -19.87 19.46 -37.03
CA ASN K 76 -18.67 20.29 -37.03
C ASN K 76 -19.01 21.77 -37.15
N GLN K 77 -19.79 22.25 -36.20
CA GLN K 77 -20.29 23.61 -36.26
C GLN K 77 -20.09 24.29 -34.91
N PHE K 78 -20.02 25.61 -34.92
CA PHE K 78 -19.91 26.36 -33.67
C PHE K 78 -20.67 27.67 -33.82
N SER K 79 -21.20 28.14 -32.70
CA SER K 79 -22.19 29.21 -32.70
C SER K 79 -21.84 30.30 -31.71
N LEU K 80 -22.26 31.51 -32.05
CA LEU K 80 -22.08 32.72 -31.26
C LEU K 80 -23.44 33.33 -30.95
N LYS K 81 -23.69 33.60 -29.67
CA LYS K 81 -24.88 34.28 -29.20
C LYS K 81 -24.48 35.55 -28.46
N LEU K 82 -24.98 36.69 -28.92
CA LEU K 82 -24.77 37.97 -28.26
C LEU K 82 -26.13 38.50 -27.82
N THR K 83 -26.30 38.72 -26.52
CA THR K 83 -27.58 39.13 -25.96
C THR K 83 -27.61 40.63 -25.69
N SER K 84 -28.80 41.21 -25.85
CA SER K 84 -29.03 42.64 -25.60
C SER K 84 -28.10 43.51 -26.46
N VAL K 85 -28.16 43.28 -27.77
CA VAL K 85 -27.29 44.00 -28.68
C VAL K 85 -27.70 45.46 -28.75
N THR K 86 -26.71 46.35 -28.71
CA THR K 86 -26.91 47.78 -28.87
C THR K 86 -26.11 48.27 -30.07
N ALA K 87 -26.19 49.58 -30.33
CA ALA K 87 -25.56 50.16 -31.51
C ALA K 87 -24.06 49.92 -31.55
N ALA K 88 -23.43 49.68 -30.41
CA ALA K 88 -22.01 49.38 -30.36
C ALA K 88 -21.67 48.00 -30.91
N ASP K 89 -22.67 47.17 -31.19
CA ASP K 89 -22.45 45.81 -31.70
C ASP K 89 -22.62 45.71 -33.20
N THR K 90 -22.81 46.83 -33.90
CA THR K 90 -22.81 46.82 -35.35
C THR K 90 -21.40 46.60 -35.85
N ALA K 91 -21.19 45.55 -36.64
CA ALA K 91 -19.85 45.17 -37.06
C ALA K 91 -19.93 44.07 -38.11
N VAL K 92 -18.79 43.79 -38.74
CA VAL K 92 -18.64 42.60 -39.56
C VAL K 92 -18.11 41.49 -38.66
N TYR K 93 -18.74 40.32 -38.73
CA TYR K 93 -18.42 39.19 -37.86
C TYR K 93 -17.80 38.07 -38.67
N TYR K 94 -16.65 37.58 -38.20
CA TYR K 94 -15.89 36.53 -38.85
C TYR K 94 -15.76 35.34 -37.91
N CYS K 95 -15.95 34.14 -38.45
CA CYS K 95 -15.49 32.92 -37.80
C CYS K 95 -14.16 32.51 -38.41
N ALA K 96 -13.30 31.91 -37.59
CA ALA K 96 -11.97 31.56 -38.05
C ALA K 96 -11.48 30.32 -37.31
N ARG K 97 -10.52 29.65 -37.93
CA ARG K 97 -9.87 28.48 -37.34
C ARG K 97 -8.54 28.95 -36.75
N GLY K 98 -8.35 28.72 -35.46
CA GLY K 98 -7.12 29.06 -34.78
C GLY K 98 -6.33 27.81 -34.45
N TYR K 99 -5.02 27.92 -34.54
CA TYR K 99 -4.11 26.85 -34.14
C TYR K 99 -3.07 27.43 -33.22
N SER K 100 -2.87 26.78 -32.07
CA SER K 100 -1.88 27.20 -31.09
C SER K 100 -0.83 26.10 -30.96
N TYR K 101 0.43 26.48 -31.10
CA TYR K 101 1.56 25.57 -30.91
C TYR K 101 2.25 25.95 -29.60
N GLY K 102 2.17 25.06 -28.62
CA GLY K 102 2.80 25.31 -27.32
C GLY K 102 3.73 24.21 -26.87
N PHE K 103 4.21 23.39 -27.81
CA PHE K 103 5.07 22.26 -27.48
C PHE K 103 6.55 22.60 -27.44
N ALA K 104 6.96 23.73 -28.00
CA ALA K 104 8.36 24.14 -27.96
C ALA K 104 8.44 25.64 -28.18
N TRP K 105 9.50 26.24 -27.66
CA TRP K 105 9.71 27.66 -27.86
C TRP K 105 10.40 27.91 -29.20
N PRO K 106 9.99 28.95 -29.94
CA PRO K 106 8.92 29.90 -29.61
C PRO K 106 7.52 29.33 -29.83
N ASN K 107 6.63 29.48 -28.85
CA ASN K 107 5.24 29.15 -29.08
C ASN K 107 4.64 30.13 -30.08
N TYR K 108 3.57 29.70 -30.75
CA TYR K 108 2.93 30.57 -31.72
C TYR K 108 1.46 30.20 -31.83
N HIS K 109 0.68 31.16 -32.35
CA HIS K 109 -0.75 30.97 -32.57
C HIS K 109 -1.13 31.80 -33.79
N TYR K 110 -2.06 31.28 -34.58
CA TYR K 110 -2.53 32.02 -35.75
C TYR K 110 -3.95 31.59 -36.09
N LEU K 111 -4.62 32.44 -36.86
CA LEU K 111 -5.91 32.14 -37.46
C LEU K 111 -5.69 32.01 -38.96
N ASP K 112 -5.70 30.79 -39.48
CA ASP K 112 -5.29 30.58 -40.86
C ASP K 112 -6.44 30.49 -41.85
N VAL K 113 -7.61 29.99 -41.46
CA VAL K 113 -8.75 29.86 -42.36
C VAL K 113 -9.90 30.70 -41.80
N TRP K 114 -10.37 31.65 -42.60
CA TRP K 114 -11.41 32.58 -42.17
C TRP K 114 -12.69 32.36 -42.99
N GLY K 115 -13.82 32.57 -42.33
CA GLY K 115 -15.10 32.61 -43.03
C GLY K 115 -15.27 33.91 -43.80
N LYS K 116 -16.33 33.95 -44.61
CA LYS K 116 -16.55 35.10 -45.48
C LYS K 116 -16.83 36.35 -44.66
N GLY K 117 -17.64 36.24 -43.61
CA GLY K 117 -18.01 37.38 -42.82
C GLY K 117 -19.47 37.74 -43.01
N THR K 118 -20.08 38.26 -41.94
CA THR K 118 -21.49 38.63 -41.93
C THR K 118 -21.61 40.05 -41.41
N THR K 119 -22.21 40.94 -42.20
CA THR K 119 -22.48 42.28 -41.72
C THR K 119 -23.68 42.25 -40.77
N VAL K 120 -23.52 42.85 -39.60
CA VAL K 120 -24.57 42.91 -38.60
C VAL K 120 -24.78 44.36 -38.21
N THR K 121 -25.97 44.87 -38.44
CA THR K 121 -26.34 46.22 -38.05
C THR K 121 -27.59 46.15 -37.17
N VAL K 122 -27.61 46.96 -36.12
CA VAL K 122 -28.76 47.08 -35.24
C VAL K 122 -29.25 48.52 -35.29
N SER K 123 -30.55 48.69 -35.49
CA SER K 123 -31.13 50.02 -35.64
C SER K 123 -32.62 49.93 -35.34
N SER K 124 -33.24 51.10 -35.18
CA SER K 124 -34.67 51.18 -34.94
C SER K 124 -35.49 51.10 -36.22
N ALA K 125 -34.85 51.24 -37.38
CA ALA K 125 -35.57 51.22 -38.66
C ALA K 125 -35.71 49.80 -39.18
N GLN L 1 8.04 40.18 35.28
CA GLN L 1 6.86 40.97 35.64
C GLN L 1 5.77 40.84 34.59
N VAL L 2 4.60 40.35 35.01
CA VAL L 2 3.46 40.18 34.11
C VAL L 2 2.32 41.05 34.63
N GLN L 3 1.71 41.82 33.73
CA GLN L 3 0.60 42.70 34.07
C GLN L 3 -0.57 42.41 33.15
N LEU L 4 -1.77 42.43 33.71
CA LEU L 4 -3.01 42.30 32.95
C LEU L 4 -3.77 43.60 33.10
N GLN L 5 -3.79 44.41 32.03
CA GLN L 5 -4.43 45.72 32.05
C GLN L 5 -5.86 45.59 31.54
N GLU L 6 -6.82 45.98 32.36
CA GLU L 6 -8.24 45.84 32.05
C GLU L 6 -8.81 47.17 31.58
N SER L 7 -9.80 47.09 30.70
CA SER L 7 -10.47 48.27 30.18
C SER L 7 -11.91 47.91 29.81
N GLY L 8 -12.78 48.91 29.82
CA GLY L 8 -14.17 48.73 29.47
C GLY L 8 -15.08 49.52 30.39
N ALA L 9 -16.19 50.01 29.83
CA ALA L 9 -17.13 50.81 30.60
C ALA L 9 -17.84 49.96 31.64
N GLY L 10 -18.02 50.53 32.83
CA GLY L 10 -18.65 49.80 33.92
C GLY L 10 -20.06 50.27 34.24
N LEU L 11 -20.49 51.37 33.64
CA LEU L 11 -21.83 51.93 33.87
C LEU L 11 -22.74 51.47 32.74
N LEU L 12 -23.75 50.68 33.10
CA LEU L 12 -24.62 50.08 32.09
C LEU L 12 -26.07 50.17 32.52
N LYS L 13 -26.96 50.12 31.52
CA LYS L 13 -28.39 50.02 31.70
C LYS L 13 -28.87 48.63 31.30
N PRO L 14 -29.96 48.13 31.89
CA PRO L 14 -30.40 46.76 31.59
C PRO L 14 -30.70 46.59 30.11
N SER L 15 -30.44 45.38 29.62
CA SER L 15 -30.55 44.91 28.24
C SER L 15 -29.38 45.37 27.37
N GLU L 16 -28.43 46.13 27.92
CA GLU L 16 -27.25 46.52 27.16
C GLU L 16 -26.26 45.34 27.14
N THR L 17 -25.08 45.56 26.59
CA THR L 17 -24.04 44.54 26.53
C THR L 17 -22.75 45.06 27.16
N LEU L 18 -22.20 44.27 28.09
CA LEU L 18 -20.93 44.60 28.71
C LEU L 18 -19.78 44.15 27.81
N SER L 19 -18.81 45.02 27.61
CA SER L 19 -17.66 44.77 26.75
C SER L 19 -16.39 45.09 27.52
N LEU L 20 -15.66 44.06 27.94
CA LEU L 20 -14.42 44.25 28.67
C LEU L 20 -13.26 43.68 27.86
N SER L 21 -12.09 44.28 28.02
CA SER L 21 -10.89 43.83 27.33
C SER L 21 -9.74 43.78 28.33
N CYS L 22 -8.84 42.83 28.12
CA CYS L 22 -7.68 42.64 28.99
C CYS L 22 -6.45 42.44 28.11
N THR L 23 -5.44 43.26 28.33
CA THR L 23 -4.20 43.24 27.57
C THR L 23 -3.09 42.70 28.46
N VAL L 24 -2.33 41.74 27.94
CA VAL L 24 -1.27 41.07 28.70
C VAL L 24 0.07 41.69 28.32
N ASP L 25 0.82 42.13 29.32
CA ASP L 25 2.17 42.66 29.15
C ASP L 25 3.12 41.79 29.97
N GLY L 26 3.91 40.97 29.28
CA GLY L 26 4.83 40.10 29.98
C GLY L 26 4.62 38.64 29.61
N GLU L 27 5.72 37.98 29.22
CA GLU L 27 5.76 36.56 28.89
C GLU L 27 4.84 36.21 27.73
N SER L 28 4.80 34.94 27.35
CA SER L 28 4.11 34.53 26.13
C SER L 28 2.60 34.50 26.34
N PHE L 29 1.88 34.53 25.21
CA PHE L 29 0.43 34.45 25.22
C PHE L 29 -0.08 33.01 25.13
N ASN L 30 0.67 32.13 24.48
CA ASN L 30 0.26 30.74 24.34
CA ASN L 30 0.27 30.74 24.34
C ASN L 30 0.58 29.95 25.60
N GLY L 31 -0.03 28.77 25.71
CA GLY L 31 0.16 27.91 26.86
C GLY L 31 -0.62 28.30 28.10
N PHE L 32 -1.45 29.34 28.01
CA PHE L 32 -2.25 29.79 29.13
C PHE L 32 -3.72 29.80 28.74
N PHE L 33 -4.58 29.73 29.75
CA PHE L 33 -6.01 29.91 29.59
C PHE L 33 -6.37 31.27 30.16
N TRP L 34 -6.60 32.24 29.28
CA TRP L 34 -6.97 33.58 29.68
C TRP L 34 -8.42 33.57 30.13
N THR L 35 -8.66 34.02 31.35
CA THR L 35 -9.85 33.67 32.10
C THR L 35 -10.58 34.91 32.57
N TRP L 36 -11.91 34.84 32.57
CA TRP L 36 -12.78 35.87 33.15
C TRP L 36 -13.53 35.28 34.33
N ILE L 37 -13.44 35.98 35.46
CA ILE L 37 -14.08 35.64 36.73
C ILE L 37 -14.84 36.87 37.20
N ARG L 38 -15.86 36.65 38.01
CA ARG L 38 -16.58 37.78 38.60
C ARG L 38 -17.01 37.45 40.02
N GLN L 39 -17.13 38.50 40.82
CA GLN L 39 -17.64 38.41 42.18
C GLN L 39 -18.82 39.37 42.33
N PRO L 40 -20.04 38.85 42.44
CA PRO L 40 -21.19 39.72 42.75
C PRO L 40 -21.14 40.19 44.19
N PRO L 41 -21.78 41.31 44.51
CA PRO L 41 -21.80 41.77 45.90
C PRO L 41 -22.44 40.73 46.82
N GLY L 42 -21.81 40.52 47.97
CA GLY L 42 -22.28 39.50 48.90
C GLY L 42 -22.25 38.10 48.31
N LYS L 43 -21.22 37.78 47.55
CA LYS L 43 -21.15 36.52 46.84
C LYS L 43 -19.68 36.15 46.63
N GLY L 44 -19.45 34.87 46.35
CA GLY L 44 -18.11 34.36 46.13
C GLY L 44 -17.65 34.50 44.69
N LEU L 45 -16.48 33.92 44.42
CA LEU L 45 -15.93 33.96 43.08
C LEU L 45 -16.73 33.08 42.15
N GLU L 46 -16.92 33.55 40.91
CA GLU L 46 -17.66 32.82 39.90
C GLU L 46 -16.88 32.82 38.60
N TRP L 47 -16.63 31.64 38.06
CA TRP L 47 -15.91 31.50 36.82
C TRP L 47 -16.84 31.83 35.66
N ILE L 48 -16.49 32.85 34.89
CA ILE L 48 -17.25 33.19 33.68
C ILE L 48 -16.79 32.33 32.51
N GLY L 49 -15.50 32.31 32.25
CA GLY L 49 -15.04 31.50 31.13
C GLY L 49 -13.55 31.63 30.90
N GLU L 50 -13.09 31.01 29.83
CA GLU L 50 -11.68 31.06 29.49
C GLU L 50 -11.49 30.78 28.00
N ILE L 51 -10.35 31.22 27.48
CA ILE L 51 -9.99 31.07 26.07
C ILE L 51 -8.49 30.91 25.97
N ASN L 52 -8.03 30.16 24.97
CA ASN L 52 -6.59 30.03 24.75
C ASN L 52 -6.21 30.68 23.40
N HIS L 53 -4.93 30.56 23.03
CA HIS L 53 -4.43 31.20 21.84
C HIS L 53 -4.94 30.58 20.55
N LEU L 54 -5.62 29.44 20.62
CA LEU L 54 -6.25 28.82 19.45
C LEU L 54 -7.71 29.22 19.31
N ALA L 55 -8.21 30.11 20.15
CA ALA L 55 -9.58 30.58 20.21
C ALA L 55 -10.53 29.51 20.75
N SER L 56 -10.02 28.40 21.27
CA SER L 56 -10.87 27.46 21.98
C SER L 56 -11.33 28.07 23.29
N THR L 57 -12.60 27.86 23.62
CA THR L 57 -13.21 28.51 24.78
C THR L 57 -13.94 27.50 25.63
N GLY L 58 -14.07 27.86 26.91
CA GLY L 58 -14.96 27.17 27.83
C GLY L 58 -15.79 28.20 28.56
N TYR L 59 -17.07 27.94 28.75
CA TYR L 59 -17.97 28.90 29.36
C TYR L 59 -18.73 28.26 30.52
N ASN L 60 -19.10 29.10 31.48
CA ASN L 60 -20.02 28.68 32.52
C ASN L 60 -21.40 28.40 31.90
N PRO L 61 -21.98 27.23 32.14
CA PRO L 61 -23.28 26.91 31.51
C PRO L 61 -24.40 27.85 31.89
N SER L 62 -24.40 28.41 33.10
CA SER L 62 -25.45 29.34 33.50
C SER L 62 -25.35 30.67 32.78
N LEU L 63 -24.24 30.94 32.09
CA LEU L 63 -24.05 32.15 31.32
C LEU L 63 -23.77 31.90 29.85
N LYS L 64 -23.66 30.63 29.43
CA LYS L 64 -23.19 30.27 28.10
C LYS L 64 -23.93 31.00 26.99
N SER L 65 -25.26 31.03 27.07
CA SER L 65 -26.06 31.58 25.99
C SER L 65 -25.75 33.05 25.73
N ARG L 66 -25.44 33.81 26.78
CA ARG L 66 -25.24 35.24 26.65
C ARG L 66 -23.78 35.67 26.61
N VAL L 67 -22.84 34.77 26.87
CA VAL L 67 -21.44 35.12 27.04
C VAL L 67 -20.66 34.75 25.78
N THR L 68 -19.74 35.63 25.38
CA THR L 68 -18.80 35.35 24.31
C THR L 68 -17.43 35.84 24.75
N ILE L 69 -16.41 35.02 24.53
CA ILE L 69 -15.04 35.41 24.83
C ILE L 69 -14.21 35.27 23.55
N SER L 70 -13.38 36.27 23.29
CA SER L 70 -12.60 36.31 22.05
C SER L 70 -11.16 36.69 22.38
N VAL L 71 -10.28 36.52 21.40
CA VAL L 71 -8.87 36.86 21.56
C VAL L 71 -8.37 37.64 20.36
N ASP L 72 -7.28 38.37 20.58
CA ASP L 72 -6.53 39.06 19.54
C ASP L 72 -5.06 38.79 19.83
N THR L 73 -4.49 37.83 19.10
CA THR L 73 -3.10 37.45 19.30
C THR L 73 -2.14 38.50 18.73
N SER L 74 -2.62 39.39 17.87
CA SER L 74 -1.76 40.42 17.31
C SER L 74 -1.27 41.37 18.39
N LYS L 75 -2.14 41.77 19.31
CA LYS L 75 -1.77 42.67 20.39
C LYS L 75 -1.93 42.02 21.76
N ASN L 76 -2.01 40.69 21.81
CA ASN L 76 -2.06 39.93 23.06
C ASN L 76 -3.16 40.42 23.99
N GLN L 77 -4.40 40.43 23.49
CA GLN L 77 -5.52 40.82 24.32
C GLN L 77 -6.62 39.78 24.21
N PHE L 78 -7.54 39.82 25.16
CA PHE L 78 -8.73 38.98 25.11
C PHE L 78 -9.91 39.74 25.69
N SER L 79 -11.09 39.42 25.19
CA SER L 79 -12.27 40.25 25.41
C SER L 79 -13.44 39.39 25.88
N LEU L 80 -14.29 40.03 26.69
CA LEU L 80 -15.52 39.46 27.23
C LEU L 80 -16.71 40.28 26.78
N LYS L 81 -17.71 39.62 26.20
CA LYS L 81 -18.97 40.24 25.82
C LYS L 81 -20.10 39.53 26.54
N LEU L 82 -20.91 40.30 27.27
CA LEU L 82 -22.06 39.77 27.99
C LEU L 82 -23.30 40.51 27.51
N THR L 83 -24.19 39.81 26.80
CA THR L 83 -25.33 40.43 26.15
C THR L 83 -26.56 40.39 27.05
N SER L 84 -27.38 41.44 26.96
CA SER L 84 -28.65 41.53 27.68
C SER L 84 -28.44 41.41 29.20
N VAL L 85 -27.63 42.32 29.72
CA VAL L 85 -27.28 42.27 31.14
C VAL L 85 -28.47 42.70 31.98
N THR L 86 -28.67 42.02 33.11
CA THR L 86 -29.68 42.37 34.09
C THR L 86 -29.00 42.64 35.43
N ALA L 87 -29.82 42.96 36.44
CA ALA L 87 -29.29 43.35 37.74
C ALA L 87 -28.46 42.26 38.39
N ALA L 88 -28.65 41.00 38.00
CA ALA L 88 -27.84 39.91 38.51
C ALA L 88 -26.42 39.91 37.97
N ASP L 89 -26.12 40.76 36.99
CA ASP L 89 -24.78 40.84 36.40
C ASP L 89 -23.95 41.99 36.96
N THR L 90 -24.42 42.65 38.00
CA THR L 90 -23.61 43.65 38.70
C THR L 90 -22.57 42.92 39.54
N ALA L 91 -21.29 43.20 39.29
CA ALA L 91 -20.22 42.47 39.96
C ALA L 91 -18.88 43.14 39.67
N VAL L 92 -17.86 42.69 40.39
CA VAL L 92 -16.48 43.02 40.05
C VAL L 92 -15.98 41.96 39.08
N TYR L 93 -15.36 42.39 37.98
CA TYR L 93 -14.92 41.51 36.92
C TYR L 93 -13.39 41.50 36.86
N TYR L 94 -12.81 40.30 36.87
CA TYR L 94 -11.38 40.09 36.84
C TYR L 94 -11.01 39.29 35.60
N CYS L 95 -9.92 39.71 34.95
CA CYS L 95 -9.23 38.86 34.00
C CYS L 95 -8.01 38.27 34.67
N ALA L 96 -7.66 37.05 34.27
CA ALA L 96 -6.58 36.32 34.92
C ALA L 96 -5.89 35.42 33.92
N ARG L 97 -4.64 35.08 34.24
CA ARG L 97 -3.88 34.09 33.50
C ARG L 97 -4.01 32.75 34.22
N GLY L 98 -4.48 31.74 33.52
CA GLY L 98 -4.59 30.40 34.07
C GLY L 98 -3.54 29.51 33.44
N TYR L 99 -3.02 28.58 34.24
CA TYR L 99 -2.07 27.59 33.76
C TYR L 99 -2.52 26.23 34.24
N SER L 100 -2.56 25.28 33.32
CA SER L 100 -2.95 23.91 33.62
C SER L 100 -1.78 23.00 33.33
N TYR L 101 -1.49 22.10 34.27
CA TYR L 101 -0.46 21.09 34.11
C TYR L 101 -1.15 19.73 34.10
N GLY L 102 -1.12 19.06 32.95
CA GLY L 102 -1.71 17.74 32.85
C GLY L 102 -0.77 16.70 32.28
N PHE L 103 0.53 16.91 32.44
CA PHE L 103 1.54 16.00 31.91
C PHE L 103 1.91 14.89 32.89
N ALA L 104 1.60 15.04 34.17
CA ALA L 104 1.92 14.04 35.17
C ALA L 104 1.03 14.24 36.38
N TRP L 105 0.77 13.15 37.10
CA TRP L 105 -0.04 13.21 38.31
C TRP L 105 0.82 13.62 39.50
N PRO L 106 0.30 14.48 40.38
CA PRO L 106 -1.02 15.11 40.33
C PRO L 106 -1.09 16.26 39.34
N ASN L 107 -2.11 16.27 38.48
CA ASN L 107 -2.38 17.41 37.64
C ASN L 107 -2.78 18.61 38.50
N TYR L 108 -2.52 19.81 37.99
CA TYR L 108 -2.89 21.00 38.72
C TYR L 108 -3.24 22.12 37.76
N HIS L 109 -3.98 23.09 38.28
CA HIS L 109 -4.35 24.30 37.56
C HIS L 109 -4.41 25.44 38.57
N TYR L 110 -4.04 26.63 38.12
CA TYR L 110 -4.10 27.80 38.98
C TYR L 110 -4.23 29.06 38.13
N LEU L 111 -4.68 30.13 38.77
CA LEU L 111 -4.71 31.47 38.18
C LEU L 111 -3.69 32.31 38.96
N ASP L 112 -2.55 32.59 38.34
CA ASP L 112 -1.45 33.20 39.08
C ASP L 112 -1.32 34.70 38.90
N VAL L 113 -1.73 35.25 37.76
CA VAL L 113 -1.63 36.69 37.51
C VAL L 113 -3.03 37.23 37.28
N TRP L 114 -3.42 38.22 38.08
CA TRP L 114 -4.76 38.77 38.03
C TRP L 114 -4.73 40.25 37.65
N GLY L 115 -5.72 40.68 36.89
CA GLY L 115 -5.91 42.09 36.64
C GLY L 115 -6.50 42.80 37.85
N LYS L 116 -6.54 44.14 37.75
CA LYS L 116 -7.02 44.94 38.88
C LYS L 116 -8.48 44.66 39.19
N GLY L 117 -9.30 44.53 38.16
CA GLY L 117 -10.73 44.32 38.35
C GLY L 117 -11.49 45.58 38.00
N THR L 118 -12.68 45.38 37.45
CA THR L 118 -13.55 46.48 37.02
C THR L 118 -14.92 46.30 37.68
N THR L 119 -15.38 47.34 38.37
CA THR L 119 -16.71 47.32 38.94
C THR L 119 -17.73 47.58 37.84
N VAL L 120 -18.74 46.72 37.74
CA VAL L 120 -19.79 46.84 36.74
C VAL L 120 -21.13 46.85 37.46
N THR L 121 -21.83 47.97 37.38
CA THR L 121 -23.16 48.12 37.97
C THR L 121 -24.15 48.42 36.86
N VAL L 122 -25.29 47.74 36.89
CA VAL L 122 -26.36 47.94 35.92
C VAL L 122 -27.62 48.34 36.68
N SER L 123 -28.25 49.42 36.24
CA SER L 123 -29.44 49.95 36.89
C SER L 123 -30.11 50.93 35.94
N SER L 124 -31.27 51.44 36.34
CA SER L 124 -32.02 52.39 35.53
C SER L 124 -31.68 53.85 35.84
N ALA L 125 -30.86 54.10 36.85
CA ALA L 125 -30.51 55.47 37.22
C ALA L 125 -29.15 55.87 36.64
#